data_4FPB
#
_entry.id   4FPB
#
_cell.length_a   82.723
_cell.length_b   121.211
_cell.length_c   120.790
_cell.angle_alpha   90.000
_cell.angle_beta   93.120
_cell.angle_gamma   90.000
#
_symmetry.space_group_name_H-M   'P 1 21 1'
#
loop_
_entity.id
_entity.type
_entity.pdbx_description
1 polymer Hexokinase-1
2 non-polymer beta-D-glucopyranose
3 non-polymer 1,5-anhydro-6-O-phosphono-D-glucitol
4 non-polymer 'SODIUM ION'
5 non-polymer 'CITRIC ACID'
6 water water
#
_entity_poly.entity_id   1
_entity_poly.type   'polypeptide(L)'
_entity_poly.pdbx_seq_one_letter_code
;MIAAQLLAYYFTELKDDQVKKIDKYLYAMRLSDETLIDIMTRFRKEMKNGLSRDFNPTATVKMLPTFVRSIPDGSEKGDF
IALDLGGSSFRILRVQVNHEKNQNVHMESEVYDTPENIVHGSGSQLFDHVAECLGDFMEKRKIKDKKLPVGFTFSFPCQQ
SKIDEAILITWTKRFKASGVEGADVVKLLNKAIKKRGDYDANIVAVVNDTVGTMMTCGYDDQHCEVGLIIGTGTNACYME
ELRHIDLVEGDEGRMCINTEWGAFGDDGSLEDIRTEFDREIDRGSLNPGKQLFEKMVSGMYLGELVRLILVKMAKEGLLF
EGRITPELLTRGKFNTSDVSAIEKNKEGLHNAKEILTRLGVEPSDDDCVSVQHVCTIVSFRSANLVAATLGAILNRLRDN
KGTPRLRTTVGVDGSLYKTHPQYSRRFHKTLRRLVPDSDVRFLLSESGSGKGAAMVTAVAYRLAEQHRQIEETLAHFHLT
KDMLLEVKKRMRAEMELGLRKQTHNNAVVKMLPSFVRRTPDGTENGDFLALDLGGTNFRVLLVKIRSGKKRTVEMHNKIY
AIPIEIMQGTGEELFDHIVSCISDFLDYMGIKGPRMPLGFTFSFPCQQTSLDAGILITWTKGFKATDCVGHDVVTLLRDA
IKRREEFDLDVVAVVNDTVGTMMTCAYEEPTCEVGLIVGTGSNACYMEEMKNVEMVEGDQGQMCINMEWGAFGDNGCLDD
IRTHYDRLVDEYSLNAGKQRYEKMISGMYLGEIVRNILIDFTKKGFLFRGQISETLKTRGIFETKFLSQIESDRLALLQV
RAILQQLGLNSTCDDSILVKTVCGVVSRRAAQLCGAGMAAVVDKIRENRGLDRLNVTVGVDGTLYKLHPHFSRIMHQTVK
ELSPKCNVSFLLSEDGSGKGAALITAVGVRLRTEASS
;
_entity_poly.pdbx_strand_id   A,B
#
# COMPACT_ATOMS: atom_id res chain seq x y z
N ASP A 16 41.43 -38.33 -37.61
CA ASP A 16 40.90 -36.95 -37.36
C ASP A 16 39.37 -36.93 -37.39
N ASP A 17 38.77 -37.84 -38.14
CA ASP A 17 37.32 -37.92 -38.24
C ASP A 17 36.73 -38.34 -36.89
N GLN A 18 37.56 -38.94 -36.06
CA GLN A 18 37.18 -39.42 -34.74
C GLN A 18 36.60 -38.29 -33.88
N VAL A 19 37.04 -37.06 -34.13
CA VAL A 19 36.58 -35.90 -33.35
C VAL A 19 35.74 -34.92 -34.18
N LYS A 20 35.99 -34.87 -35.48
CA LYS A 20 35.22 -34.02 -36.36
C LYS A 20 33.77 -34.48 -36.41
N LYS A 21 33.53 -35.69 -35.93
CA LYS A 21 32.20 -36.28 -35.89
C LYS A 21 31.39 -35.78 -34.69
N ILE A 22 31.94 -36.02 -33.49
CA ILE A 22 31.31 -35.56 -32.26
C ILE A 22 31.04 -34.06 -32.36
N ASP A 23 31.94 -33.36 -33.00
CA ASP A 23 31.86 -31.91 -33.16
C ASP A 23 30.56 -31.52 -33.90
N LYS A 24 29.93 -32.49 -34.55
CA LYS A 24 28.70 -32.25 -35.27
C LYS A 24 27.51 -32.88 -34.54
N TYR A 25 27.79 -33.96 -33.82
CA TYR A 25 26.77 -34.63 -33.01
C TYR A 25 26.25 -33.69 -31.93
N LEU A 26 27.16 -33.21 -31.09
CA LEU A 26 26.83 -32.22 -30.07
C LEU A 26 26.88 -30.83 -30.70
N TYR A 27 26.39 -30.74 -31.93
CA TYR A 27 26.31 -29.50 -32.66
C TYR A 27 25.39 -28.48 -31.98
N ALA A 28 24.36 -29.00 -31.31
CA ALA A 28 23.43 -28.15 -30.59
C ALA A 28 24.14 -27.42 -29.45
N MET A 29 25.15 -28.06 -28.89
CA MET A 29 25.87 -27.52 -27.74
C MET A 29 27.10 -26.69 -28.12
N ARG A 30 27.14 -26.22 -29.36
CA ARG A 30 28.22 -25.34 -29.80
C ARG A 30 27.65 -24.02 -30.29
N LEU A 31 27.53 -23.08 -29.36
CA LEU A 31 26.91 -21.79 -29.64
C LEU A 31 27.86 -20.87 -30.40
N SER A 32 27.32 -20.13 -31.35
CA SER A 32 28.13 -19.23 -32.18
C SER A 32 28.20 -17.83 -31.56
N ASP A 33 29.11 -17.01 -32.08
CA ASP A 33 29.17 -15.60 -31.67
C ASP A 33 27.84 -14.92 -31.98
N GLU A 34 27.25 -15.31 -33.12
CA GLU A 34 25.96 -14.79 -33.51
C GLU A 34 24.92 -15.08 -32.43
N THR A 35 25.02 -16.28 -31.84
CA THR A 35 24.10 -16.73 -30.79
C THR A 35 24.30 -15.96 -29.48
N LEU A 36 25.52 -16.05 -28.94
CA LEU A 36 25.86 -15.38 -27.70
C LEU A 36 25.42 -13.93 -27.67
N ILE A 37 25.37 -13.29 -28.85
CA ILE A 37 24.87 -11.92 -28.96
C ILE A 37 23.38 -11.84 -28.63
N ASP A 38 22.63 -12.83 -29.13
CA ASP A 38 21.21 -12.89 -28.86
C ASP A 38 20.99 -13.06 -27.36
N ILE A 39 21.55 -14.12 -26.81
CA ILE A 39 21.49 -14.38 -25.38
C ILE A 39 21.75 -13.10 -24.60
N MET A 40 22.92 -12.50 -24.85
CA MET A 40 23.29 -11.26 -24.17
C MET A 40 22.16 -10.24 -24.22
N THR A 41 21.77 -9.84 -25.43
CA THR A 41 20.70 -8.88 -25.61
C THR A 41 19.51 -9.20 -24.72
N ARG A 42 19.20 -10.49 -24.61
CA ARG A 42 18.03 -10.94 -23.85
C ARG A 42 18.23 -10.79 -22.34
N PHE A 43 19.43 -11.10 -21.86
CA PHE A 43 19.75 -10.93 -20.44
C PHE A 43 19.78 -9.45 -20.08
N ARG A 44 20.15 -8.61 -21.04
CA ARG A 44 20.13 -7.17 -20.84
C ARG A 44 18.70 -6.72 -20.55
N LYS A 45 17.76 -7.39 -21.22
CA LYS A 45 16.36 -7.10 -21.01
C LYS A 45 15.91 -7.63 -19.65
N GLU A 46 16.32 -8.86 -19.34
CA GLU A 46 15.94 -9.52 -18.09
C GLU A 46 16.33 -8.69 -16.88
N MET A 47 17.46 -8.01 -16.96
CA MET A 47 17.93 -7.15 -15.87
C MET A 47 16.99 -5.97 -15.68
N LYS A 48 16.61 -5.35 -16.79
CA LYS A 48 15.68 -4.23 -16.75
C LYS A 48 14.36 -4.65 -16.14
N ASN A 49 13.97 -5.89 -16.41
CA ASN A 49 12.73 -6.43 -15.85
C ASN A 49 12.81 -6.65 -14.35
N GLY A 50 13.97 -7.11 -13.89
CA GLY A 50 14.17 -7.38 -12.48
C GLY A 50 14.31 -6.11 -11.67
N LEU A 51 14.44 -4.98 -12.36
CA LEU A 51 14.64 -3.71 -11.67
C LEU A 51 13.37 -2.87 -11.62
N SER A 52 12.64 -2.81 -12.73
CA SER A 52 11.43 -2.00 -12.78
C SER A 52 10.35 -2.59 -11.88
N ARG A 53 9.87 -1.78 -10.94
CA ARG A 53 8.89 -2.23 -9.96
C ARG A 53 7.70 -2.92 -10.59
N ASP A 54 7.39 -2.54 -11.83
CA ASP A 54 6.22 -3.09 -12.51
C ASP A 54 6.36 -4.55 -12.91
N PHE A 55 7.37 -4.84 -13.74
CA PHE A 55 7.55 -6.19 -14.26
C PHE A 55 8.46 -7.04 -13.40
N ASN A 56 8.93 -6.48 -12.29
CA ASN A 56 9.84 -7.20 -11.44
C ASN A 56 9.30 -8.56 -11.02
N PRO A 57 8.03 -8.60 -10.57
CA PRO A 57 7.46 -9.85 -10.08
C PRO A 57 7.39 -10.95 -11.15
N THR A 58 7.35 -10.54 -12.41
CA THR A 58 7.26 -11.48 -13.54
C THR A 58 8.62 -11.97 -14.01
N ALA A 59 9.68 -11.27 -13.59
CA ALA A 59 11.03 -11.58 -14.04
C ALA A 59 11.63 -12.78 -13.33
N THR A 60 12.37 -13.60 -14.08
CA THR A 60 13.11 -14.74 -13.53
C THR A 60 14.43 -14.27 -12.94
N VAL A 61 15.00 -13.24 -13.57
CA VAL A 61 16.19 -12.59 -13.04
C VAL A 61 15.76 -11.55 -12.01
N LYS A 62 15.76 -11.95 -10.75
CA LYS A 62 15.19 -11.12 -9.70
C LYS A 62 15.87 -9.77 -9.53
N MET A 63 17.20 -9.75 -9.56
CA MET A 63 17.93 -8.50 -9.40
C MET A 63 17.68 -7.93 -8.02
N LEU A 64 17.89 -8.75 -6.99
CA LEU A 64 17.64 -8.36 -5.61
C LEU A 64 18.62 -7.29 -5.15
N PRO A 65 18.11 -6.30 -4.39
CA PRO A 65 18.99 -5.30 -3.78
C PRO A 65 19.82 -5.97 -2.68
N THR A 66 20.96 -5.38 -2.36
CA THR A 66 21.90 -6.02 -1.45
C THR A 66 22.22 -5.18 -0.22
N PHE A 67 21.85 -3.90 -0.27
CA PHE A 67 22.12 -3.00 0.84
C PHE A 67 23.61 -2.93 1.12
N VAL A 68 24.38 -2.66 0.07
CA VAL A 68 25.82 -2.44 0.12
C VAL A 68 26.12 -1.34 -0.88
N ARG A 69 26.56 -0.20 -0.39
CA ARG A 69 26.65 1.01 -1.21
C ARG A 69 27.95 1.18 -1.99
N SER A 70 28.98 0.42 -1.63
CA SER A 70 30.24 0.46 -2.36
C SER A 70 31.34 -0.42 -1.77
N ILE A 71 32.30 -0.79 -2.61
CA ILE A 71 33.44 -1.61 -2.21
C ILE A 71 34.21 -0.93 -1.07
N PRO A 72 34.87 -1.72 -0.21
CA PRO A 72 35.60 -1.15 0.92
C PRO A 72 36.55 -0.04 0.47
N ASP A 73 36.75 0.95 1.34
CA ASP A 73 37.63 2.07 0.99
C ASP A 73 38.91 2.03 1.80
N GLY A 74 38.89 1.33 2.93
CA GLY A 74 40.06 1.23 3.79
C GLY A 74 39.75 1.54 5.25
N SER A 75 38.78 2.42 5.47
CA SER A 75 38.36 2.80 6.81
C SER A 75 37.88 1.58 7.60
N GLU A 76 37.55 0.51 6.91
CA GLU A 76 37.08 -0.71 7.55
C GLU A 76 37.97 -1.08 8.72
N LYS A 77 37.37 -1.24 9.91
CA LYS A 77 38.16 -1.59 11.08
C LYS A 77 37.34 -2.30 12.15
N GLY A 78 37.94 -3.33 12.75
CA GLY A 78 37.29 -4.10 13.80
C GLY A 78 37.72 -5.55 13.80
N ASP A 79 36.98 -6.38 14.51
CA ASP A 79 37.22 -7.82 14.51
C ASP A 79 35.89 -8.55 14.35
N PHE A 80 35.70 -9.21 13.21
CA PHE A 80 34.42 -9.86 12.90
C PHE A 80 34.56 -11.34 12.60
N ILE A 81 33.46 -12.07 12.76
CA ILE A 81 33.39 -13.48 12.37
C ILE A 81 32.56 -13.60 11.11
N ALA A 82 33.01 -14.44 10.17
CA ALA A 82 32.30 -14.58 8.90
C ALA A 82 31.85 -16.01 8.62
N LEU A 83 30.56 -16.16 8.32
CA LEU A 83 29.99 -17.45 7.97
C LEU A 83 29.87 -17.55 6.45
N ASP A 84 30.18 -18.74 5.92
CA ASP A 84 30.11 -18.95 4.49
C ASP A 84 29.46 -20.29 4.20
N LEU A 85 28.16 -20.26 3.94
CA LEU A 85 27.43 -21.49 3.68
C LEU A 85 26.78 -21.50 2.29
N GLY A 86 26.58 -22.70 1.75
CA GLY A 86 25.98 -22.85 0.44
C GLY A 86 27.04 -23.08 -0.61
N GLY A 87 28.29 -22.97 -0.19
CA GLY A 87 29.43 -23.18 -1.09
C GLY A 87 29.88 -24.62 -1.09
N SER A 88 30.97 -24.91 -1.79
CA SER A 88 31.51 -26.26 -1.83
C SER A 88 31.63 -26.75 -0.40
N SER A 89 31.80 -25.83 0.53
CA SER A 89 32.04 -26.18 1.91
C SER A 89 31.60 -25.09 2.88
N PHE A 90 31.13 -25.52 4.05
CA PHE A 90 30.70 -24.61 5.09
C PHE A 90 31.91 -24.12 5.90
N ARG A 91 32.26 -22.85 5.69
CA ARG A 91 33.48 -22.29 6.24
C ARG A 91 33.18 -21.28 7.34
N ILE A 92 34.07 -21.21 8.33
CA ILE A 92 33.98 -20.22 9.39
C ILE A 92 35.33 -19.54 9.57
N LEU A 93 35.34 -18.21 9.48
CA LEU A 93 36.59 -17.47 9.54
C LEU A 93 36.52 -16.26 10.46
N ARG A 94 37.69 -15.73 10.78
CA ARG A 94 37.82 -14.55 11.62
C ARG A 94 38.54 -13.48 10.83
N VAL A 95 38.06 -12.25 10.90
CA VAL A 95 38.74 -11.15 10.23
C VAL A 95 39.02 -10.00 11.19
N GLN A 96 40.23 -9.45 11.12
CA GLN A 96 40.64 -8.37 12.00
C GLN A 96 41.39 -7.33 11.19
N VAL A 97 41.00 -6.08 11.31
CA VAL A 97 41.65 -5.01 10.54
C VAL A 97 41.56 -3.67 11.25
N ASN A 98 42.68 -2.96 11.29
CA ASN A 98 42.73 -1.63 11.88
C ASN A 98 43.95 -0.86 11.43
N HIS A 99 43.76 0.02 10.45
CA HIS A 99 44.86 0.81 9.91
C HIS A 99 45.26 1.95 10.87
N GLU A 100 44.41 2.19 11.86
CA GLU A 100 44.72 3.16 12.90
C GLU A 100 45.93 2.68 13.68
N LYS A 101 45.85 1.44 14.15
CA LYS A 101 46.95 0.79 14.87
C LYS A 101 47.91 0.17 13.88
N ASN A 102 47.77 0.54 12.62
CA ASN A 102 48.59 0.00 11.56
C ASN A 102 48.62 -1.52 11.61
N GLN A 103 47.47 -2.12 11.40
CA GLN A 103 47.35 -3.58 11.36
C GLN A 103 46.72 -4.00 10.05
N ASN A 104 47.52 -4.67 9.22
CA ASN A 104 47.04 -5.17 7.94
C ASN A 104 45.96 -6.21 8.18
N VAL A 105 45.15 -6.45 7.16
CA VAL A 105 44.10 -7.45 7.27
C VAL A 105 44.67 -8.79 7.69
N HIS A 106 44.19 -9.31 8.80
CA HIS A 106 44.55 -10.64 9.25
C HIS A 106 43.28 -11.48 9.27
N MET A 107 43.39 -12.77 8.98
CA MET A 107 42.20 -13.61 8.94
C MET A 107 42.49 -15.10 9.00
N GLU A 108 42.13 -15.73 10.12
CA GLU A 108 42.26 -17.16 10.29
C GLU A 108 40.93 -17.82 9.99
N SER A 109 40.94 -18.90 9.20
CA SER A 109 39.70 -19.57 8.83
C SER A 109 39.64 -21.03 9.29
N GLU A 110 38.63 -21.74 8.81
CA GLU A 110 38.45 -23.15 9.16
C GLU A 110 37.27 -23.72 8.39
N VAL A 111 37.15 -25.05 8.36
CA VAL A 111 36.06 -25.70 7.66
C VAL A 111 35.40 -26.80 8.50
N TYR A 112 34.08 -26.87 8.43
CA TYR A 112 33.31 -27.87 9.17
C TYR A 112 32.57 -28.80 8.22
N ASP A 113 32.65 -30.10 8.48
CA ASP A 113 31.99 -31.09 7.62
C ASP A 113 30.47 -30.87 7.61
N THR A 114 29.81 -31.36 6.57
CA THR A 114 28.35 -31.22 6.47
C THR A 114 27.73 -32.35 5.65
N PRO A 115 27.25 -33.41 6.33
CA PRO A 115 26.63 -34.56 5.66
C PRO A 115 25.38 -34.20 4.85
N GLU A 116 25.21 -34.89 3.72
CA GLU A 116 24.09 -34.65 2.82
C GLU A 116 22.74 -34.77 3.51
N ASN A 117 22.68 -35.54 4.59
CA ASN A 117 21.43 -35.70 5.34
C ASN A 117 20.96 -34.38 5.93
N ILE A 118 21.89 -33.62 6.49
CA ILE A 118 21.60 -32.32 7.04
C ILE A 118 21.11 -31.38 5.94
N VAL A 119 21.96 -31.17 4.94
CA VAL A 119 21.64 -30.32 3.81
C VAL A 119 20.29 -30.65 3.19
N HIS A 120 19.83 -31.86 3.43
CA HIS A 120 18.57 -32.31 2.85
C HIS A 120 17.51 -32.53 3.92
N GLY A 121 17.89 -32.36 5.18
CA GLY A 121 16.95 -32.52 6.27
C GLY A 121 16.07 -31.30 6.46
N SER A 122 15.86 -30.92 7.72
CA SER A 122 15.00 -29.80 8.05
C SER A 122 15.79 -28.61 8.53
N GLY A 123 15.25 -27.40 8.34
CA GLY A 123 15.88 -26.20 8.84
C GLY A 123 16.44 -26.41 10.25
N SER A 124 15.60 -26.92 11.14
CA SER A 124 16.01 -27.20 12.51
C SER A 124 17.41 -27.79 12.55
N GLN A 125 17.57 -28.99 12.00
CA GLN A 125 18.85 -29.66 11.98
C GLN A 125 19.95 -28.73 11.44
N LEU A 126 19.69 -28.13 10.28
CA LEU A 126 20.68 -27.33 9.58
C LEU A 126 21.24 -26.18 10.43
N PHE A 127 20.38 -25.24 10.80
CA PHE A 127 20.83 -24.08 11.55
C PHE A 127 21.31 -24.45 12.94
N ASP A 128 20.73 -25.49 13.53
CA ASP A 128 21.22 -26.02 14.80
C ASP A 128 22.64 -26.51 14.62
N HIS A 129 22.94 -26.88 13.39
CA HIS A 129 24.26 -27.34 13.02
C HIS A 129 25.18 -26.15 12.82
N VAL A 130 24.75 -25.18 12.03
CA VAL A 130 25.51 -23.96 11.81
C VAL A 130 25.87 -23.30 13.13
N ALA A 131 24.94 -23.37 14.08
CA ALA A 131 25.14 -22.80 15.40
C ALA A 131 26.16 -23.62 16.17
N GLU A 132 26.03 -24.95 16.12
CA GLU A 132 26.95 -25.83 16.82
C GLU A 132 28.39 -25.69 16.31
N CYS A 133 28.52 -25.31 15.04
CA CYS A 133 29.83 -25.09 14.43
C CYS A 133 30.45 -23.77 14.90
N LEU A 134 29.77 -22.66 14.63
CA LEU A 134 30.21 -21.37 15.12
C LEU A 134 30.47 -21.46 16.62
N GLY A 135 29.68 -22.28 17.29
CA GLY A 135 29.87 -22.51 18.71
C GLY A 135 31.27 -23.05 18.97
N ASP A 136 31.62 -24.12 18.28
CA ASP A 136 32.93 -24.71 18.41
C ASP A 136 34.02 -23.74 17.97
N PHE A 137 33.80 -23.07 16.84
CA PHE A 137 34.77 -22.12 16.29
C PHE A 137 35.17 -21.05 17.30
N MET A 138 34.20 -20.60 18.10
CA MET A 138 34.44 -19.56 19.10
C MET A 138 34.98 -20.16 20.39
N GLU A 139 34.77 -21.47 20.54
CA GLU A 139 35.25 -22.19 21.71
C GLU A 139 36.65 -22.74 21.47
N LYS A 140 37.26 -22.34 20.36
CA LYS A 140 38.62 -22.74 20.04
C LYS A 140 39.55 -21.54 20.12
N ARG A 141 39.01 -20.37 19.81
CA ARG A 141 39.74 -19.11 19.95
C ARG A 141 39.35 -18.45 21.26
N LYS A 142 38.47 -19.10 22.02
CA LYS A 142 37.94 -18.53 23.24
C LYS A 142 37.57 -17.07 23.03
N ILE A 143 36.81 -16.81 21.98
CA ILE A 143 36.38 -15.46 21.66
C ILE A 143 34.90 -15.32 21.94
N LYS A 144 34.34 -16.36 22.55
CA LYS A 144 32.94 -16.37 22.88
C LYS A 144 32.54 -15.10 23.64
N ASP A 145 33.33 -14.76 24.65
CA ASP A 145 33.04 -13.64 25.53
C ASP A 145 33.00 -12.31 24.80
N LYS A 146 34.02 -12.04 23.99
CA LYS A 146 34.04 -10.80 23.23
C LYS A 146 32.76 -10.75 22.43
N LYS A 147 31.99 -9.68 22.56
CA LYS A 147 30.87 -9.48 21.68
C LYS A 147 31.44 -9.30 20.27
N LEU A 148 31.16 -10.26 19.40
CA LEU A 148 31.70 -10.18 18.04
C LEU A 148 30.61 -9.98 17.01
N PRO A 149 30.79 -8.97 16.15
CA PRO A 149 29.90 -8.80 15.01
C PRO A 149 30.04 -9.99 14.06
N VAL A 150 28.93 -10.64 13.74
CA VAL A 150 28.94 -11.78 12.82
C VAL A 150 28.26 -11.43 11.50
N GLY A 151 28.90 -11.81 10.39
CA GLY A 151 28.32 -11.62 9.06
C GLY A 151 28.07 -12.97 8.42
N PHE A 152 27.18 -13.02 7.43
CA PHE A 152 26.77 -14.31 6.90
C PHE A 152 26.74 -14.39 5.38
N THR A 153 27.49 -15.34 4.82
CA THR A 153 27.43 -15.59 3.39
C THR A 153 26.53 -16.77 3.09
N PHE A 154 25.54 -16.52 2.24
CA PHE A 154 24.43 -17.43 1.96
C PHE A 154 23.87 -16.82 0.69
N SER A 155 24.41 -17.07 -0.51
CA SER A 155 24.91 -18.34 -1.04
C SER A 155 23.69 -18.76 -1.86
N PHE A 156 22.58 -18.10 -1.50
CA PHE A 156 21.26 -18.37 -2.06
C PHE A 156 20.55 -17.05 -2.32
N PRO A 157 19.45 -17.09 -3.08
CA PRO A 157 18.74 -15.86 -3.38
C PRO A 157 17.89 -15.51 -2.16
N CYS A 158 17.93 -14.26 -1.74
CA CYS A 158 17.20 -13.87 -0.55
C CYS A 158 16.58 -12.51 -0.66
N GLN A 159 15.48 -12.32 0.07
CA GLN A 159 14.77 -11.05 0.08
C GLN A 159 15.20 -10.24 1.28
N GLN A 160 15.61 -9.00 1.05
CA GLN A 160 16.06 -8.15 2.15
C GLN A 160 15.49 -6.74 2.09
N SER A 161 14.93 -6.31 3.20
CA SER A 161 14.60 -4.91 3.41
C SER A 161 15.68 -4.30 4.28
N LYS A 162 16.18 -5.10 5.23
CA LYS A 162 17.17 -4.66 6.20
C LYS A 162 18.61 -4.84 5.75
N ILE A 163 18.93 -5.98 5.16
CA ILE A 163 20.34 -6.40 4.98
C ILE A 163 20.74 -7.05 6.28
N ASP A 164 19.92 -6.80 7.28
CA ASP A 164 20.11 -7.32 8.61
C ASP A 164 19.31 -8.61 8.64
N GLU A 165 18.70 -8.91 7.50
CA GLU A 165 17.73 -9.96 7.40
C GLU A 165 17.79 -10.61 6.03
N ALA A 166 17.41 -11.88 5.97
CA ALA A 166 17.44 -12.61 4.72
C ALA A 166 16.26 -13.55 4.61
N ILE A 167 15.42 -13.32 3.60
CA ILE A 167 14.29 -14.19 3.35
C ILE A 167 14.61 -15.16 2.21
N LEU A 168 14.87 -16.42 2.56
CA LEU A 168 15.15 -17.45 1.57
C LEU A 168 14.06 -17.52 0.53
N ILE A 169 14.31 -16.99 -0.66
CA ILE A 169 13.33 -17.08 -1.72
C ILE A 169 13.17 -18.55 -2.12
N THR A 170 14.29 -19.19 -2.44
CA THR A 170 14.27 -20.60 -2.79
C THR A 170 15.63 -21.26 -2.60
N TRP A 171 15.61 -22.56 -2.29
CA TRP A 171 16.84 -23.33 -2.22
C TRP A 171 17.45 -23.44 -3.59
N THR A 172 18.76 -23.65 -3.63
CA THR A 172 19.43 -23.90 -4.90
C THR A 172 20.53 -24.92 -4.71
N LYS A 173 21.05 -25.40 -5.84
CA LYS A 173 22.19 -26.29 -5.80
C LYS A 173 21.89 -27.54 -4.96
N ARG A 174 22.87 -27.92 -4.14
CA ARG A 174 22.73 -29.12 -3.36
C ARG A 174 21.58 -29.04 -2.34
N PHE A 175 21.36 -27.85 -1.80
CA PHE A 175 20.44 -27.70 -0.69
C PHE A 175 18.97 -27.82 -1.02
N LYS A 176 18.27 -28.53 -0.15
CA LYS A 176 16.82 -28.44 -0.06
C LYS A 176 16.48 -28.73 1.39
N ALA A 177 16.08 -27.69 2.12
CA ALA A 177 15.76 -27.86 3.53
C ALA A 177 14.31 -27.50 3.86
N SER A 178 13.68 -28.35 4.66
CA SER A 178 12.30 -28.15 5.07
C SER A 178 12.19 -26.98 6.03
N GLY A 179 11.19 -26.13 5.82
CA GLY A 179 10.86 -25.08 6.76
C GLY A 179 11.66 -23.80 6.58
N VAL A 180 12.63 -23.83 5.68
CA VAL A 180 13.48 -22.67 5.49
C VAL A 180 12.88 -21.61 4.54
N GLU A 181 12.37 -22.07 3.40
CA GLU A 181 11.96 -21.15 2.36
C GLU A 181 10.94 -20.10 2.82
N GLY A 182 11.01 -18.92 2.21
CA GLY A 182 10.12 -17.81 2.57
C GLY A 182 10.16 -17.49 4.06
N ALA A 183 11.34 -17.69 4.67
CA ALA A 183 11.53 -17.42 6.09
C ALA A 183 12.80 -16.60 6.25
N ASP A 184 13.12 -16.20 7.48
CA ASP A 184 14.26 -15.34 7.73
C ASP A 184 15.44 -16.14 8.29
N VAL A 185 16.34 -16.58 7.40
CA VAL A 185 17.51 -17.35 7.79
C VAL A 185 18.17 -16.75 9.02
N VAL A 186 18.25 -15.42 9.07
CA VAL A 186 18.77 -14.73 10.23
C VAL A 186 18.02 -15.18 11.49
N LYS A 187 16.73 -14.82 11.56
CA LYS A 187 15.92 -15.21 12.71
C LYS A 187 16.10 -16.69 12.98
N LEU A 188 16.21 -17.47 11.92
CA LEU A 188 16.33 -18.92 12.04
C LEU A 188 17.59 -19.33 12.79
N LEU A 189 18.74 -18.84 12.33
CA LEU A 189 19.99 -19.12 13.02
C LEU A 189 19.90 -18.64 14.46
N ASN A 190 19.59 -17.35 14.63
CA ASN A 190 19.43 -16.77 15.96
C ASN A 190 18.78 -17.76 16.92
N LYS A 191 17.71 -18.39 16.46
CA LYS A 191 16.99 -19.37 17.26
C LYS A 191 17.88 -20.58 17.56
N ALA A 192 18.42 -21.17 16.48
CA ALA A 192 19.27 -22.34 16.61
C ALA A 192 20.33 -22.14 17.68
N ILE A 193 20.89 -20.93 17.71
CA ILE A 193 21.87 -20.55 18.70
C ILE A 193 21.21 -20.43 20.07
N LYS A 194 20.14 -19.66 20.10
CA LYS A 194 19.37 -19.44 21.33
C LYS A 194 19.14 -20.73 22.10
N LYS A 195 18.53 -21.71 21.44
CA LYS A 195 18.23 -22.98 22.08
C LYS A 195 19.46 -23.56 22.78
N ARG A 196 20.62 -23.40 22.16
CA ARG A 196 21.87 -23.93 22.72
C ARG A 196 22.25 -23.20 24.00
N GLY A 197 22.01 -21.90 24.03
CA GLY A 197 22.37 -21.09 25.19
C GLY A 197 23.86 -21.10 25.43
N ASP A 198 24.58 -21.74 24.53
CA ASP A 198 26.03 -21.89 24.62
C ASP A 198 26.77 -20.55 24.52
N TYR A 199 26.24 -19.65 23.71
CA TYR A 199 26.85 -18.34 23.55
C TYR A 199 25.85 -17.29 23.11
N ASP A 200 26.34 -16.08 22.92
CA ASP A 200 25.60 -15.03 22.25
C ASP A 200 26.32 -14.73 20.95
N ALA A 201 25.58 -14.78 19.85
CA ALA A 201 26.11 -14.33 18.58
C ALA A 201 25.13 -13.32 18.02
N ASN A 202 25.61 -12.12 17.73
CA ASN A 202 24.77 -11.10 17.13
C ASN A 202 25.08 -10.97 15.65
N ILE A 203 24.09 -11.24 14.82
CA ILE A 203 24.35 -11.34 13.38
C ILE A 203 24.04 -10.04 12.65
N VAL A 204 25.06 -9.24 12.44
CA VAL A 204 24.89 -7.90 11.94
C VAL A 204 24.40 -7.82 10.49
N ALA A 205 24.81 -8.77 9.65
CA ALA A 205 24.43 -8.72 8.23
C ALA A 205 24.67 -10.00 7.46
N VAL A 206 23.85 -10.19 6.43
CA VAL A 206 23.98 -11.33 5.53
C VAL A 206 24.19 -10.83 4.11
N VAL A 207 25.06 -11.52 3.38
CA VAL A 207 25.33 -11.19 1.98
C VAL A 207 25.44 -12.42 1.10
N ASN A 208 25.27 -12.20 -0.19
CA ASN A 208 25.40 -13.24 -1.19
C ASN A 208 26.88 -13.42 -1.56
N ASP A 209 27.33 -14.67 -1.68
CA ASP A 209 28.74 -14.93 -1.95
C ASP A 209 29.24 -14.15 -3.16
N THR A 210 28.33 -13.73 -4.04
CA THR A 210 28.69 -12.91 -5.19
C THR A 210 29.06 -11.51 -4.71
N VAL A 211 28.31 -11.03 -3.73
CA VAL A 211 28.60 -9.74 -3.11
C VAL A 211 29.87 -9.87 -2.28
N GLY A 212 29.93 -10.91 -1.45
CA GLY A 212 31.09 -11.16 -0.60
C GLY A 212 32.37 -11.23 -1.39
N THR A 213 32.27 -11.81 -2.58
CA THR A 213 33.41 -11.89 -3.48
C THR A 213 33.80 -10.49 -4.00
N MET A 214 32.92 -9.87 -4.79
CA MET A 214 33.18 -8.54 -5.31
C MET A 214 33.82 -7.62 -4.27
N MET A 215 33.35 -7.74 -3.02
CA MET A 215 33.89 -6.93 -1.94
C MET A 215 35.33 -7.32 -1.65
N THR A 216 35.57 -8.62 -1.53
CA THR A 216 36.93 -9.13 -1.29
C THR A 216 37.91 -8.60 -2.32
N CYS A 217 37.47 -8.48 -3.57
CA CYS A 217 38.32 -7.99 -4.63
C CYS A 217 38.39 -6.47 -4.66
N GLY A 218 37.24 -5.82 -4.64
CA GLY A 218 37.21 -4.36 -4.62
C GLY A 218 38.14 -3.80 -3.55
N TYR A 219 38.40 -4.59 -2.52
CA TYR A 219 39.25 -4.18 -1.43
C TYR A 219 40.68 -3.97 -1.90
N ASP A 220 41.20 -4.94 -2.64
CA ASP A 220 42.51 -4.81 -3.24
C ASP A 220 42.45 -3.94 -4.48
N ASP A 221 41.34 -4.01 -5.20
CA ASP A 221 41.19 -3.25 -6.43
C ASP A 221 39.91 -2.41 -6.48
N GLN A 222 40.06 -1.17 -6.94
CA GLN A 222 38.93 -0.28 -7.17
C GLN A 222 38.72 -0.29 -8.67
N HIS A 223 37.52 0.08 -9.11
CA HIS A 223 37.05 -0.24 -10.45
C HIS A 223 36.47 -1.63 -10.39
N CYS A 224 36.73 -2.34 -9.28
CA CYS A 224 36.06 -3.62 -9.09
C CYS A 224 34.59 -3.38 -8.81
N GLU A 225 33.77 -3.56 -9.83
CA GLU A 225 32.37 -3.23 -9.71
C GLU A 225 31.47 -4.46 -9.89
N VAL A 226 32.07 -5.61 -10.17
CA VAL A 226 31.31 -6.81 -10.41
C VAL A 226 31.76 -8.00 -9.55
N GLY A 227 30.82 -8.86 -9.21
CA GLY A 227 31.10 -10.06 -8.45
C GLY A 227 30.64 -11.28 -9.23
N LEU A 228 31.52 -12.27 -9.35
CA LEU A 228 31.22 -13.44 -10.15
C LEU A 228 31.54 -14.76 -9.45
N ILE A 229 30.63 -15.73 -9.58
CA ILE A 229 30.88 -17.04 -9.03
C ILE A 229 30.61 -18.15 -10.05
N ILE A 230 31.57 -19.05 -10.14
CA ILE A 230 31.48 -20.19 -11.03
C ILE A 230 32.02 -21.39 -10.27
N GLY A 231 31.19 -21.93 -9.39
CA GLY A 231 31.50 -23.13 -8.61
C GLY A 231 30.34 -24.10 -8.69
N THR A 232 29.93 -24.64 -7.54
CA THR A 232 28.78 -25.55 -7.53
C THR A 232 27.67 -24.96 -8.38
N GLY A 233 27.36 -23.68 -8.14
CA GLY A 233 26.41 -22.97 -8.97
C GLY A 233 27.08 -21.73 -9.53
N THR A 234 26.37 -21.00 -10.37
CA THR A 234 26.92 -19.75 -10.90
C THR A 234 26.02 -18.58 -10.58
N ASN A 235 26.62 -17.39 -10.55
CA ASN A 235 25.88 -16.16 -10.27
C ASN A 235 26.78 -14.93 -10.24
N ALA A 236 26.17 -13.78 -10.50
CA ALA A 236 26.90 -12.51 -10.55
C ALA A 236 26.16 -11.39 -9.83
N CYS A 237 26.94 -10.44 -9.31
CA CYS A 237 26.40 -9.21 -8.71
C CYS A 237 27.22 -8.03 -9.21
N TYR A 238 26.62 -6.84 -9.23
CA TYR A 238 27.34 -5.68 -9.72
C TYR A 238 26.93 -4.39 -9.03
N MET A 239 27.41 -3.26 -9.54
CA MET A 239 27.08 -1.97 -8.96
C MET A 239 26.13 -1.22 -9.85
N GLU A 240 24.87 -1.16 -9.44
CA GLU A 240 23.83 -0.50 -10.22
C GLU A 240 23.51 0.89 -9.67
N GLU A 241 23.11 1.79 -10.57
CA GLU A 241 22.72 3.14 -10.19
C GLU A 241 21.38 3.15 -9.45
N LEU A 242 21.36 3.77 -8.28
CA LEU A 242 20.16 3.79 -7.44
C LEU A 242 18.96 4.35 -8.20
N ARG A 243 19.18 5.39 -8.99
CA ARG A 243 18.10 5.99 -9.79
C ARG A 243 17.60 5.00 -10.84
N HIS A 244 18.13 3.78 -10.80
CA HIS A 244 17.71 2.73 -11.72
C HIS A 244 16.99 1.60 -10.97
N ILE A 245 17.27 1.48 -9.68
CA ILE A 245 16.64 0.47 -8.85
C ILE A 245 15.28 0.94 -8.33
N ASP A 246 14.24 0.64 -9.10
CA ASP A 246 12.88 1.06 -8.75
C ASP A 246 12.49 0.60 -7.36
N LEU A 247 13.03 -0.53 -6.91
CA LEU A 247 12.61 -1.13 -5.65
C LEU A 247 13.30 -0.59 -4.41
N VAL A 248 13.96 0.55 -4.53
CA VAL A 248 14.57 1.19 -3.37
C VAL A 248 14.39 2.71 -3.39
N GLU A 249 13.62 3.19 -2.43
CA GLU A 249 13.39 4.63 -2.28
C GLU A 249 14.71 5.36 -2.25
N GLY A 250 15.03 6.04 -3.35
CA GLY A 250 16.26 6.80 -3.46
C GLY A 250 16.61 7.19 -4.88
N ASP A 251 17.84 7.67 -5.05
CA ASP A 251 18.35 8.09 -6.35
C ASP A 251 19.81 8.47 -6.17
N GLU A 252 20.17 8.72 -4.91
CA GLU A 252 21.52 9.12 -4.56
C GLU A 252 22.47 7.93 -4.61
N GLY A 253 23.49 8.03 -5.46
CA GLY A 253 24.56 7.04 -5.48
C GLY A 253 24.21 5.72 -6.13
N ARG A 254 24.78 4.64 -5.61
CA ARG A 254 24.66 3.33 -6.24
C ARG A 254 24.63 2.22 -5.19
N MET A 255 24.16 1.05 -5.59
CA MET A 255 24.10 -0.11 -4.70
C MET A 255 24.39 -1.42 -5.43
N CYS A 256 24.99 -2.37 -4.71
CA CYS A 256 25.32 -3.66 -5.29
C CYS A 256 24.08 -4.49 -5.47
N ILE A 257 23.67 -4.67 -6.72
CA ILE A 257 22.53 -5.51 -7.03
C ILE A 257 22.96 -6.95 -7.29
N ASN A 258 22.26 -7.89 -6.68
CA ASN A 258 22.50 -9.30 -6.91
C ASN A 258 21.63 -9.81 -8.04
N THR A 259 22.23 -10.09 -9.19
CA THR A 259 21.45 -10.47 -10.36
C THR A 259 20.65 -11.75 -10.13
N GLU A 260 21.30 -12.76 -9.56
CA GLU A 260 20.65 -14.06 -9.43
C GLU A 260 20.27 -14.58 -10.81
N TRP A 261 21.28 -14.79 -11.65
CA TRP A 261 21.04 -15.16 -13.05
C TRP A 261 20.84 -16.67 -13.26
N GLY A 262 21.17 -17.47 -12.25
CA GLY A 262 20.95 -18.92 -12.34
C GLY A 262 19.56 -19.24 -12.84
N ALA A 263 18.58 -18.45 -12.38
CA ALA A 263 17.19 -18.66 -12.75
C ALA A 263 16.90 -18.02 -14.10
N PHE A 264 17.96 -17.68 -14.82
CA PHE A 264 17.81 -17.10 -16.14
C PHE A 264 17.08 -18.07 -17.07
N GLY A 265 15.97 -17.61 -17.65
CA GLY A 265 15.21 -18.40 -18.62
C GLY A 265 14.26 -19.42 -18.03
N ASP A 266 14.18 -19.45 -16.71
CA ASP A 266 13.26 -20.36 -16.03
C ASP A 266 11.86 -20.21 -16.61
N ASP A 267 11.64 -19.13 -17.34
CA ASP A 267 10.33 -18.81 -17.87
C ASP A 267 10.14 -19.32 -19.31
N GLY A 268 11.09 -20.11 -19.78
CA GLY A 268 10.99 -20.67 -21.14
C GLY A 268 11.59 -19.76 -22.20
N SER A 269 12.25 -18.70 -21.75
CA SER A 269 12.92 -17.76 -22.65
C SER A 269 14.09 -18.45 -23.35
N LEU A 270 14.69 -19.41 -22.66
CA LEU A 270 15.86 -20.10 -23.19
C LEU A 270 15.54 -21.53 -23.60
N GLU A 271 14.32 -21.74 -24.07
CA GLU A 271 13.88 -23.06 -24.52
C GLU A 271 14.58 -23.47 -25.80
N ASP A 272 15.07 -22.49 -26.56
CA ASP A 272 15.72 -22.75 -27.83
C ASP A 272 17.22 -22.94 -27.69
N ILE A 273 17.73 -22.85 -26.47
CA ILE A 273 19.14 -23.06 -26.23
C ILE A 273 19.34 -24.37 -25.50
N ARG A 274 18.38 -24.70 -24.63
CA ARG A 274 18.41 -25.94 -23.89
C ARG A 274 18.31 -27.14 -24.82
N THR A 275 19.06 -28.19 -24.52
CA THR A 275 19.04 -29.40 -25.33
C THR A 275 18.32 -30.53 -24.61
N GLU A 276 18.12 -31.64 -25.33
CA GLU A 276 17.54 -32.84 -24.74
C GLU A 276 18.29 -33.22 -23.46
N PHE A 277 19.56 -32.84 -23.41
CA PHE A 277 20.42 -33.18 -22.27
C PHE A 277 20.11 -32.32 -21.05
N ASP A 278 20.05 -31.01 -21.25
CA ASP A 278 19.71 -30.08 -20.19
C ASP A 278 18.37 -30.48 -19.57
N ARG A 279 17.43 -30.84 -20.43
CA ARG A 279 16.09 -31.21 -20.00
C ARG A 279 16.10 -32.44 -19.11
N GLU A 280 17.01 -33.37 -19.36
CA GLU A 280 17.05 -34.58 -18.57
C GLU A 280 17.68 -34.37 -17.21
N ILE A 281 18.82 -33.68 -17.17
CA ILE A 281 19.48 -33.44 -15.89
C ILE A 281 18.54 -32.67 -14.98
N ASP A 282 17.72 -31.82 -15.58
CA ASP A 282 16.73 -31.05 -14.82
C ASP A 282 15.68 -31.97 -14.23
N ARG A 283 15.14 -32.86 -15.06
CA ARG A 283 14.13 -33.82 -14.63
C ARG A 283 14.64 -34.75 -13.54
N GLY A 284 15.91 -34.62 -13.19
CA GLY A 284 16.51 -35.44 -12.15
C GLY A 284 17.19 -34.59 -11.08
N SER A 285 16.98 -33.29 -11.18
CA SER A 285 17.58 -32.33 -10.26
C SER A 285 16.76 -32.15 -9.01
N LEU A 286 17.35 -31.53 -8.00
CA LEU A 286 16.65 -31.19 -6.76
C LEU A 286 15.55 -30.17 -7.00
N ASN A 287 15.81 -29.23 -7.90
CA ASN A 287 14.84 -28.19 -8.21
C ASN A 287 14.42 -28.22 -9.68
N PRO A 288 13.53 -29.15 -10.03
CA PRO A 288 13.05 -29.28 -11.39
C PRO A 288 12.46 -27.96 -11.92
N GLY A 289 12.86 -27.59 -13.13
CA GLY A 289 12.29 -26.42 -13.79
C GLY A 289 12.97 -25.12 -13.41
N LYS A 290 13.75 -25.17 -12.33
CA LYS A 290 14.38 -23.95 -11.81
C LYS A 290 15.89 -23.89 -12.01
N GLN A 291 16.47 -22.71 -11.81
CA GLN A 291 17.90 -22.49 -11.99
C GLN A 291 18.40 -23.11 -13.28
N LEU A 292 17.61 -23.00 -14.34
CA LEU A 292 17.95 -23.65 -15.61
C LEU A 292 19.29 -23.20 -16.14
N PHE A 293 19.43 -21.89 -16.36
CA PHE A 293 20.65 -21.33 -16.93
C PHE A 293 21.88 -21.83 -16.17
N GLU A 294 21.74 -21.93 -14.86
CA GLU A 294 22.80 -22.40 -14.00
C GLU A 294 23.10 -23.87 -14.28
N LYS A 295 22.03 -24.67 -14.33
CA LYS A 295 22.18 -26.09 -14.56
C LYS A 295 22.97 -26.33 -15.84
N MET A 296 22.93 -25.35 -16.74
CA MET A 296 23.75 -25.40 -17.96
C MET A 296 25.23 -25.14 -17.69
N VAL A 297 25.52 -24.22 -16.76
CA VAL A 297 26.86 -23.67 -16.66
C VAL A 297 27.70 -24.11 -15.46
N SER A 298 27.14 -24.86 -14.53
CA SER A 298 27.74 -24.91 -13.19
C SER A 298 28.39 -26.23 -12.78
N GLY A 299 29.38 -26.13 -11.90
CA GLY A 299 30.16 -27.28 -11.46
C GLY A 299 29.34 -28.49 -11.04
N MET A 300 28.19 -28.26 -10.45
CA MET A 300 27.36 -29.35 -9.96
C MET A 300 26.74 -30.11 -11.12
N TYR A 301 26.79 -29.54 -12.31
CA TYR A 301 26.05 -30.08 -13.45
C TYR A 301 26.94 -30.55 -14.60
N LEU A 302 28.05 -29.84 -14.83
CA LEU A 302 28.94 -30.17 -15.95
C LEU A 302 29.32 -31.66 -16.00
N GLY A 303 29.71 -32.20 -14.85
CA GLY A 303 30.08 -33.63 -14.77
C GLY A 303 28.97 -34.56 -15.23
N GLU A 304 27.77 -34.35 -14.68
CA GLU A 304 26.63 -35.22 -14.97
C GLU A 304 26.06 -34.97 -16.36
N LEU A 305 26.25 -33.76 -16.86
CA LEU A 305 25.79 -33.40 -18.19
C LEU A 305 26.61 -34.21 -19.18
N VAL A 306 27.88 -34.41 -18.83
CA VAL A 306 28.75 -35.29 -19.60
C VAL A 306 28.18 -36.71 -19.56
N ARG A 307 28.25 -37.33 -18.38
CA ARG A 307 27.81 -38.71 -18.19
C ARG A 307 26.55 -39.05 -18.98
N LEU A 308 25.71 -38.07 -19.24
CA LEU A 308 24.48 -38.31 -19.98
C LEU A 308 24.74 -38.32 -21.48
N ILE A 309 25.68 -37.49 -21.92
CA ILE A 309 26.05 -37.47 -23.33
C ILE A 309 26.83 -38.74 -23.68
N LEU A 310 27.54 -39.28 -22.69
CA LEU A 310 28.32 -40.51 -22.87
C LEU A 310 27.44 -41.75 -22.94
N VAL A 311 26.47 -41.85 -22.04
CA VAL A 311 25.53 -42.97 -22.06
C VAL A 311 24.71 -42.98 -23.35
N LYS A 312 24.38 -41.80 -23.85
CA LYS A 312 23.67 -41.67 -25.12
C LYS A 312 24.49 -42.29 -26.26
N MET A 313 25.67 -41.72 -26.49
CA MET A 313 26.57 -42.20 -27.54
C MET A 313 26.88 -43.68 -27.37
N ALA A 314 27.32 -44.06 -26.17
CA ALA A 314 27.64 -45.46 -25.87
C ALA A 314 26.48 -46.39 -26.16
N LYS A 315 25.27 -45.83 -26.22
CA LYS A 315 24.10 -46.62 -26.56
C LYS A 315 24.03 -46.83 -28.07
N GLU A 316 24.36 -45.79 -28.81
CA GLU A 316 24.38 -45.87 -30.27
C GLU A 316 25.73 -46.41 -30.72
N GLY A 317 26.45 -47.04 -29.80
CA GLY A 317 27.69 -47.73 -30.12
C GLY A 317 28.89 -46.85 -30.46
N LEU A 318 28.72 -45.53 -30.37
CA LEU A 318 29.80 -44.59 -30.69
C LEU A 318 30.97 -44.65 -29.70
N LEU A 319 30.68 -45.09 -28.48
CA LEU A 319 31.71 -45.25 -27.47
C LEU A 319 31.84 -46.70 -27.00
N PHE A 320 33.08 -47.08 -26.66
CA PHE A 320 33.38 -48.42 -26.14
C PHE A 320 32.73 -49.57 -26.90
N GLU A 321 32.84 -49.57 -28.22
CA GLU A 321 32.18 -50.62 -28.98
C GLU A 321 30.68 -50.68 -28.65
N GLY A 322 30.19 -49.67 -27.94
CA GLY A 322 28.79 -49.61 -27.55
C GLY A 322 28.49 -50.29 -26.21
N ARG A 323 29.54 -50.76 -25.55
CA ARG A 323 29.41 -51.40 -24.24
C ARG A 323 29.02 -50.38 -23.17
N ILE A 324 27.98 -50.68 -22.41
CA ILE A 324 27.49 -49.75 -21.41
C ILE A 324 27.26 -50.43 -20.06
N THR A 325 28.22 -50.29 -19.15
CA THR A 325 28.12 -50.94 -17.84
C THR A 325 27.23 -50.14 -16.88
N PRO A 326 26.91 -50.75 -15.72
CA PRO A 326 26.07 -50.13 -14.70
C PRO A 326 26.65 -48.81 -14.19
N GLU A 327 27.97 -48.77 -14.05
CA GLU A 327 28.64 -47.60 -13.49
C GLU A 327 28.56 -46.39 -14.41
N LEU A 328 28.25 -46.63 -15.68
CA LEU A 328 28.11 -45.53 -16.62
C LEU A 328 26.71 -44.96 -16.56
N LEU A 329 25.76 -45.79 -16.13
CA LEU A 329 24.36 -45.39 -16.07
C LEU A 329 24.04 -44.69 -14.75
N THR A 330 24.72 -45.12 -13.69
CA THR A 330 24.49 -44.57 -12.35
C THR A 330 24.61 -43.06 -12.33
N ARG A 331 23.78 -42.42 -11.51
CA ARG A 331 23.77 -40.96 -11.41
C ARG A 331 25.06 -40.42 -10.81
N GLY A 332 25.62 -39.40 -11.45
CA GLY A 332 26.77 -38.68 -10.91
C GLY A 332 28.03 -39.49 -10.71
N LYS A 333 28.17 -40.58 -11.46
CA LYS A 333 29.40 -41.35 -11.42
C LYS A 333 30.50 -40.60 -12.17
N PHE A 334 30.11 -39.56 -12.89
CA PHE A 334 31.07 -38.75 -13.61
C PHE A 334 31.21 -37.35 -13.02
N ASN A 335 32.16 -37.21 -12.10
CA ASN A 335 32.43 -35.94 -11.42
C ASN A 335 32.95 -34.86 -12.36
N THR A 336 32.62 -33.62 -12.05
CA THR A 336 33.15 -32.49 -12.78
C THR A 336 34.63 -32.33 -12.45
N SER A 337 35.09 -33.06 -11.45
CA SER A 337 36.51 -33.15 -11.14
C SER A 337 37.20 -33.83 -12.33
N ASP A 338 36.59 -34.92 -12.76
CA ASP A 338 37.08 -35.67 -13.92
C ASP A 338 37.03 -34.81 -15.18
N VAL A 339 35.97 -34.01 -15.34
CA VAL A 339 35.89 -33.11 -16.47
C VAL A 339 37.09 -32.17 -16.51
N SER A 340 37.62 -31.85 -15.33
CA SER A 340 38.78 -30.97 -15.23
C SER A 340 40.09 -31.72 -15.46
N ALA A 341 40.22 -32.90 -14.88
CA ALA A 341 41.42 -33.72 -15.05
C ALA A 341 41.60 -34.16 -16.50
N ILE A 342 40.51 -34.56 -17.13
CA ILE A 342 40.55 -35.05 -18.50
C ILE A 342 41.02 -33.99 -19.51
N GLU A 343 40.82 -32.72 -19.19
CA GLU A 343 41.18 -31.65 -20.13
C GLU A 343 42.59 -31.08 -19.89
N LYS A 344 43.40 -31.80 -19.12
CA LYS A 344 44.80 -31.40 -18.95
C LYS A 344 45.56 -31.60 -20.25
N ASN A 345 46.55 -30.74 -20.48
CA ASN A 345 47.31 -30.76 -21.73
C ASN A 345 48.25 -31.96 -21.82
N LYS A 346 48.89 -32.32 -20.72
CA LYS A 346 49.88 -33.40 -20.73
C LYS A 346 49.31 -34.74 -20.32
N GLU A 347 48.52 -34.76 -19.25
CA GLU A 347 48.00 -36.02 -18.73
C GLU A 347 46.48 -36.16 -18.89
N GLY A 348 45.90 -35.38 -19.80
CA GLY A 348 44.46 -35.43 -20.02
C GLY A 348 43.96 -36.81 -20.39
N LEU A 349 44.46 -37.32 -21.51
CA LEU A 349 44.08 -38.63 -22.01
C LEU A 349 44.53 -39.74 -21.06
N HIS A 350 45.61 -39.50 -20.33
CA HIS A 350 46.11 -40.48 -19.38
C HIS A 350 45.14 -40.68 -18.23
N ASN A 351 44.43 -39.62 -17.87
CA ASN A 351 43.43 -39.67 -16.81
C ASN A 351 42.10 -40.18 -17.34
N ALA A 352 41.76 -39.79 -18.56
CA ALA A 352 40.55 -40.27 -19.21
C ALA A 352 40.54 -41.79 -19.24
N LYS A 353 41.73 -42.39 -19.27
CA LYS A 353 41.87 -43.84 -19.29
C LYS A 353 41.56 -44.43 -17.92
N GLU A 354 42.28 -43.98 -16.89
CA GLU A 354 42.07 -44.48 -15.54
C GLU A 354 40.65 -44.23 -15.08
N ILE A 355 40.14 -43.04 -15.39
CA ILE A 355 38.78 -42.69 -15.04
C ILE A 355 37.75 -43.55 -15.79
N LEU A 356 37.93 -43.67 -17.10
CA LEU A 356 36.99 -44.44 -17.92
C LEU A 356 37.07 -45.92 -17.61
N THR A 357 38.24 -46.39 -17.17
CA THR A 357 38.42 -47.78 -16.78
C THR A 357 37.73 -48.04 -15.45
N ARG A 358 37.77 -47.04 -14.57
CA ARG A 358 37.02 -47.08 -13.33
C ARG A 358 35.56 -47.32 -13.68
N LEU A 359 35.14 -46.78 -14.81
CA LEU A 359 33.78 -46.99 -15.27
C LEU A 359 33.57 -48.46 -15.58
N GLY A 360 34.62 -49.12 -16.07
CA GLY A 360 34.52 -50.53 -16.39
C GLY A 360 34.33 -50.81 -17.87
N VAL A 361 33.97 -49.77 -18.63
CA VAL A 361 34.02 -49.88 -20.06
C VAL A 361 35.48 -50.17 -20.37
N GLU A 362 35.77 -51.14 -21.23
CA GLU A 362 37.16 -51.26 -21.67
C GLU A 362 37.46 -50.02 -22.50
N PRO A 363 38.35 -49.16 -21.99
CA PRO A 363 38.71 -47.91 -22.66
C PRO A 363 39.85 -48.06 -23.66
N SER A 364 39.61 -47.65 -24.90
CA SER A 364 40.63 -47.71 -25.95
C SER A 364 41.29 -46.34 -26.13
N ASP A 365 42.52 -46.34 -26.62
CA ASP A 365 43.23 -45.09 -26.88
C ASP A 365 42.47 -44.22 -27.88
N ASP A 366 41.33 -44.71 -28.33
CA ASP A 366 40.47 -43.95 -29.25
C ASP A 366 39.33 -43.31 -28.47
N ASP A 367 38.76 -44.07 -27.56
CA ASP A 367 37.70 -43.58 -26.70
C ASP A 367 38.17 -42.36 -25.91
N CYS A 368 39.33 -42.49 -25.27
CA CYS A 368 39.89 -41.41 -24.47
C CYS A 368 39.96 -40.10 -25.25
N VAL A 369 40.15 -40.19 -26.56
CA VAL A 369 40.27 -38.98 -27.38
C VAL A 369 38.92 -38.42 -27.77
N SER A 370 37.92 -39.29 -27.88
CA SER A 370 36.56 -38.87 -28.21
C SER A 370 35.92 -38.21 -27.00
N VAL A 371 36.01 -38.87 -25.85
CA VAL A 371 35.46 -38.36 -24.61
C VAL A 371 36.03 -36.99 -24.27
N GLN A 372 37.35 -36.93 -24.10
CA GLN A 372 38.02 -35.68 -23.77
C GLN A 372 37.53 -34.53 -24.63
N HIS A 373 37.05 -34.83 -25.84
CA HIS A 373 36.51 -33.81 -26.72
C HIS A 373 35.10 -33.43 -26.32
N VAL A 374 34.33 -34.42 -25.89
CA VAL A 374 32.97 -34.18 -25.40
C VAL A 374 33.01 -33.13 -24.29
N CYS A 375 33.86 -33.38 -23.30
CA CYS A 375 34.07 -32.42 -22.22
C CYS A 375 34.32 -31.03 -22.80
N THR A 376 35.27 -30.94 -23.71
CA THR A 376 35.64 -29.67 -24.30
C THR A 376 34.43 -28.89 -24.80
N ILE A 377 33.50 -29.59 -25.44
CA ILE A 377 32.31 -28.94 -26.01
C ILE A 377 31.37 -28.47 -24.91
N VAL A 378 31.25 -29.27 -23.86
CA VAL A 378 30.44 -28.95 -22.70
C VAL A 378 30.94 -27.69 -22.01
N SER A 379 32.11 -27.80 -21.37
CA SER A 379 32.69 -26.71 -20.61
C SER A 379 32.84 -25.46 -21.46
N PHE A 380 33.33 -25.65 -22.68
CA PHE A 380 33.50 -24.51 -23.57
C PHE A 380 32.17 -23.79 -23.69
N ARG A 381 31.07 -24.52 -23.59
CA ARG A 381 29.76 -23.88 -23.60
C ARG A 381 29.58 -23.09 -22.32
N SER A 382 29.50 -23.81 -21.19
CA SER A 382 29.33 -23.16 -19.91
C SER A 382 29.99 -21.79 -19.96
N ALA A 383 31.30 -21.78 -20.09
CA ALA A 383 32.05 -20.53 -20.13
C ALA A 383 31.41 -19.54 -21.09
N ASN A 384 31.27 -19.94 -22.35
CA ASN A 384 30.70 -19.07 -23.37
C ASN A 384 29.44 -18.36 -22.88
N LEU A 385 28.61 -19.09 -22.16
CA LEU A 385 27.37 -18.53 -21.63
C LEU A 385 27.67 -17.43 -20.64
N VAL A 386 28.33 -17.78 -19.54
CA VAL A 386 28.74 -16.79 -18.57
C VAL A 386 29.17 -15.53 -19.30
N ALA A 387 29.87 -15.71 -20.41
CA ALA A 387 30.33 -14.59 -21.21
C ALA A 387 29.13 -13.76 -21.67
N ALA A 388 28.22 -14.39 -22.39
CA ALA A 388 27.05 -13.69 -22.90
C ALA A 388 26.43 -12.79 -21.84
N THR A 389 26.15 -13.35 -20.68
CA THR A 389 25.52 -12.62 -19.58
C THR A 389 26.43 -11.52 -19.06
N LEU A 390 27.54 -11.90 -18.42
CA LEU A 390 28.51 -10.95 -17.89
C LEU A 390 28.78 -9.84 -18.87
N GLY A 391 28.57 -10.12 -20.15
CA GLY A 391 28.71 -9.11 -21.19
C GLY A 391 27.66 -8.04 -20.97
N ALA A 392 26.40 -8.47 -20.82
CA ALA A 392 25.30 -7.55 -20.64
C ALA A 392 25.51 -6.69 -19.40
N ILE A 393 26.11 -7.27 -18.38
CA ILE A 393 26.41 -6.51 -17.17
C ILE A 393 27.41 -5.43 -17.50
N LEU A 394 28.52 -5.83 -18.11
CA LEU A 394 29.57 -4.89 -18.48
C LEU A 394 28.98 -3.75 -19.29
N ASN A 395 28.32 -4.09 -20.40
CA ASN A 395 27.68 -3.08 -21.23
C ASN A 395 26.86 -2.12 -20.38
N ARG A 396 25.94 -2.68 -19.59
CA ARG A 396 25.11 -1.88 -18.70
C ARG A 396 25.95 -0.90 -17.90
N LEU A 397 27.08 -1.39 -17.38
CA LEU A 397 28.00 -0.55 -16.62
C LEU A 397 28.52 0.59 -17.47
N ARG A 398 28.84 0.28 -18.73
CA ARG A 398 29.36 1.27 -19.67
C ARG A 398 28.30 2.33 -19.96
N ASP A 399 27.04 1.92 -19.98
CA ASP A 399 25.94 2.86 -20.19
C ASP A 399 25.87 3.83 -19.02
N ASN A 400 25.96 3.29 -17.81
CA ASN A 400 25.97 4.12 -16.62
C ASN A 400 27.04 5.20 -16.71
N LYS A 401 28.30 4.77 -16.70
CA LYS A 401 29.43 5.70 -16.73
C LYS A 401 29.39 6.68 -17.90
N GLY A 402 28.80 6.27 -19.01
CA GLY A 402 28.70 7.13 -20.19
C GLY A 402 29.99 7.18 -21.01
N THR A 403 31.07 6.72 -20.40
CA THR A 403 32.38 6.66 -21.07
C THR A 403 32.31 5.78 -22.33
N PRO A 404 32.89 6.27 -23.44
CA PRO A 404 32.84 5.50 -24.68
C PRO A 404 33.48 4.13 -24.47
N ARG A 405 34.25 4.01 -23.40
CA ARG A 405 34.95 2.78 -23.11
C ARG A 405 34.85 2.48 -21.62
N LEU A 406 34.56 1.22 -21.30
CA LEU A 406 34.49 0.81 -19.90
C LEU A 406 35.82 0.20 -19.44
N ARG A 407 36.29 0.67 -18.30
CA ARG A 407 37.50 0.13 -17.72
C ARG A 407 37.20 -0.29 -16.29
N THR A 408 37.00 -1.58 -16.08
CA THR A 408 36.63 -2.08 -14.76
C THR A 408 37.28 -3.42 -14.41
N THR A 409 37.10 -3.84 -13.17
CA THR A 409 37.65 -5.09 -12.69
C THR A 409 36.52 -6.00 -12.20
N VAL A 410 36.70 -7.30 -12.41
CA VAL A 410 35.69 -8.28 -12.03
C VAL A 410 36.23 -9.32 -11.05
N GLY A 411 35.86 -9.20 -9.79
CA GLY A 411 36.24 -10.21 -8.83
C GLY A 411 35.62 -11.53 -9.25
N VAL A 412 36.25 -12.65 -8.88
CA VAL A 412 35.71 -13.95 -9.25
C VAL A 412 36.08 -15.07 -8.29
N ASP A 413 35.35 -16.17 -8.37
CA ASP A 413 35.59 -17.33 -7.52
C ASP A 413 34.72 -18.49 -7.98
N GLY A 414 34.97 -19.68 -7.44
CA GLY A 414 34.18 -20.86 -7.80
C GLY A 414 35.03 -22.05 -8.19
N SER A 415 34.92 -23.12 -7.41
CA SER A 415 35.68 -24.35 -7.65
C SER A 415 35.99 -24.61 -9.13
N LEU A 416 34.95 -24.68 -9.96
CA LEU A 416 35.17 -24.91 -11.39
C LEU A 416 36.15 -23.90 -11.97
N TYR A 417 35.70 -22.66 -12.12
CA TYR A 417 36.53 -21.60 -12.66
C TYR A 417 37.93 -21.62 -12.07
N LYS A 418 38.07 -22.13 -10.85
CA LYS A 418 39.35 -22.11 -10.15
C LYS A 418 40.23 -23.34 -10.39
N THR A 419 39.64 -24.47 -10.76
CA THR A 419 40.43 -25.69 -10.92
C THR A 419 40.48 -26.22 -12.36
N HIS A 420 39.51 -25.84 -13.19
CA HIS A 420 39.52 -26.28 -14.58
C HIS A 420 40.57 -25.53 -15.39
N PRO A 421 41.55 -26.28 -15.96
CA PRO A 421 42.63 -25.65 -16.71
C PRO A 421 42.21 -24.81 -17.93
N GLN A 422 41.28 -25.30 -18.72
CA GLN A 422 40.96 -24.62 -19.98
C GLN A 422 39.99 -23.46 -19.82
N TYR A 423 39.28 -23.46 -18.70
CA TYR A 423 38.08 -22.64 -18.52
C TYR A 423 38.30 -21.13 -18.47
N SER A 424 39.12 -20.67 -17.53
CA SER A 424 39.40 -19.25 -17.42
C SER A 424 39.84 -18.75 -18.78
N ARG A 425 40.92 -19.36 -19.26
CA ARG A 425 41.50 -19.10 -20.56
C ARG A 425 40.41 -18.88 -21.60
N ARG A 426 39.55 -19.89 -21.76
CA ARG A 426 38.49 -19.81 -22.76
C ARG A 426 37.48 -18.73 -22.42
N PHE A 427 37.07 -18.69 -21.15
CA PHE A 427 36.03 -17.77 -20.73
C PHE A 427 36.37 -16.31 -21.02
N HIS A 428 37.50 -15.86 -20.49
CA HIS A 428 37.91 -14.48 -20.67
C HIS A 428 37.84 -14.12 -22.15
N LYS A 429 38.64 -14.83 -22.95
CA LYS A 429 38.73 -14.57 -24.37
C LYS A 429 37.39 -14.36 -25.04
N THR A 430 36.44 -15.25 -24.75
CA THR A 430 35.11 -15.17 -25.34
C THR A 430 34.39 -13.90 -24.89
N LEU A 431 34.65 -13.53 -23.64
CA LEU A 431 34.07 -12.31 -23.09
C LEU A 431 34.71 -11.09 -23.73
N ARG A 432 36.03 -11.02 -23.65
CA ARG A 432 36.79 -9.90 -24.20
C ARG A 432 36.45 -9.68 -25.67
N ARG A 433 35.92 -10.71 -26.32
CA ARG A 433 35.54 -10.60 -27.73
C ARG A 433 34.10 -10.08 -27.88
N LEU A 434 33.20 -10.63 -27.07
CA LEU A 434 31.80 -10.25 -27.15
C LEU A 434 31.61 -8.78 -26.80
N VAL A 435 32.40 -8.31 -25.84
CA VAL A 435 32.40 -6.90 -25.46
C VAL A 435 33.82 -6.36 -25.51
N PRO A 436 34.35 -6.18 -26.73
CA PRO A 436 35.71 -5.70 -26.93
C PRO A 436 35.81 -4.22 -26.56
N ASP A 437 34.67 -3.55 -26.51
CA ASP A 437 34.63 -2.14 -26.18
C ASP A 437 34.89 -1.92 -24.70
N SER A 438 35.91 -2.61 -24.18
CA SER A 438 36.20 -2.56 -22.75
C SER A 438 37.54 -3.19 -22.40
N ASP A 439 38.04 -2.83 -21.22
CA ASP A 439 39.30 -3.34 -20.72
C ASP A 439 39.08 -3.89 -19.32
N VAL A 440 38.89 -5.20 -19.23
CA VAL A 440 38.52 -5.82 -17.97
C VAL A 440 39.64 -6.61 -17.33
N ARG A 441 39.87 -6.34 -16.05
CA ARG A 441 40.81 -7.14 -15.27
C ARG A 441 40.00 -8.16 -14.49
N PHE A 442 40.48 -9.40 -14.45
CA PHE A 442 39.77 -10.46 -13.75
C PHE A 442 40.49 -10.88 -12.49
N LEU A 443 40.44 -10.03 -11.47
CA LEU A 443 41.06 -10.38 -10.21
C LEU A 443 40.36 -11.59 -9.59
N LEU A 444 41.09 -12.70 -9.49
CA LEU A 444 40.57 -13.87 -8.80
C LEU A 444 40.60 -13.56 -7.31
N SER A 445 39.68 -14.18 -6.58
CA SER A 445 39.64 -14.02 -5.12
C SER A 445 40.46 -15.12 -4.47
N GLU A 446 41.21 -14.78 -3.43
CA GLU A 446 42.06 -15.78 -2.80
C GLU A 446 41.62 -16.13 -1.39
N SER A 447 40.64 -15.39 -0.87
CA SER A 447 40.10 -15.66 0.45
C SER A 447 38.61 -16.00 0.34
N GLY A 448 38.13 -16.12 -0.88
CA GLY A 448 36.73 -16.42 -1.14
C GLY A 448 35.84 -15.21 -0.96
N SER A 449 35.24 -15.08 0.21
CA SER A 449 34.35 -13.97 0.50
C SER A 449 34.56 -13.49 1.93
N GLY A 450 35.01 -14.40 2.79
CA GLY A 450 35.26 -14.10 4.20
C GLY A 450 35.78 -12.70 4.44
N LYS A 451 36.67 -12.23 3.58
CA LYS A 451 37.20 -10.88 3.70
C LYS A 451 36.12 -9.88 3.34
N GLY A 452 35.75 -9.86 2.06
CA GLY A 452 34.70 -8.97 1.58
C GLY A 452 33.45 -9.01 2.45
N ALA A 453 33.20 -10.16 3.07
CA ALA A 453 32.07 -10.32 3.97
C ALA A 453 32.28 -9.48 5.22
N ALA A 454 33.42 -9.70 5.87
CA ALA A 454 33.78 -8.93 7.05
C ALA A 454 33.91 -7.45 6.70
N MET A 455 34.32 -7.16 5.47
CA MET A 455 34.39 -5.79 4.99
C MET A 455 32.99 -5.19 4.96
N VAL A 456 32.00 -6.08 4.99
CA VAL A 456 30.61 -5.65 4.97
C VAL A 456 30.06 -5.62 6.38
N THR A 457 30.23 -6.72 7.11
CA THR A 457 29.81 -6.79 8.51
C THR A 457 30.29 -5.57 9.26
N ALA A 458 31.38 -4.97 8.80
CA ALA A 458 31.96 -3.80 9.46
C ALA A 458 31.04 -2.59 9.32
N VAL A 459 30.73 -2.21 8.09
CA VAL A 459 29.86 -1.08 7.84
C VAL A 459 28.47 -1.33 8.41
N ALA A 460 27.99 -2.55 8.26
CA ALA A 460 26.70 -2.91 8.81
C ALA A 460 26.70 -2.69 10.31
N TYR A 461 27.79 -3.10 10.97
CA TYR A 461 27.91 -2.99 12.42
C TYR A 461 28.07 -1.54 12.86
N ARG A 462 28.71 -0.74 12.01
CA ARG A 462 28.84 0.67 12.28
C ARG A 462 27.43 1.25 12.37
N LEU A 463 26.61 0.94 11.38
CA LEU A 463 25.24 1.45 11.34
C LEU A 463 24.40 0.87 12.46
N ALA A 464 24.53 -0.43 12.69
CA ALA A 464 23.77 -1.09 13.74
C ALA A 464 23.94 -0.40 15.08
N GLU A 465 25.11 0.19 15.30
CA GLU A 465 25.41 0.89 16.55
C GLU A 465 24.70 2.22 16.67
N GLN A 466 24.80 3.05 15.63
CA GLN A 466 24.07 4.31 15.61
C GLN A 466 22.60 4.03 15.87
N HIS A 467 22.04 3.14 15.06
CA HIS A 467 20.65 2.78 15.21
C HIS A 467 20.35 2.48 16.68
N ARG A 468 20.89 1.38 17.18
CA ARG A 468 20.69 0.97 18.55
C ARG A 468 20.66 2.17 19.49
N GLN A 469 21.55 3.12 19.20
CA GLN A 469 21.70 4.29 20.06
C GLN A 469 20.47 5.19 19.93
N ILE A 470 20.12 5.52 18.68
CA ILE A 470 18.91 6.29 18.44
C ILE A 470 17.71 5.61 19.08
N GLU A 471 17.54 4.32 18.84
CA GLU A 471 16.43 3.56 19.41
C GLU A 471 16.45 3.68 20.92
N GLU A 472 17.63 3.48 21.50
CA GLU A 472 17.78 3.56 22.93
C GLU A 472 17.24 4.89 23.44
N THR A 473 17.42 5.94 22.65
CA THR A 473 16.96 7.27 23.05
C THR A 473 15.46 7.44 22.87
N LEU A 474 14.98 7.21 21.65
CA LEU A 474 13.57 7.34 21.37
C LEU A 474 12.71 6.44 22.27
N ALA A 475 13.28 5.31 22.68
CA ALA A 475 12.55 4.38 23.53
C ALA A 475 11.98 5.06 24.77
N HIS A 476 12.46 6.25 25.08
CA HIS A 476 11.99 7.00 26.25
C HIS A 476 10.65 7.65 25.99
N PHE A 477 10.27 7.72 24.73
CA PHE A 477 8.99 8.30 24.38
C PHE A 477 7.94 7.20 24.24
N HIS A 478 8.34 5.95 24.46
CA HIS A 478 7.42 4.82 24.39
C HIS A 478 6.77 4.54 25.74
N LEU A 479 5.44 4.63 25.78
CA LEU A 479 4.68 4.38 26.99
C LEU A 479 3.89 3.09 26.87
N THR A 480 3.94 2.27 27.92
CA THR A 480 3.25 0.99 27.91
C THR A 480 1.82 1.11 28.42
N LYS A 481 0.96 0.21 27.94
CA LYS A 481 -0.43 0.17 28.38
C LYS A 481 -0.48 0.61 29.84
N ASP A 482 0.25 -0.11 30.70
CA ASP A 482 0.24 0.16 32.13
C ASP A 482 0.65 1.59 32.49
N MET A 483 1.62 2.15 31.77
CA MET A 483 2.06 3.51 32.04
C MET A 483 0.93 4.48 31.74
N LEU A 484 0.29 4.31 30.59
CA LEU A 484 -0.85 5.15 30.24
C LEU A 484 -1.97 5.08 31.28
N LEU A 485 -2.24 3.88 31.78
CA LEU A 485 -3.22 3.71 32.84
C LEU A 485 -2.80 4.48 34.08
N GLU A 486 -1.52 4.36 34.44
CA GLU A 486 -0.98 5.10 35.58
C GLU A 486 -1.13 6.59 35.40
N VAL A 487 -0.85 7.07 34.19
CA VAL A 487 -1.02 8.48 33.87
C VAL A 487 -2.49 8.83 34.07
N LYS A 488 -3.35 8.07 33.41
CA LYS A 488 -4.79 8.21 33.60
C LYS A 488 -5.09 8.33 35.09
N LYS A 489 -4.79 7.27 35.82
CA LYS A 489 -4.99 7.27 37.27
C LYS A 489 -4.60 8.60 37.92
N ARG A 490 -3.38 9.04 37.68
CA ARG A 490 -2.88 10.27 38.30
C ARG A 490 -3.78 11.44 37.94
N MET A 491 -4.13 11.54 36.66
CA MET A 491 -5.04 12.57 36.19
C MET A 491 -6.26 12.60 37.11
N ARG A 492 -6.91 11.45 37.22
CA ARG A 492 -8.07 11.32 38.08
C ARG A 492 -7.78 11.83 39.48
N ALA A 493 -6.62 11.46 40.02
CA ALA A 493 -6.24 11.93 41.35
C ALA A 493 -6.26 13.46 41.40
N GLU A 494 -5.58 14.09 40.44
CA GLU A 494 -5.46 15.54 40.41
C GLU A 494 -6.81 16.19 40.19
N MET A 495 -7.70 15.50 39.47
CA MET A 495 -9.03 16.01 39.24
C MET A 495 -9.74 16.20 40.57
N GLU A 496 -9.69 15.16 41.39
CA GLU A 496 -10.33 15.20 42.70
C GLU A 496 -9.72 16.31 43.56
N LEU A 497 -8.41 16.47 43.51
CA LEU A 497 -7.74 17.51 44.29
C LEU A 497 -8.25 18.89 43.91
N GLY A 498 -8.50 19.09 42.61
CA GLY A 498 -8.94 20.37 42.12
C GLY A 498 -10.37 20.69 42.51
N LEU A 499 -11.18 19.64 42.66
CA LEU A 499 -12.59 19.81 42.97
C LEU A 499 -12.82 20.09 44.45
N ARG A 500 -11.99 19.49 45.31
CA ARG A 500 -12.16 19.61 46.76
C ARG A 500 -11.61 20.93 47.31
N LYS A 501 -12.46 21.62 48.06
CA LYS A 501 -12.12 22.91 48.65
C LYS A 501 -10.89 22.84 49.55
N GLN A 502 -10.67 21.67 50.14
CA GLN A 502 -9.54 21.47 51.05
C GLN A 502 -8.21 21.53 50.31
N THR A 503 -8.10 20.79 49.22
CA THR A 503 -6.83 20.62 48.53
C THR A 503 -6.70 21.49 47.28
N HIS A 504 -7.76 22.23 46.97
CA HIS A 504 -7.80 23.03 45.74
C HIS A 504 -6.65 24.04 45.59
N ASN A 505 -6.44 24.86 46.60
CA ASN A 505 -5.42 25.91 46.54
C ASN A 505 -4.05 25.38 46.11
N ASN A 506 -3.78 24.11 46.40
CA ASN A 506 -2.50 23.51 46.09
C ASN A 506 -2.57 22.49 44.95
N ALA A 507 -3.77 22.29 44.43
CA ALA A 507 -3.96 21.38 43.29
C ALA A 507 -3.44 22.05 42.03
N VAL A 508 -2.70 21.29 41.22
CA VAL A 508 -2.16 21.80 39.97
C VAL A 508 -3.25 21.83 38.90
N VAL A 509 -4.13 20.85 38.95
CA VAL A 509 -5.26 20.81 38.03
C VAL A 509 -6.42 21.57 38.65
N LYS A 510 -6.59 22.81 38.20
CA LYS A 510 -7.42 23.77 38.91
C LYS A 510 -8.93 23.55 38.87
N MET A 511 -9.45 22.84 37.88
CA MET A 511 -10.87 22.56 37.88
C MET A 511 -11.71 23.82 38.06
N LEU A 512 -11.37 24.87 37.32
CA LEU A 512 -12.09 26.14 37.38
C LEU A 512 -13.50 25.98 36.88
N PRO A 513 -14.45 26.71 37.49
CA PRO A 513 -15.85 26.68 37.10
C PRO A 513 -16.13 27.71 36.01
N SER A 514 -16.85 27.30 34.98
CA SER A 514 -17.16 28.15 33.84
C SER A 514 -18.51 28.83 34.03
N PHE A 515 -19.16 28.47 35.13
CA PHE A 515 -20.49 28.97 35.45
C PHE A 515 -21.52 28.74 34.36
N VAL A 516 -21.24 27.78 33.49
CA VAL A 516 -22.23 27.30 32.54
C VAL A 516 -22.81 26.02 33.11
N ARG A 517 -24.13 25.95 33.22
CA ARG A 517 -24.79 24.88 33.99
C ARG A 517 -25.46 23.77 33.18
N ARG A 518 -25.71 24.03 31.90
CA ARG A 518 -26.33 23.03 31.06
C ARG A 518 -26.06 23.34 29.60
N THR A 519 -26.14 22.31 28.76
CA THR A 519 -25.92 22.47 27.32
C THR A 519 -27.13 23.17 26.69
N PRO A 520 -26.92 23.86 25.56
CA PRO A 520 -28.02 24.58 24.94
C PRO A 520 -29.32 23.80 25.02
N ASP A 521 -30.44 24.52 25.14
CA ASP A 521 -31.73 23.90 25.34
C ASP A 521 -32.78 24.34 24.32
N GLY A 522 -32.35 25.04 23.27
CA GLY A 522 -33.25 25.42 22.19
C GLY A 522 -34.04 26.71 22.40
N THR A 523 -33.81 27.39 23.51
CA THR A 523 -34.51 28.64 23.78
C THR A 523 -33.60 29.84 23.49
N GLU A 524 -32.31 29.56 23.35
CA GLU A 524 -31.35 30.61 23.06
C GLU A 524 -31.76 31.39 21.83
N ASN A 525 -32.04 32.68 22.01
CA ASN A 525 -32.44 33.54 20.91
C ASN A 525 -31.81 34.93 21.03
N GLY A 526 -31.52 35.57 19.90
CA GLY A 526 -30.98 36.93 19.92
C GLY A 526 -29.72 37.14 19.12
N ASP A 527 -29.20 38.36 19.18
CA ASP A 527 -27.99 38.75 18.44
C ASP A 527 -26.85 39.00 19.42
N PHE A 528 -25.76 38.27 19.29
CA PHE A 528 -24.63 38.41 20.22
C PHE A 528 -23.32 38.66 19.49
N LEU A 529 -22.52 39.60 20.00
CA LEU A 529 -21.17 39.77 19.51
C LEU A 529 -20.28 38.78 20.23
N ALA A 530 -19.13 38.45 19.65
CA ALA A 530 -18.25 37.47 20.28
C ALA A 530 -16.77 37.80 20.15
N LEU A 531 -15.97 37.21 21.04
CA LEU A 531 -14.52 37.35 20.99
C LEU A 531 -13.83 35.99 21.04
N ASP A 532 -12.75 35.85 20.30
CA ASP A 532 -12.04 34.59 20.26
C ASP A 532 -10.54 34.84 20.38
N LEU A 533 -10.08 34.95 21.62
CA LEU A 533 -8.70 35.34 21.88
C LEU A 533 -7.92 34.22 22.56
N GLY A 534 -6.70 33.98 22.07
CA GLY A 534 -5.84 32.97 22.69
C GLY A 534 -5.48 31.80 21.81
N GLY A 535 -6.04 31.76 20.61
CA GLY A 535 -5.72 30.70 19.66
C GLY A 535 -4.60 31.10 18.71
N THR A 536 -4.63 30.57 17.49
CA THR A 536 -3.68 31.00 16.47
C THR A 536 -4.19 32.28 15.84
N ASN A 537 -5.50 32.47 15.89
CA ASN A 537 -6.11 33.65 15.33
C ASN A 537 -6.97 34.35 16.35
N PHE A 538 -6.75 35.65 16.50
CA PHE A 538 -7.66 36.47 17.27
C PHE A 538 -8.74 36.93 16.32
N ARG A 539 -9.99 36.91 16.77
CA ARG A 539 -11.06 37.33 15.88
C ARG A 539 -12.32 37.75 16.62
N VAL A 540 -13.06 38.65 16.00
CA VAL A 540 -14.32 39.14 16.52
C VAL A 540 -15.43 38.53 15.70
N LEU A 541 -16.57 38.24 16.34
CA LEU A 541 -17.68 37.61 15.63
C LEU A 541 -19.02 38.30 15.85
N LEU A 542 -20.00 37.87 15.08
CA LEU A 542 -21.39 38.29 15.21
C LEU A 542 -22.26 37.06 15.01
N VAL A 543 -22.96 36.65 16.06
CA VAL A 543 -23.77 35.43 15.99
C VAL A 543 -25.24 35.70 16.30
N LYS A 544 -26.08 35.63 15.27
CA LYS A 544 -27.51 35.83 15.43
C LYS A 544 -28.18 34.48 15.54
N ILE A 545 -28.80 34.20 16.68
CA ILE A 545 -29.50 32.93 16.89
C ILE A 545 -31.00 33.13 16.80
N ARG A 546 -31.69 32.17 16.19
CA ARG A 546 -33.14 32.22 16.08
C ARG A 546 -33.76 30.90 16.50
N SER A 547 -34.38 30.90 17.68
CA SER A 547 -35.01 29.69 18.21
C SER A 547 -36.40 29.50 17.64
N GLY A 548 -37.18 28.62 18.28
CA GLY A 548 -38.55 28.37 17.83
C GLY A 548 -38.66 27.15 16.95
N LYS A 549 -39.81 26.98 16.29
CA LYS A 549 -40.01 25.85 15.40
C LYS A 549 -38.87 25.75 14.40
N LYS A 550 -38.60 26.87 13.74
CA LYS A 550 -37.54 26.93 12.74
C LYS A 550 -36.32 27.68 13.28
N ARG A 551 -35.28 26.92 13.64
CA ARG A 551 -34.08 27.48 14.26
C ARG A 551 -32.95 27.70 13.25
N THR A 552 -32.26 28.84 13.39
CA THR A 552 -31.21 29.21 12.46
C THR A 552 -30.05 29.90 13.17
N VAL A 553 -28.85 29.69 12.66
CA VAL A 553 -27.68 30.34 13.20
C VAL A 553 -26.88 31.00 12.09
N GLU A 554 -26.88 32.32 12.07
CA GLU A 554 -26.12 33.09 11.09
C GLU A 554 -24.95 33.76 11.80
N MET A 555 -23.74 33.55 11.30
CA MET A 555 -22.58 34.17 11.93
C MET A 555 -21.51 34.67 10.95
N HIS A 556 -20.85 35.76 11.34
CA HIS A 556 -19.80 36.37 10.54
C HIS A 556 -18.61 36.65 11.45
N ASN A 557 -17.43 36.76 10.86
CA ASN A 557 -16.24 37.01 11.66
C ASN A 557 -15.07 37.57 10.85
N LYS A 558 -14.17 38.27 11.53
CA LYS A 558 -13.01 38.85 10.88
C LYS A 558 -11.76 38.61 11.71
N ILE A 559 -10.75 38.00 11.09
CA ILE A 559 -9.50 37.73 11.77
C ILE A 559 -8.67 39.00 11.89
N TYR A 560 -8.34 39.37 13.12
CA TYR A 560 -7.44 40.50 13.36
C TYR A 560 -6.13 40.01 13.92
N ALA A 561 -5.02 40.52 13.38
CA ALA A 561 -3.70 40.11 13.82
C ALA A 561 -3.31 40.87 15.08
N ILE A 562 -2.70 40.17 16.02
CA ILE A 562 -2.17 40.82 17.21
C ILE A 562 -0.66 40.91 17.07
N PRO A 563 -0.15 42.09 16.67
CA PRO A 563 1.26 42.31 16.42
C PRO A 563 2.17 41.76 17.52
N ILE A 564 3.39 41.42 17.14
CA ILE A 564 4.39 40.89 18.07
C ILE A 564 4.41 41.62 19.41
N GLU A 565 4.60 42.93 19.33
CA GLU A 565 4.67 43.80 20.50
C GLU A 565 3.43 43.71 21.37
N ILE A 566 2.29 44.08 20.78
CA ILE A 566 1.05 44.15 21.53
C ILE A 566 0.82 42.90 22.34
N MET A 567 1.31 41.77 21.84
CA MET A 567 1.05 40.49 22.48
C MET A 567 1.89 40.27 23.72
N GLN A 568 3.13 40.77 23.70
CA GLN A 568 3.99 40.65 24.86
C GLN A 568 4.32 41.99 25.51
N GLY A 569 3.50 42.99 25.21
CA GLY A 569 3.69 44.31 25.79
C GLY A 569 2.90 44.52 27.06
N THR A 570 1.94 45.44 26.98
CA THR A 570 1.22 45.94 28.14
C THR A 570 -0.24 45.49 28.17
N GLY A 571 -0.73 45.17 29.36
CA GLY A 571 -2.14 44.83 29.52
C GLY A 571 -3.04 45.85 28.84
N GLU A 572 -2.81 47.12 29.14
CA GLU A 572 -3.62 48.20 28.58
C GLU A 572 -3.56 48.22 27.04
N GLU A 573 -2.35 48.11 26.51
CA GLU A 573 -2.16 48.06 25.06
C GLU A 573 -2.99 46.96 24.44
N LEU A 574 -2.80 45.74 24.94
CA LEU A 574 -3.51 44.56 24.43
C LEU A 574 -5.00 44.83 24.28
N PHE A 575 -5.65 45.15 25.39
CA PHE A 575 -7.10 45.38 25.38
C PHE A 575 -7.48 46.63 24.60
N ASP A 576 -6.58 47.61 24.54
CA ASP A 576 -6.85 48.79 23.72
C ASP A 576 -6.92 48.39 22.26
N HIS A 577 -6.08 47.43 21.89
CA HIS A 577 -6.06 46.89 20.54
C HIS A 577 -7.33 46.09 20.28
N ILE A 578 -7.70 45.23 21.23
CA ILE A 578 -8.91 44.44 21.13
C ILE A 578 -10.13 45.33 20.91
N VAL A 579 -10.29 46.32 21.80
CA VAL A 579 -11.40 47.25 21.69
C VAL A 579 -11.38 47.90 20.32
N SER A 580 -10.17 48.24 19.86
CA SER A 580 -10.01 48.86 18.56
C SER A 580 -10.60 47.97 17.47
N CYS A 581 -10.11 46.74 17.41
CA CYS A 581 -10.59 45.76 16.45
C CYS A 581 -12.08 45.56 16.65
N ILE A 582 -12.49 45.49 17.90
CA ILE A 582 -13.89 45.31 18.20
C ILE A 582 -14.65 46.43 17.52
N SER A 583 -14.13 47.64 17.62
CA SER A 583 -14.77 48.80 17.01
C SER A 583 -14.91 48.63 15.50
N ASP A 584 -13.78 48.44 14.83
CA ASP A 584 -13.80 48.31 13.38
C ASP A 584 -14.87 47.30 12.96
N PHE A 585 -14.84 46.14 13.59
CA PHE A 585 -15.76 45.06 13.25
C PHE A 585 -17.22 45.48 13.37
N LEU A 586 -17.53 46.27 14.40
CA LEU A 586 -18.87 46.80 14.54
C LEU A 586 -19.18 47.55 13.26
N ASP A 587 -18.17 48.21 12.71
CA ASP A 587 -18.28 48.87 11.42
C ASP A 587 -18.45 47.82 10.31
N TYR A 588 -17.44 46.96 10.18
CA TYR A 588 -17.45 45.91 9.17
C TYR A 588 -18.83 45.29 8.99
N MET A 589 -19.57 45.18 10.08
CA MET A 589 -20.92 44.63 10.03
C MET A 589 -21.95 45.73 9.87
N GLY A 590 -21.51 46.97 10.12
CA GLY A 590 -22.42 48.11 10.07
C GLY A 590 -23.51 47.98 11.12
N ILE A 591 -23.10 47.75 12.36
CA ILE A 591 -24.03 47.64 13.47
C ILE A 591 -23.52 48.47 14.63
N LYS A 592 -22.78 49.53 14.31
CA LYS A 592 -22.23 50.41 15.32
C LYS A 592 -23.33 51.25 15.95
N GLY A 593 -23.31 51.34 17.28
CA GLY A 593 -24.34 52.09 18.00
C GLY A 593 -24.96 51.27 19.10
N PRO A 594 -25.97 50.45 18.75
CA PRO A 594 -26.66 49.63 19.73
C PRO A 594 -25.71 49.04 20.77
N ARG A 595 -26.24 48.76 21.96
CA ARG A 595 -25.48 48.13 23.03
C ARG A 595 -25.86 46.66 23.07
N MET A 596 -24.95 45.80 22.64
CA MET A 596 -25.25 44.38 22.57
C MET A 596 -24.42 43.57 23.56
N PRO A 597 -24.89 42.35 23.86
CA PRO A 597 -24.19 41.43 24.74
C PRO A 597 -22.97 40.87 24.06
N LEU A 598 -21.86 40.77 24.80
CA LEU A 598 -20.63 40.26 24.23
C LEU A 598 -20.14 39.04 24.98
N GLY A 599 -19.98 37.93 24.26
CA GLY A 599 -19.41 36.72 24.82
C GLY A 599 -17.93 36.69 24.55
N PHE A 600 -17.14 36.85 25.61
CA PHE A 600 -15.70 36.99 25.48
C PHE A 600 -14.99 35.67 25.73
N THR A 601 -14.59 34.99 24.65
CA THR A 601 -13.86 33.74 24.75
C THR A 601 -12.37 33.97 24.97
N PHE A 602 -11.95 33.78 26.21
CA PHE A 602 -10.58 34.02 26.61
C PHE A 602 -9.98 32.67 26.98
N SER A 603 -8.98 32.23 26.20
CA SER A 603 -8.43 30.89 26.38
C SER A 603 -7.26 30.88 27.35
N PHE A 604 -7.52 31.28 28.59
CA PHE A 604 -6.50 31.27 29.61
C PHE A 604 -7.16 31.00 30.96
N PRO A 605 -6.44 30.28 31.84
CA PRO A 605 -7.01 29.89 33.12
C PRO A 605 -7.53 31.09 33.92
N CYS A 606 -8.84 31.10 34.18
CA CYS A 606 -9.47 32.20 34.90
C CYS A 606 -10.23 31.73 36.14
N GLN A 607 -10.05 32.45 37.24
CA GLN A 607 -10.83 32.21 38.44
C GLN A 607 -12.12 32.99 38.32
N GLN A 608 -13.23 32.29 38.19
CA GLN A 608 -14.52 32.95 38.02
C GLN A 608 -15.40 32.89 39.27
N THR A 609 -16.09 33.99 39.57
CA THR A 609 -16.98 34.06 40.71
C THR A 609 -18.41 34.14 40.19
N SER A 610 -18.51 34.35 38.89
CA SER A 610 -19.78 34.49 38.19
C SER A 610 -19.48 34.41 36.70
N LEU A 611 -20.52 34.30 35.89
CA LEU A 611 -20.29 34.21 34.46
C LEU A 611 -19.58 35.44 33.89
N ASP A 612 -19.89 36.62 34.43
CA ASP A 612 -19.35 37.85 33.88
C ASP A 612 -18.07 38.34 34.56
N ALA A 613 -17.54 37.55 35.49
CA ALA A 613 -16.32 37.93 36.16
C ALA A 613 -15.27 36.84 36.02
N GLY A 614 -14.11 37.22 35.49
CA GLY A 614 -13.01 36.27 35.36
C GLY A 614 -11.68 36.94 35.63
N ILE A 615 -10.98 36.48 36.66
CA ILE A 615 -9.69 37.04 36.97
C ILE A 615 -8.60 36.13 36.43
N LEU A 616 -7.77 36.67 35.56
CA LEU A 616 -6.68 35.90 35.00
C LEU A 616 -5.86 35.25 36.11
N ILE A 617 -5.62 33.96 35.99
CA ILE A 617 -4.78 33.25 36.96
C ILE A 617 -3.31 33.36 36.55
N THR A 618 -3.02 32.97 35.31
CA THR A 618 -1.65 32.97 34.82
C THR A 618 -1.67 32.95 33.29
N TRP A 619 -0.69 33.60 32.68
CA TRP A 619 -0.56 33.55 31.24
C TRP A 619 -0.13 32.17 30.80
N THR A 620 -0.62 31.75 29.65
CA THR A 620 -0.16 30.50 29.07
C THR A 620 0.17 30.74 27.60
N LYS A 621 0.92 29.82 27.03
CA LYS A 621 1.19 29.86 25.61
C LYS A 621 2.02 31.08 25.21
N GLY A 622 1.60 31.73 24.13
CA GLY A 622 2.36 32.83 23.54
C GLY A 622 2.33 34.12 24.34
N PHE A 623 1.29 34.31 25.13
CA PHE A 623 1.04 35.59 25.78
C PHE A 623 1.77 35.84 27.09
N LYS A 624 2.22 37.07 27.25
CA LYS A 624 2.69 37.58 28.55
C LYS A 624 2.42 39.08 28.65
N ALA A 625 1.17 39.49 28.49
CA ALA A 625 0.85 40.90 28.64
C ALA A 625 1.04 41.30 30.09
N THR A 626 1.68 42.44 30.30
CA THR A 626 1.95 42.93 31.65
C THR A 626 0.70 43.47 32.33
N ASP A 627 0.70 43.45 33.65
CA ASP A 627 -0.41 43.95 34.44
C ASP A 627 -1.75 43.43 33.93
N CYS A 628 -1.84 42.10 33.88
CA CYS A 628 -3.08 41.42 33.55
C CYS A 628 -3.38 40.38 34.61
N VAL A 629 -2.38 39.59 34.96
CA VAL A 629 -2.55 38.60 35.99
C VAL A 629 -3.11 39.27 37.25
N GLY A 630 -4.10 38.64 37.85
CA GLY A 630 -4.71 39.18 39.07
C GLY A 630 -5.94 40.00 38.75
N HIS A 631 -5.98 40.56 37.55
CA HIS A 631 -7.12 41.39 37.14
C HIS A 631 -8.28 40.57 36.58
N ASP A 632 -9.48 41.14 36.66
CA ASP A 632 -10.65 40.58 36.01
C ASP A 632 -10.58 41.00 34.55
N VAL A 633 -10.52 40.02 33.65
CA VAL A 633 -10.38 40.35 32.24
C VAL A 633 -11.56 41.17 31.73
N VAL A 634 -12.76 40.84 32.19
CA VAL A 634 -13.95 41.62 31.86
C VAL A 634 -13.66 43.08 32.13
N THR A 635 -13.23 43.38 33.35
CA THR A 635 -12.84 44.72 33.74
C THR A 635 -11.86 45.28 32.71
N LEU A 636 -10.66 44.71 32.66
CA LEU A 636 -9.62 45.16 31.73
C LEU A 636 -10.19 45.51 30.37
N LEU A 637 -11.28 44.84 30.00
CA LEU A 637 -11.94 45.09 28.73
C LEU A 637 -12.79 46.36 28.83
N ARG A 638 -13.78 46.33 29.70
CA ARG A 638 -14.62 47.49 29.95
C ARG A 638 -13.77 48.75 30.04
N ASP A 639 -12.66 48.66 30.76
CA ASP A 639 -11.75 49.79 30.94
C ASP A 639 -11.30 50.38 29.60
N ALA A 640 -10.90 49.53 28.68
CA ALA A 640 -10.47 49.98 27.36
C ALA A 640 -11.67 50.50 26.56
N ILE A 641 -12.86 50.03 26.95
CA ILE A 641 -14.11 50.44 26.32
C ILE A 641 -14.45 51.90 26.67
N LYS A 642 -14.49 52.20 27.96
CA LYS A 642 -14.73 53.55 28.43
C LYS A 642 -13.68 54.47 27.83
N ARG A 643 -12.43 54.00 27.81
CA ARG A 643 -11.30 54.78 27.33
C ARG A 643 -11.46 55.25 25.88
N ARG A 644 -11.94 54.38 25.02
CA ARG A 644 -12.22 54.78 23.65
C ARG A 644 -13.49 55.62 23.62
N GLU A 645 -14.43 55.26 24.49
CA GLU A 645 -15.67 56.01 24.64
C GLU A 645 -16.37 56.15 23.31
N GLU A 646 -16.23 55.12 22.47
CA GLU A 646 -16.85 55.13 21.16
C GLU A 646 -18.20 54.41 21.18
N PHE A 647 -18.16 53.10 21.39
CA PHE A 647 -19.36 52.29 21.45
C PHE A 647 -19.52 51.76 22.87
N ASP A 648 -20.62 51.06 23.14
CA ASP A 648 -20.82 50.47 24.46
C ASP A 648 -21.33 49.04 24.36
N LEU A 649 -20.77 48.17 25.17
CA LEU A 649 -21.14 46.76 25.17
C LEU A 649 -21.57 46.27 26.53
N ASP A 650 -22.36 45.20 26.53
CA ASP A 650 -22.82 44.58 27.76
C ASP A 650 -22.19 43.21 27.90
N VAL A 651 -20.89 43.16 28.18
CA VAL A 651 -20.20 41.89 28.32
C VAL A 651 -20.96 41.00 29.28
N VAL A 652 -21.56 39.94 28.74
CA VAL A 652 -22.39 39.07 29.54
C VAL A 652 -21.63 37.85 30.06
N ALA A 653 -20.43 37.62 29.53
CA ALA A 653 -19.70 36.45 29.97
C ALA A 653 -18.30 36.32 29.40
N VAL A 654 -17.46 35.63 30.17
CA VAL A 654 -16.15 35.23 29.74
C VAL A 654 -16.23 33.72 29.61
N VAL A 655 -15.59 33.18 28.58
CA VAL A 655 -15.70 31.75 28.33
C VAL A 655 -14.42 31.17 27.76
N ASN A 656 -14.02 30.03 28.31
CA ASN A 656 -12.86 29.32 27.84
C ASN A 656 -13.18 28.52 26.58
N ASP A 657 -12.22 28.42 25.67
CA ASP A 657 -12.42 27.74 24.39
C ASP A 657 -12.81 26.27 24.55
N THR A 658 -12.40 25.63 25.64
CA THR A 658 -12.85 24.27 25.89
C THR A 658 -14.35 24.31 26.07
N VAL A 659 -14.80 25.16 26.98
CA VAL A 659 -16.23 25.30 27.22
C VAL A 659 -16.94 25.73 25.96
N GLY A 660 -16.51 26.85 25.39
CA GLY A 660 -17.11 27.36 24.16
C GLY A 660 -17.31 26.27 23.12
N THR A 661 -16.29 25.43 22.94
CA THR A 661 -16.31 24.37 21.94
C THR A 661 -17.33 23.28 22.26
N MET A 662 -17.47 22.96 23.54
CA MET A 662 -18.46 21.98 23.93
C MET A 662 -19.82 22.52 23.54
N MET A 663 -20.11 23.74 23.98
CA MET A 663 -21.37 24.41 23.69
C MET A 663 -21.65 24.50 22.20
N THR A 664 -20.64 24.87 21.41
CA THR A 664 -20.78 24.89 19.97
C THR A 664 -21.32 23.56 19.48
N CYS A 665 -20.57 22.51 19.76
CA CYS A 665 -20.91 21.17 19.34
C CYS A 665 -22.18 20.61 20.00
N ALA A 666 -22.42 20.99 21.25
CA ALA A 666 -23.60 20.50 21.96
C ALA A 666 -24.88 21.04 21.34
N TYR A 667 -24.80 22.22 20.74
CA TYR A 667 -25.96 22.86 20.12
C TYR A 667 -26.75 21.89 19.28
N GLU A 668 -26.03 21.09 18.48
CA GLU A 668 -26.65 20.12 17.59
C GLU A 668 -26.61 18.74 18.21
N GLU A 669 -25.52 18.44 18.89
CA GLU A 669 -25.34 17.14 19.50
C GLU A 669 -25.43 17.24 21.02
N PRO A 670 -26.62 16.98 21.57
CA PRO A 670 -26.98 17.13 22.98
C PRO A 670 -26.39 16.05 23.89
N THR A 671 -25.78 15.03 23.31
CA THR A 671 -25.13 14.00 24.11
C THR A 671 -23.70 14.42 24.37
N CYS A 672 -23.37 15.62 23.95
CA CYS A 672 -22.03 16.16 24.13
C CYS A 672 -21.93 16.87 25.46
N GLU A 673 -20.93 16.49 26.25
CA GLU A 673 -20.73 17.07 27.58
C GLU A 673 -19.25 17.25 27.89
N VAL A 674 -18.42 17.27 26.84
CA VAL A 674 -16.98 17.40 27.02
C VAL A 674 -16.38 18.30 25.94
N GLY A 675 -15.44 19.13 26.34
CA GLY A 675 -14.73 19.98 25.40
C GLY A 675 -13.26 19.62 25.36
N LEU A 676 -12.73 19.45 24.15
CA LEU A 676 -11.31 19.13 23.99
C LEU A 676 -10.66 20.06 22.98
N ILE A 677 -9.51 20.61 23.35
CA ILE A 677 -8.80 21.53 22.49
C ILE A 677 -7.36 21.09 22.38
N VAL A 678 -7.01 20.44 21.28
CA VAL A 678 -5.62 20.12 21.02
C VAL A 678 -5.13 21.00 19.88
N GLY A 679 -4.70 22.21 20.23
CA GLY A 679 -4.16 23.15 19.27
C GLY A 679 -2.88 23.80 19.78
N THR A 680 -2.85 25.13 19.76
CA THR A 680 -1.68 25.84 20.25
C THR A 680 -1.31 25.24 21.59
N GLY A 681 -2.21 25.36 22.56
CA GLY A 681 -2.06 24.66 23.83
C GLY A 681 -3.07 23.53 23.89
N SER A 682 -3.13 22.82 25.03
CA SER A 682 -4.12 21.75 25.18
C SER A 682 -4.86 21.82 26.50
N ASN A 683 -6.12 21.42 26.50
CA ASN A 683 -6.95 21.55 27.69
C ASN A 683 -8.32 20.93 27.47
N ALA A 684 -9.07 20.72 28.55
CA ALA A 684 -10.36 20.04 28.43
C ALA A 684 -11.41 20.53 29.44
N CYS A 685 -12.67 20.26 29.12
CA CYS A 685 -13.77 20.62 30.01
C CYS A 685 -14.88 19.57 29.92
N TYR A 686 -15.68 19.49 30.98
CA TYR A 686 -16.75 18.51 31.02
C TYR A 686 -17.79 18.93 32.04
N MET A 687 -18.96 18.29 31.96
CA MET A 687 -20.06 18.59 32.87
C MET A 687 -19.91 17.83 34.18
N GLU A 688 -19.49 18.54 35.22
CA GLU A 688 -19.35 17.92 36.54
C GLU A 688 -20.59 18.16 37.39
N GLU A 689 -20.87 17.24 38.31
CA GLU A 689 -22.00 17.35 39.22
C GLU A 689 -21.76 18.43 40.25
N MET A 690 -22.66 19.40 40.32
CA MET A 690 -22.54 20.52 41.25
C MET A 690 -22.20 20.09 42.67
N LYS A 691 -22.64 18.89 43.04
CA LYS A 691 -22.42 18.38 44.38
C LYS A 691 -20.95 18.11 44.63
N ASN A 692 -20.16 18.04 43.55
CA ASN A 692 -18.73 17.74 43.63
C ASN A 692 -17.86 18.98 43.48
N VAL A 693 -18.44 20.04 42.92
CA VAL A 693 -17.73 21.30 42.77
C VAL A 693 -17.63 22.01 44.11
N GLU A 694 -16.92 21.39 45.04
CA GLU A 694 -16.80 21.92 46.39
C GLU A 694 -16.36 23.38 46.44
N MET A 695 -16.20 24.01 45.29
CA MET A 695 -15.71 25.40 45.26
C MET A 695 -16.80 26.37 44.89
N VAL A 696 -17.98 25.84 44.58
CA VAL A 696 -19.11 26.67 44.24
C VAL A 696 -20.31 26.28 45.08
N GLU A 697 -20.74 27.21 45.94
CA GLU A 697 -21.85 26.93 46.85
C GLU A 697 -23.01 26.34 46.08
N GLY A 698 -23.67 25.37 46.70
CA GLY A 698 -24.78 24.68 46.06
C GLY A 698 -24.35 23.29 45.66
N ASP A 699 -25.31 22.44 45.36
CA ASP A 699 -25.03 21.09 44.90
C ASP A 699 -26.25 20.51 44.19
N GLN A 700 -26.90 21.36 43.41
CA GLN A 700 -28.00 20.94 42.56
C GLN A 700 -27.59 21.05 41.10
N GLY A 701 -28.05 20.11 40.28
CA GLY A 701 -27.75 20.13 38.86
C GLY A 701 -26.27 20.02 38.58
N GLN A 702 -25.85 20.50 37.42
CA GLN A 702 -24.45 20.38 37.00
C GLN A 702 -23.82 21.72 36.74
N MET A 703 -22.56 21.67 36.35
CA MET A 703 -21.77 22.86 36.04
C MET A 703 -20.59 22.41 35.22
N CYS A 704 -20.40 23.03 34.05
CA CYS A 704 -19.26 22.69 33.22
C CYS A 704 -17.96 23.20 33.83
N ILE A 705 -17.02 22.29 34.07
CA ILE A 705 -15.75 22.63 34.67
C ILE A 705 -14.66 22.86 33.63
N ASN A 706 -13.96 23.98 33.75
CA ASN A 706 -12.78 24.21 32.92
C ASN A 706 -11.55 23.59 33.55
N MET A 707 -11.21 22.38 33.13
CA MET A 707 -10.14 21.62 33.75
C MET A 707 -8.81 22.35 33.84
N GLU A 708 -8.37 22.92 32.72
CA GLU A 708 -7.03 23.49 32.65
C GLU A 708 -6.02 22.41 32.99
N TRP A 709 -5.98 21.36 32.16
CA TRP A 709 -5.16 20.19 32.48
C TRP A 709 -3.75 20.32 31.96
N GLY A 710 -3.42 21.48 31.40
CA GLY A 710 -2.06 21.74 30.97
C GLY A 710 -1.12 21.69 32.15
N ALA A 711 -1.57 22.22 33.27
CA ALA A 711 -0.74 22.30 34.46
C ALA A 711 -0.44 20.93 35.04
N PHE A 712 -1.13 19.92 34.54
CA PHE A 712 -0.89 18.56 35.00
C PHE A 712 0.61 18.28 34.95
N GLY A 713 1.13 17.61 35.97
CA GLY A 713 2.56 17.32 36.03
C GLY A 713 3.39 18.48 36.56
N ASP A 714 2.76 19.63 36.73
CA ASP A 714 3.46 20.84 37.18
C ASP A 714 3.92 20.74 38.63
N ASN A 715 3.30 19.84 39.38
CA ASN A 715 3.67 19.59 40.76
C ASN A 715 4.59 18.38 40.85
N GLY A 716 5.11 17.92 39.72
CA GLY A 716 6.05 16.81 39.70
C GLY A 716 5.51 15.46 39.28
N CYS A 717 4.19 15.29 39.28
CA CYS A 717 3.59 13.97 39.02
C CYS A 717 3.80 13.43 37.61
N LEU A 718 4.67 14.07 36.83
CA LEU A 718 4.93 13.59 35.47
C LEU A 718 6.42 13.49 35.16
N ASP A 719 7.27 13.99 36.06
CA ASP A 719 8.71 13.89 35.89
C ASP A 719 9.05 12.44 35.57
N ASP A 720 8.12 11.57 35.94
CA ASP A 720 8.22 10.14 35.74
C ASP A 720 8.43 9.80 34.27
N ILE A 721 7.68 10.46 33.39
CA ILE A 721 7.69 10.13 31.97
C ILE A 721 8.28 11.24 31.12
N ARG A 722 8.80 12.29 31.77
CA ARG A 722 9.38 13.41 31.04
C ARG A 722 10.84 13.16 30.69
N THR A 723 11.26 13.67 29.53
CA THR A 723 12.62 13.43 29.06
C THR A 723 13.49 14.67 29.03
N HIS A 724 14.79 14.43 28.92
CA HIS A 724 15.76 15.49 28.75
C HIS A 724 15.18 16.55 27.84
N TYR A 725 14.73 16.14 26.66
CA TYR A 725 14.24 17.06 25.65
C TYR A 725 13.04 17.87 26.15
N ASP A 726 12.17 17.21 26.89
CA ASP A 726 11.02 17.91 27.45
C ASP A 726 11.52 19.04 28.33
N ARG A 727 12.54 18.76 29.11
CA ARG A 727 13.02 19.74 30.08
C ARG A 727 13.65 20.95 29.39
N LEU A 728 14.39 20.71 28.31
CA LEU A 728 14.94 21.80 27.53
C LEU A 728 13.83 22.70 26.97
N VAL A 729 12.78 22.09 26.44
CA VAL A 729 11.67 22.86 25.89
C VAL A 729 10.99 23.70 26.96
N ASP A 730 10.63 23.05 28.06
CA ASP A 730 9.97 23.72 29.16
C ASP A 730 10.89 24.75 29.78
N GLU A 731 12.19 24.50 29.71
CA GLU A 731 13.13 25.40 30.36
C GLU A 731 13.31 26.69 29.59
N TYR A 732 13.30 26.59 28.26
CA TYR A 732 13.46 27.76 27.42
C TYR A 732 12.12 28.41 27.11
N SER A 733 11.06 27.80 27.61
CA SER A 733 9.72 28.31 27.42
C SER A 733 9.55 29.66 28.08
N LEU A 734 8.46 30.34 27.74
CA LEU A 734 8.08 31.58 28.40
C LEU A 734 7.63 31.34 29.82
N ASN A 735 7.06 30.16 30.07
CA ASN A 735 6.56 29.81 31.39
C ASN A 735 7.20 28.54 31.94
N ALA A 736 8.49 28.62 32.25
CA ALA A 736 9.24 27.46 32.74
C ALA A 736 8.57 26.73 33.90
N GLY A 737 8.52 25.41 33.81
CA GLY A 737 7.96 24.60 34.87
C GLY A 737 6.45 24.69 34.99
N LYS A 738 5.81 25.20 33.94
CA LYS A 738 4.35 25.30 33.92
C LYS A 738 3.75 24.71 32.64
N GLN A 739 2.47 24.37 32.72
CA GLN A 739 1.77 23.73 31.61
C GLN A 739 2.58 22.57 31.07
N ARG A 740 3.21 21.81 31.96
CA ARG A 740 4.12 20.73 31.56
C ARG A 740 3.45 19.64 30.74
N TYR A 741 2.28 19.19 31.17
CA TYR A 741 1.54 18.15 30.48
C TYR A 741 1.22 18.62 29.06
N GLU A 742 0.77 19.87 28.95
CA GLU A 742 0.40 20.48 27.67
C GLU A 742 1.60 20.55 26.74
N LYS A 743 2.76 20.86 27.28
CA LYS A 743 3.99 20.99 26.51
C LYS A 743 4.53 19.65 26.03
N MET A 744 3.71 18.61 26.12
CA MET A 744 4.05 17.29 25.58
C MET A 744 2.97 16.88 24.59
N ILE A 745 2.04 17.79 24.33
CA ILE A 745 0.87 17.49 23.52
C ILE A 745 0.61 18.52 22.42
N SER A 746 0.57 19.79 22.78
CA SER A 746 0.10 20.83 21.86
C SER A 746 1.10 21.29 20.81
N GLY A 747 0.56 21.74 19.68
CA GLY A 747 1.35 22.15 18.52
C GLY A 747 2.42 23.19 18.78
N MET A 748 2.20 24.05 19.76
CA MET A 748 3.17 25.09 20.02
C MET A 748 4.45 24.53 20.64
N TYR A 749 4.47 23.23 20.92
CA TYR A 749 5.61 22.63 21.61
C TYR A 749 6.17 21.35 20.98
N LEU A 750 5.31 20.51 20.42
CA LEU A 750 5.81 19.27 19.85
C LEU A 750 7.01 19.57 18.98
N GLY A 751 6.86 20.53 18.07
CA GLY A 751 7.93 20.88 17.14
C GLY A 751 9.23 21.12 17.90
N GLU A 752 9.12 21.90 18.96
CA GLU A 752 10.29 22.25 19.76
C GLU A 752 10.90 21.03 20.42
N ILE A 753 10.07 20.04 20.75
CA ILE A 753 10.60 18.79 21.27
C ILE A 753 11.43 18.12 20.19
N VAL A 754 10.85 18.02 19.00
CA VAL A 754 11.54 17.41 17.87
C VAL A 754 12.85 18.12 17.59
N ARG A 755 12.80 19.43 17.54
CA ARG A 755 14.00 20.21 17.24
C ARG A 755 15.14 19.82 18.16
N ASN A 756 14.84 19.69 19.44
CA ASN A 756 15.87 19.32 20.41
C ASN A 756 16.39 17.91 20.18
N ILE A 757 15.50 16.98 19.86
CA ILE A 757 15.94 15.62 19.57
C ILE A 757 16.93 15.63 18.41
N LEU A 758 16.52 16.25 17.30
CA LEU A 758 17.36 16.32 16.12
C LEU A 758 18.69 17.00 16.41
N ILE A 759 18.64 18.19 16.99
CA ILE A 759 19.84 18.89 17.36
C ILE A 759 20.80 17.93 18.06
N ASP A 760 20.27 17.19 19.02
CA ASP A 760 21.05 16.23 19.77
C ASP A 760 21.64 15.14 18.86
N PHE A 761 20.79 14.55 18.03
CA PHE A 761 21.23 13.51 17.11
C PHE A 761 22.25 14.05 16.12
N THR A 762 22.24 15.35 15.91
CA THR A 762 23.19 15.95 14.97
C THR A 762 24.57 16.03 15.61
N LYS A 763 24.64 16.54 16.84
CA LYS A 763 25.89 16.59 17.60
C LYS A 763 26.43 15.19 17.82
N LYS A 764 25.54 14.20 17.84
CA LYS A 764 25.97 12.82 18.00
C LYS A 764 26.45 12.30 16.66
N GLY A 765 26.17 13.05 15.59
CA GLY A 765 26.64 12.71 14.26
C GLY A 765 25.67 11.94 13.38
N PHE A 766 24.48 11.67 13.89
CA PHE A 766 23.50 10.82 13.20
C PHE A 766 22.80 11.49 12.02
N LEU A 767 22.85 12.82 12.00
CA LEU A 767 22.11 13.58 11.00
C LEU A 767 22.99 14.65 10.41
N PHE A 768 22.66 15.08 9.20
CA PHE A 768 23.23 16.30 8.66
C PHE A 768 24.74 16.35 8.80
N ARG A 769 25.39 15.20 8.64
CA ARG A 769 26.84 15.14 8.76
C ARG A 769 27.34 15.94 9.95
N GLY A 770 26.67 15.79 11.10
CA GLY A 770 27.11 16.40 12.34
C GLY A 770 27.28 17.91 12.36
N GLN A 771 26.69 18.59 11.38
CA GLN A 771 26.76 20.04 11.35
C GLN A 771 25.41 20.67 11.67
N ILE A 772 25.33 21.31 12.84
CA ILE A 772 24.10 21.97 13.27
C ILE A 772 23.85 23.22 12.45
N SER A 773 22.90 23.12 11.52
CA SER A 773 22.54 24.24 10.67
C SER A 773 21.98 25.40 11.50
N GLU A 774 22.30 26.63 11.11
CA GLU A 774 21.74 27.81 11.76
C GLU A 774 20.23 27.69 11.81
N THR A 775 19.66 27.09 10.78
CA THR A 775 18.23 26.85 10.68
C THR A 775 17.73 26.06 11.89
N LEU A 776 18.29 24.86 12.05
CA LEU A 776 17.91 23.93 13.12
C LEU A 776 17.89 24.58 14.49
N LYS A 777 18.60 25.69 14.65
CA LYS A 777 18.68 26.38 15.93
C LYS A 777 17.60 27.42 16.05
N THR A 778 16.91 27.69 14.95
CA THR A 778 15.78 28.60 14.96
C THR A 778 14.60 27.91 15.65
N ARG A 779 14.05 28.54 16.67
CA ARG A 779 12.93 27.95 17.38
C ARG A 779 11.62 28.32 16.70
N GLY A 780 10.73 27.35 16.56
CA GLY A 780 9.45 27.56 15.89
C GLY A 780 9.45 26.90 14.53
N ILE A 781 10.64 26.48 14.11
CA ILE A 781 10.85 25.80 12.84
C ILE A 781 9.76 24.78 12.50
N PHE A 782 9.60 23.78 13.36
CA PHE A 782 8.66 22.71 13.09
C PHE A 782 7.25 23.03 13.54
N GLU A 783 6.59 23.92 12.79
CA GLU A 783 5.20 24.29 13.05
C GLU A 783 4.28 23.08 12.96
N THR A 784 3.04 23.25 13.45
CA THR A 784 2.03 22.21 13.36
C THR A 784 1.80 21.90 11.88
N LYS A 785 1.77 22.94 11.07
CA LYS A 785 1.56 22.80 9.63
C LYS A 785 2.53 21.79 9.04
N PHE A 786 3.82 21.98 9.30
CA PHE A 786 4.85 21.12 8.75
C PHE A 786 4.84 19.73 9.38
N LEU A 787 4.75 19.65 10.70
CA LEU A 787 4.75 18.37 11.37
C LEU A 787 3.72 17.45 10.76
N SER A 788 2.58 18.01 10.41
CA SER A 788 1.50 17.23 9.82
C SER A 788 1.94 16.70 8.48
N GLN A 789 2.61 17.52 7.69
CA GLN A 789 3.06 17.10 6.37
C GLN A 789 4.02 15.93 6.46
N ILE A 790 5.13 16.11 7.18
CA ILE A 790 6.13 15.06 7.28
C ILE A 790 5.50 13.69 7.56
N GLU A 791 4.52 13.67 8.45
CA GLU A 791 3.97 12.41 8.93
C GLU A 791 2.84 11.89 8.05
N SER A 792 2.55 12.61 6.97
CA SER A 792 1.53 12.18 6.03
C SER A 792 1.81 10.74 5.63
N ASP A 793 0.75 9.99 5.32
CA ASP A 793 0.92 8.58 4.97
C ASP A 793 1.37 8.37 3.53
N ARG A 794 2.02 7.23 3.29
CA ARG A 794 2.47 6.87 1.95
C ARG A 794 3.05 8.09 1.23
N LEU A 795 4.02 8.74 1.86
CA LEU A 795 4.68 9.89 1.26
C LEU A 795 6.06 9.49 0.77
N ALA A 796 6.51 10.13 -0.30
CA ALA A 796 7.81 9.81 -0.88
C ALA A 796 8.93 10.53 -0.15
N LEU A 797 10.02 9.82 0.11
CA LEU A 797 11.16 10.41 0.76
C LEU A 797 11.57 11.66 -0.02
N LEU A 798 11.52 11.55 -1.33
CA LEU A 798 11.84 12.67 -2.19
C LEU A 798 10.98 13.87 -1.80
N GLN A 799 9.77 13.58 -1.33
CA GLN A 799 8.86 14.61 -0.86
C GLN A 799 9.28 15.11 0.53
N VAL A 800 9.49 14.18 1.44
CA VAL A 800 9.91 14.51 2.81
C VAL A 800 11.23 15.28 2.81
N ARG A 801 12.14 14.88 1.93
CA ARG A 801 13.41 15.58 1.79
C ARG A 801 13.13 16.98 1.26
N ALA A 802 12.09 17.08 0.43
CA ALA A 802 11.69 18.35 -0.13
C ALA A 802 11.19 19.28 0.95
N ILE A 803 10.32 18.76 1.82
CA ILE A 803 9.75 19.55 2.91
C ILE A 803 10.83 20.04 3.86
N LEU A 804 11.84 19.20 4.10
CA LEU A 804 12.93 19.56 4.99
C LEU A 804 13.79 20.69 4.43
N GLN A 805 14.12 20.60 3.14
CA GLN A 805 14.92 21.64 2.51
C GLN A 805 14.12 22.93 2.35
N GLN A 806 12.81 22.84 2.44
CA GLN A 806 11.96 24.02 2.49
C GLN A 806 12.24 24.82 3.74
N LEU A 807 12.13 24.16 4.89
CA LEU A 807 12.45 24.80 6.17
C LEU A 807 13.92 25.22 6.22
N GLY A 808 14.67 24.85 5.18
CA GLY A 808 16.07 25.20 5.11
C GLY A 808 16.98 24.08 5.58
N LEU A 809 16.39 22.96 5.97
CA LEU A 809 17.18 21.82 6.38
C LEU A 809 17.62 21.02 5.18
N ASN A 810 18.89 21.18 4.80
CA ASN A 810 19.45 20.39 3.71
C ASN A 810 19.64 18.95 4.16
N SER A 811 18.65 18.10 3.88
CA SER A 811 18.68 16.73 4.36
C SER A 811 18.71 15.73 3.23
N THR A 812 19.35 14.59 3.49
CA THR A 812 19.42 13.50 2.54
C THR A 812 18.26 12.54 2.76
N CYS A 813 18.28 11.42 2.04
CA CYS A 813 17.24 10.42 2.19
C CYS A 813 17.24 9.81 3.59
N ASP A 814 18.39 9.31 4.01
CA ASP A 814 18.49 8.70 5.34
C ASP A 814 18.10 9.68 6.44
N ASP A 815 18.51 10.93 6.30
CA ASP A 815 18.13 11.96 7.24
C ASP A 815 16.61 12.10 7.31
N SER A 816 16.01 12.34 6.15
CA SER A 816 14.57 12.50 6.06
C SER A 816 13.85 11.34 6.75
N ILE A 817 14.41 10.15 6.62
CA ILE A 817 13.81 8.98 7.25
C ILE A 817 13.84 9.10 8.77
N LEU A 818 14.97 9.53 9.30
CA LEU A 818 15.12 9.64 10.74
C LEU A 818 14.24 10.75 11.30
N VAL A 819 14.30 11.91 10.66
CA VAL A 819 13.46 13.03 11.09
C VAL A 819 12.02 12.54 11.17
N LYS A 820 11.56 11.91 10.10
CA LYS A 820 10.21 11.39 10.06
C LYS A 820 9.99 10.50 11.26
N THR A 821 10.80 9.47 11.42
CA THR A 821 10.67 8.58 12.56
C THR A 821 10.55 9.38 13.84
N VAL A 822 11.41 10.38 13.99
CA VAL A 822 11.38 11.22 15.18
C VAL A 822 10.00 11.84 15.35
N CYS A 823 9.60 12.67 14.41
CA CYS A 823 8.29 13.30 14.47
C CYS A 823 7.22 12.31 14.87
N GLY A 824 7.24 11.15 14.23
CA GLY A 824 6.29 10.11 14.54
C GLY A 824 6.29 9.81 16.02
N VAL A 825 7.47 9.51 16.54
CA VAL A 825 7.59 9.17 17.95
C VAL A 825 6.98 10.23 18.86
N VAL A 826 7.28 11.50 18.64
CA VAL A 826 6.78 12.56 19.51
C VAL A 826 5.27 12.80 19.38
N SER A 827 4.77 12.83 18.15
CA SER A 827 3.33 13.02 17.95
C SER A 827 2.56 11.84 18.56
N ARG A 828 3.06 10.62 18.34
CA ARG A 828 2.42 9.45 18.91
C ARG A 828 2.34 9.54 20.44
N ARG A 829 3.42 9.99 21.09
CA ARG A 829 3.38 10.08 22.53
C ARG A 829 2.33 11.10 22.95
N ALA A 830 2.37 12.28 22.32
CA ALA A 830 1.41 13.33 22.64
C ALA A 830 -0.02 12.80 22.48
N ALA A 831 -0.26 12.07 21.39
CA ALA A 831 -1.59 11.57 21.12
C ALA A 831 -2.04 10.62 22.22
N GLN A 832 -1.11 9.87 22.80
CA GLN A 832 -1.46 8.92 23.85
C GLN A 832 -1.65 9.61 25.21
N LEU A 833 -0.78 10.56 25.53
CA LEU A 833 -0.89 11.30 26.78
C LEU A 833 -2.20 12.06 26.83
N CYS A 834 -2.64 12.52 25.67
CA CYS A 834 -3.90 13.21 25.55
C CYS A 834 -5.04 12.22 25.79
N GLY A 835 -4.89 11.03 25.23
CA GLY A 835 -5.88 9.99 25.42
C GLY A 835 -6.05 9.60 26.87
N ALA A 836 -4.95 9.37 27.57
CA ALA A 836 -5.02 9.02 28.97
C ALA A 836 -5.77 10.13 29.70
N GLY A 837 -5.50 11.36 29.29
CA GLY A 837 -6.17 12.53 29.87
C GLY A 837 -7.67 12.40 29.74
N MET A 838 -8.14 12.18 28.51
CA MET A 838 -9.55 12.03 28.29
C MET A 838 -10.07 10.81 29.04
N ALA A 839 -9.44 9.66 28.80
CA ALA A 839 -9.85 8.41 29.41
C ALA A 839 -10.23 8.60 30.88
N ALA A 840 -9.49 9.45 31.58
CA ALA A 840 -9.78 9.73 32.97
C ALA A 840 -11.07 10.53 33.07
N VAL A 841 -11.21 11.53 32.21
CA VAL A 841 -12.41 12.37 32.20
C VAL A 841 -13.71 11.57 31.98
N VAL A 842 -13.78 10.79 30.91
CA VAL A 842 -15.01 10.04 30.64
C VAL A 842 -15.25 8.96 31.67
N ASP A 843 -14.20 8.30 32.15
CA ASP A 843 -14.39 7.21 33.10
C ASP A 843 -15.00 7.75 34.38
N LYS A 844 -14.77 9.03 34.65
CA LYS A 844 -15.39 9.68 35.79
C LYS A 844 -16.86 9.94 35.50
N ILE A 845 -17.14 10.58 34.36
CA ILE A 845 -18.51 10.82 33.98
C ILE A 845 -19.30 9.52 34.07
N ARG A 846 -18.67 8.41 33.68
CA ARG A 846 -19.31 7.11 33.78
C ARG A 846 -19.73 6.80 35.21
N GLU A 847 -18.89 7.15 36.17
CA GLU A 847 -19.19 6.90 37.58
C GLU A 847 -20.22 7.86 38.13
N ASN A 848 -20.07 9.13 37.80
CA ASN A 848 -21.03 10.16 38.24
C ASN A 848 -22.46 9.77 37.91
N ARG A 849 -22.65 9.08 36.80
CA ARG A 849 -23.98 8.65 36.37
C ARG A 849 -24.25 7.21 36.81
N GLY A 850 -23.24 6.60 37.43
CA GLY A 850 -23.36 5.23 37.92
C GLY A 850 -23.64 4.20 36.84
N LEU A 851 -23.14 4.44 35.63
CA LEU A 851 -23.35 3.52 34.51
C LEU A 851 -22.30 2.42 34.48
N ASP A 852 -22.57 1.38 33.71
CA ASP A 852 -21.59 0.34 33.44
C ASP A 852 -20.90 0.69 32.13
N ARG A 853 -21.71 0.98 31.13
CA ARG A 853 -21.24 1.54 29.87
C ARG A 853 -21.73 2.97 29.79
N LEU A 854 -20.93 3.84 29.20
CA LEU A 854 -21.30 5.24 29.03
C LEU A 854 -21.01 5.71 27.62
N ASN A 855 -22.05 6.20 26.94
CA ASN A 855 -21.87 6.80 25.64
C ASN A 855 -21.73 8.29 25.86
N VAL A 856 -20.74 8.89 25.22
CA VAL A 856 -20.52 10.31 25.39
C VAL A 856 -19.80 10.84 24.17
N THR A 857 -20.00 12.11 23.86
CA THR A 857 -19.27 12.73 22.76
C THR A 857 -18.54 13.97 23.23
N VAL A 858 -17.39 14.22 22.61
CA VAL A 858 -16.56 15.35 22.96
C VAL A 858 -16.51 16.33 21.80
N GLY A 859 -16.50 17.62 22.11
CA GLY A 859 -16.36 18.65 21.08
C GLY A 859 -14.90 19.05 20.95
N VAL A 860 -14.31 18.75 19.79
CA VAL A 860 -12.89 18.99 19.60
C VAL A 860 -12.63 20.16 18.67
N ASP A 861 -11.42 20.70 18.78
CA ASP A 861 -11.01 21.81 17.95
C ASP A 861 -9.53 22.04 18.23
N GLY A 862 -8.82 22.63 17.28
CA GLY A 862 -7.38 22.80 17.42
C GLY A 862 -6.71 22.39 16.13
N THR A 863 -5.77 23.20 15.67
CA THR A 863 -5.12 22.95 14.41
C THR A 863 -4.31 21.65 14.42
N LEU A 864 -3.68 21.33 15.54
CA LEU A 864 -2.94 20.08 15.62
C LEU A 864 -3.90 18.89 15.48
N TYR A 865 -5.06 18.99 16.10
CA TYR A 865 -6.05 17.93 16.01
C TYR A 865 -6.60 17.82 14.59
N LYS A 866 -6.89 18.96 13.97
CA LYS A 866 -7.44 18.97 12.63
C LYS A 866 -6.45 18.50 11.56
N LEU A 867 -5.24 19.06 11.59
CA LEU A 867 -4.27 18.82 10.53
C LEU A 867 -3.46 17.54 10.67
N HIS A 868 -3.13 17.14 11.89
CA HIS A 868 -2.26 15.99 12.06
C HIS A 868 -2.95 14.71 11.61
N PRO A 869 -2.24 13.90 10.80
CA PRO A 869 -2.76 12.69 10.20
C PRO A 869 -2.88 11.51 11.14
N HIS A 870 -2.26 11.57 12.31
CA HIS A 870 -2.35 10.42 13.22
C HIS A 870 -2.88 10.77 14.60
N PHE A 871 -2.66 12.01 15.03
CA PHE A 871 -3.04 12.38 16.39
C PHE A 871 -4.43 11.84 16.77
N SER A 872 -5.48 12.34 16.12
CA SER A 872 -6.82 11.91 16.48
C SER A 872 -6.95 10.39 16.56
N ARG A 873 -6.55 9.68 15.51
CA ARG A 873 -6.71 8.23 15.52
C ARG A 873 -6.09 7.60 16.77
N ILE A 874 -4.80 7.81 16.97
CA ILE A 874 -4.08 7.25 18.11
C ILE A 874 -4.72 7.64 19.44
N MET A 875 -5.23 8.87 19.48
CA MET A 875 -5.86 9.41 20.67
C MET A 875 -7.22 8.77 20.92
N HIS A 876 -7.97 8.51 19.84
CA HIS A 876 -9.23 7.81 19.95
C HIS A 876 -9.01 6.36 20.33
N GLN A 877 -8.06 5.73 19.64
CA GLN A 877 -7.65 4.36 19.96
C GLN A 877 -7.31 4.24 21.43
N THR A 878 -6.59 5.23 21.93
CA THR A 878 -6.11 5.20 23.31
C THR A 878 -7.23 5.31 24.32
N VAL A 879 -8.18 6.19 24.06
CA VAL A 879 -9.32 6.37 24.97
C VAL A 879 -10.16 5.11 25.04
N LYS A 880 -10.21 4.38 23.93
CA LYS A 880 -10.96 3.13 23.84
C LYS A 880 -10.28 2.01 24.64
N GLU A 881 -8.95 1.99 24.63
CA GLU A 881 -8.22 0.96 25.35
C GLU A 881 -8.17 1.23 26.83
N LEU A 882 -8.11 2.50 27.20
CA LEU A 882 -7.93 2.89 28.60
C LEU A 882 -9.25 3.00 29.37
N SER A 883 -10.33 3.23 28.65
CA SER A 883 -11.67 3.26 29.23
C SER A 883 -12.58 2.39 28.41
N PRO A 884 -12.37 1.07 28.47
CA PRO A 884 -13.12 0.08 27.71
C PRO A 884 -14.61 0.14 28.03
N LYS A 885 -14.95 0.73 29.17
CA LYS A 885 -16.35 0.82 29.58
C LYS A 885 -17.06 2.07 29.05
N CYS A 886 -16.31 2.99 28.47
CA CYS A 886 -16.94 4.14 27.83
C CYS A 886 -16.85 4.00 26.33
N ASN A 887 -17.79 4.64 25.63
CA ASN A 887 -17.75 4.70 24.18
C ASN A 887 -17.77 6.15 23.74
N VAL A 888 -16.59 6.68 23.49
CA VAL A 888 -16.43 8.11 23.20
C VAL A 888 -16.45 8.40 21.70
N SER A 889 -17.22 9.41 21.31
CA SER A 889 -17.25 9.86 19.93
C SER A 889 -16.75 11.28 19.86
N PHE A 890 -15.78 11.53 18.98
CA PHE A 890 -15.23 12.87 18.88
C PHE A 890 -15.81 13.64 17.71
N LEU A 891 -16.72 14.55 18.03
CA LEU A 891 -17.31 15.40 17.02
C LEU A 891 -16.40 16.61 16.82
N LEU A 892 -16.07 16.89 15.56
CA LEU A 892 -15.15 17.96 15.23
C LEU A 892 -15.91 19.27 15.00
N SER A 893 -15.57 20.29 15.78
CA SER A 893 -16.18 21.60 15.63
C SER A 893 -15.62 22.28 14.39
N GLU A 894 -16.50 22.84 13.57
CA GLU A 894 -16.04 23.46 12.32
C GLU A 894 -16.30 24.96 12.30
N ASP A 895 -17.06 25.46 13.26
CA ASP A 895 -17.49 26.86 13.26
C ASP A 895 -16.74 27.71 14.27
N GLY A 896 -15.94 27.06 15.12
CA GLY A 896 -15.18 27.77 16.16
C GLY A 896 -15.99 27.92 17.44
N SER A 897 -15.43 28.63 18.42
CA SER A 897 -16.11 28.83 19.69
C SER A 897 -17.28 29.81 19.59
N GLY A 898 -17.17 30.77 18.68
CA GLY A 898 -18.23 31.75 18.48
C GLY A 898 -19.63 31.27 18.85
N LYS A 899 -20.10 30.23 18.17
CA LYS A 899 -21.47 29.76 18.39
C LYS A 899 -21.68 29.37 19.84
N GLY A 900 -20.81 28.50 20.34
CA GLY A 900 -20.93 28.02 21.71
C GLY A 900 -20.95 29.16 22.69
N ALA A 901 -20.04 30.11 22.50
CA ALA A 901 -19.93 31.26 23.38
C ALA A 901 -21.14 32.18 23.25
N ALA A 902 -21.78 32.17 22.08
CA ALA A 902 -23.01 32.93 21.88
C ALA A 902 -24.12 32.26 22.68
N LEU A 903 -24.27 30.95 22.52
CA LEU A 903 -25.23 30.20 23.28
C LEU A 903 -25.02 30.39 24.78
N ILE A 904 -23.77 30.57 25.19
CA ILE A 904 -23.48 30.88 26.57
C ILE A 904 -23.99 32.26 26.90
N THR A 905 -23.58 33.24 26.09
CA THR A 905 -23.98 34.64 26.26
C THR A 905 -25.49 34.80 26.23
N ALA A 906 -26.17 33.90 25.54
CA ALA A 906 -27.62 33.92 25.49
C ALA A 906 -28.19 33.69 26.88
N VAL A 907 -27.82 32.54 27.46
CA VAL A 907 -28.26 32.19 28.81
C VAL A 907 -27.76 33.21 29.82
N GLY A 908 -26.59 33.79 29.55
CA GLY A 908 -26.06 34.85 30.41
C GLY A 908 -27.05 35.99 30.53
N VAL A 909 -27.48 36.51 29.39
CA VAL A 909 -28.43 37.61 29.35
C VAL A 909 -29.75 37.22 30.00
N ARG A 910 -30.14 35.95 29.82
CA ARG A 910 -31.39 35.48 30.40
C ARG A 910 -31.36 35.56 31.92
N LEU A 911 -30.18 35.44 32.50
CA LEU A 911 -30.03 35.54 33.95
C LEU A 911 -29.89 37.00 34.38
N ARG A 912 -29.16 37.77 33.57
CA ARG A 912 -28.96 39.20 33.84
C ARG A 912 -30.28 39.97 33.81
N THR A 913 -30.99 39.86 32.69
CA THR A 913 -32.31 40.45 32.56
C THR A 913 -33.27 39.63 33.41
N GLU A 914 -32.78 39.21 34.58
CA GLU A 914 -33.56 38.40 35.50
C GLU A 914 -33.46 38.95 36.92
N ASP B 16 -5.83 63.88 -16.69
CA ASP B 16 -4.86 62.79 -16.43
C ASP B 16 -4.35 62.82 -15.00
N ASP B 17 -4.44 63.99 -14.37
CA ASP B 17 -4.00 64.18 -12.99
C ASP B 17 -4.59 63.13 -12.05
N GLN B 18 -5.92 63.10 -11.97
CA GLN B 18 -6.65 62.14 -11.16
C GLN B 18 -6.17 60.72 -11.44
N VAL B 19 -6.50 60.23 -12.63
CA VAL B 19 -6.17 58.87 -13.04
C VAL B 19 -4.70 58.54 -12.81
N LYS B 20 -3.82 59.50 -13.09
CA LYS B 20 -2.40 59.32 -12.91
C LYS B 20 -2.09 58.89 -11.48
N LYS B 21 -2.58 59.67 -10.53
CA LYS B 21 -2.31 59.43 -9.11
C LYS B 21 -2.77 58.04 -8.67
N ILE B 22 -4.01 57.69 -9.02
CA ILE B 22 -4.56 56.40 -8.65
C ILE B 22 -3.67 55.25 -9.12
N ASP B 23 -3.30 55.26 -10.40
CA ASP B 23 -2.43 54.23 -10.97
C ASP B 23 -1.15 54.07 -10.16
N LYS B 24 -0.58 55.18 -9.71
CA LYS B 24 0.63 55.13 -8.91
C LYS B 24 0.30 54.60 -7.52
N TYR B 25 -0.95 54.75 -7.13
CA TYR B 25 -1.44 54.31 -5.83
C TYR B 25 -1.61 52.79 -5.81
N LEU B 26 -2.48 52.28 -6.68
CA LEU B 26 -2.74 50.85 -6.78
C LEU B 26 -1.77 50.18 -7.75
N TYR B 27 -0.50 50.58 -7.67
CA TYR B 27 0.51 50.07 -8.60
C TYR B 27 0.66 48.55 -8.55
N ALA B 28 0.68 47.99 -7.34
CA ALA B 28 0.87 46.55 -7.17
C ALA B 28 -0.24 45.72 -7.82
N MET B 29 -1.37 46.36 -8.10
CA MET B 29 -2.51 45.67 -8.69
C MET B 29 -2.55 45.82 -10.21
N ARG B 30 -1.41 46.16 -10.82
CA ARG B 30 -1.33 46.27 -12.26
C ARG B 30 -0.20 45.40 -12.81
N LEU B 31 -0.58 44.22 -13.30
CA LEU B 31 0.37 43.20 -13.68
C LEU B 31 0.94 43.38 -15.09
N SER B 32 2.23 43.17 -15.23
CA SER B 32 2.90 43.35 -16.51
C SER B 32 3.02 42.03 -17.25
N ASP B 33 3.09 42.12 -18.58
CA ASP B 33 3.28 40.93 -19.40
C ASP B 33 4.45 40.11 -18.87
N GLU B 34 5.48 40.79 -18.39
CA GLU B 34 6.63 40.11 -17.79
C GLU B 34 6.19 39.27 -16.62
N THR B 35 5.49 39.91 -15.69
CA THR B 35 5.00 39.25 -14.49
C THR B 35 4.02 38.12 -14.82
N LEU B 36 3.01 38.44 -15.63
CA LEU B 36 2.05 37.42 -16.05
C LEU B 36 2.76 36.18 -16.57
N ILE B 37 3.80 36.36 -17.36
CA ILE B 37 4.58 35.22 -17.85
C ILE B 37 5.16 34.48 -16.67
N ASP B 38 5.55 35.24 -15.65
CA ASP B 38 6.04 34.68 -14.41
C ASP B 38 4.95 33.83 -13.79
N ILE B 39 3.84 34.47 -13.41
CA ILE B 39 2.67 33.75 -12.89
C ILE B 39 2.43 32.47 -13.68
N MET B 40 2.43 32.59 -15.00
CA MET B 40 2.15 31.48 -15.89
C MET B 40 3.12 30.32 -15.67
N THR B 41 4.41 30.62 -15.62
CA THR B 41 5.41 29.57 -15.44
C THR B 41 5.23 28.88 -14.10
N ARG B 42 4.73 29.63 -13.13
CA ARG B 42 4.43 29.07 -11.82
C ARG B 42 3.30 28.05 -11.92
N PHE B 43 2.13 28.50 -12.36
CA PHE B 43 0.99 27.61 -12.49
C PHE B 43 1.36 26.38 -13.30
N ARG B 44 2.31 26.55 -14.21
CA ARG B 44 2.82 25.46 -15.03
C ARG B 44 3.45 24.41 -14.14
N LYS B 45 4.23 24.86 -13.15
CA LYS B 45 4.86 23.96 -12.21
C LYS B 45 3.81 23.34 -11.30
N GLU B 46 2.90 24.17 -10.82
CA GLU B 46 1.82 23.76 -9.94
C GLU B 46 0.97 22.63 -10.55
N MET B 47 0.78 22.68 -11.86
CA MET B 47 0.06 21.64 -12.57
C MET B 47 0.88 20.36 -12.57
N LYS B 48 2.19 20.52 -12.70
CA LYS B 48 3.09 19.40 -12.71
C LYS B 48 3.00 18.71 -11.35
N ASN B 49 3.14 19.50 -10.29
CA ASN B 49 3.16 18.96 -8.94
C ASN B 49 1.80 18.43 -8.51
N GLY B 50 0.74 18.89 -9.17
CA GLY B 50 -0.60 18.43 -8.85
C GLY B 50 -0.88 17.12 -9.55
N LEU B 51 -0.01 16.75 -10.48
CA LEU B 51 -0.21 15.54 -11.25
C LEU B 51 0.76 14.46 -10.78
N SER B 52 1.95 14.86 -10.38
CA SER B 52 2.96 13.89 -9.94
C SER B 52 2.49 13.20 -8.66
N ARG B 53 2.70 11.90 -8.59
CA ARG B 53 2.28 11.13 -7.42
C ARG B 53 3.11 11.52 -6.21
N ASP B 54 4.33 11.96 -6.47
CA ASP B 54 5.29 12.26 -5.40
C ASP B 54 4.96 13.56 -4.67
N PHE B 55 4.62 14.61 -5.42
CA PHE B 55 4.42 15.93 -4.82
C PHE B 55 2.95 16.32 -4.66
N ASN B 56 2.05 15.52 -5.21
CA ASN B 56 0.63 15.84 -5.15
C ASN B 56 0.14 16.19 -3.75
N PRO B 57 0.55 15.39 -2.75
CA PRO B 57 0.06 15.57 -1.39
C PRO B 57 0.48 16.89 -0.78
N THR B 58 1.09 17.76 -1.57
CA THR B 58 1.54 19.07 -1.07
C THR B 58 1.14 20.21 -2.00
N ALA B 59 0.89 19.89 -3.26
CA ALA B 59 0.54 20.91 -4.25
C ALA B 59 -0.78 21.56 -3.87
N THR B 60 -0.87 22.87 -4.02
CA THR B 60 -2.12 23.57 -3.75
C THR B 60 -3.11 23.35 -4.89
N VAL B 61 -2.59 23.34 -6.12
CA VAL B 61 -3.41 23.02 -7.28
C VAL B 61 -3.47 21.51 -7.41
N LYS B 62 -4.65 20.94 -7.23
CA LYS B 62 -4.78 19.50 -7.03
C LYS B 62 -4.85 18.66 -8.28
N MET B 63 -5.46 19.16 -9.34
CA MET B 63 -5.51 18.39 -10.58
C MET B 63 -6.27 17.09 -10.34
N LEU B 64 -7.51 17.22 -9.89
CA LEU B 64 -8.33 16.06 -9.54
C LEU B 64 -8.82 15.35 -10.78
N PRO B 65 -8.48 14.05 -10.92
CA PRO B 65 -9.00 13.30 -12.06
C PRO B 65 -10.51 13.29 -12.00
N THR B 66 -11.17 13.17 -13.14
CA THR B 66 -12.61 13.31 -13.19
C THR B 66 -13.31 12.13 -13.86
N PHE B 67 -12.54 11.23 -14.43
CA PHE B 67 -13.09 10.01 -15.04
C PHE B 67 -14.03 10.28 -16.22
N VAL B 68 -13.99 11.49 -16.75
CA VAL B 68 -14.63 11.80 -18.02
C VAL B 68 -13.55 11.66 -19.09
N ARG B 69 -13.69 10.65 -19.95
CA ARG B 69 -12.62 10.30 -20.88
C ARG B 69 -12.62 11.11 -22.17
N SER B 70 -13.71 11.82 -22.44
CA SER B 70 -13.76 12.67 -23.63
C SER B 70 -15.08 13.41 -23.75
N ILE B 71 -15.09 14.43 -24.60
CA ILE B 71 -16.30 15.19 -24.87
C ILE B 71 -17.26 14.34 -25.68
N PRO B 72 -18.55 14.71 -25.69
CA PRO B 72 -19.58 13.88 -26.29
C PRO B 72 -19.22 13.39 -27.70
N ASP B 73 -19.55 12.14 -28.01
CA ASP B 73 -19.36 11.61 -29.35
C ASP B 73 -20.70 11.42 -30.06
N GLY B 74 -21.68 12.23 -29.66
CA GLY B 74 -23.00 12.24 -30.29
C GLY B 74 -23.88 11.02 -30.03
N SER B 75 -23.28 9.93 -29.59
CA SER B 75 -24.01 8.69 -29.35
C SER B 75 -24.65 8.62 -27.96
N GLU B 76 -25.08 9.76 -27.43
CA GLU B 76 -25.72 9.77 -26.11
C GLU B 76 -27.21 10.07 -26.23
N LYS B 77 -28.03 9.12 -25.79
CA LYS B 77 -29.47 9.33 -25.78
C LYS B 77 -30.12 8.84 -24.49
N GLY B 78 -31.27 9.42 -24.16
CA GLY B 78 -31.98 9.06 -22.95
C GLY B 78 -32.59 10.26 -22.27
N ASP B 79 -33.18 10.00 -21.10
CA ASP B 79 -33.82 11.04 -20.32
C ASP B 79 -33.03 11.19 -19.02
N PHE B 80 -32.48 12.37 -18.79
CA PHE B 80 -31.62 12.56 -17.62
C PHE B 80 -32.05 13.72 -16.75
N ILE B 81 -31.72 13.63 -15.47
CA ILE B 81 -31.95 14.69 -14.53
C ILE B 81 -30.61 15.18 -14.04
N ALA B 82 -30.45 16.50 -13.97
CA ALA B 82 -29.17 17.05 -13.54
C ALA B 82 -29.35 18.07 -12.43
N LEU B 83 -28.53 17.95 -11.39
CA LEU B 83 -28.53 18.89 -10.28
C LEU B 83 -27.36 19.82 -10.48
N ASP B 84 -27.57 21.09 -10.17
CA ASP B 84 -26.52 22.08 -10.28
C ASP B 84 -26.43 22.88 -8.99
N LEU B 85 -25.44 22.56 -8.18
CA LEU B 85 -25.29 23.18 -6.88
C LEU B 85 -23.89 23.76 -6.72
N GLY B 86 -23.81 24.95 -6.13
CA GLY B 86 -22.52 25.61 -5.91
C GLY B 86 -22.41 26.90 -6.69
N GLY B 87 -23.26 27.05 -7.70
CA GLY B 87 -23.28 28.26 -8.50
C GLY B 87 -24.11 29.34 -7.84
N SER B 88 -24.16 30.51 -8.46
CA SER B 88 -24.96 31.60 -7.92
C SER B 88 -26.37 31.12 -7.59
N SER B 89 -26.81 30.07 -8.28
CA SER B 89 -28.16 29.53 -8.05
C SER B 89 -28.26 28.01 -8.18
N PHE B 90 -29.02 27.42 -7.27
CA PHE B 90 -29.25 25.98 -7.21
C PHE B 90 -30.31 25.58 -8.24
N ARG B 91 -29.86 24.97 -9.33
CA ARG B 91 -30.75 24.65 -10.44
C ARG B 91 -30.91 23.15 -10.61
N ILE B 92 -32.11 22.73 -11.01
CA ILE B 92 -32.38 21.33 -11.31
C ILE B 92 -33.00 21.18 -12.69
N LEU B 93 -32.45 20.29 -13.51
CA LEU B 93 -32.90 20.18 -14.88
C LEU B 93 -33.27 18.76 -15.30
N ARG B 94 -33.97 18.69 -16.42
CA ARG B 94 -34.25 17.44 -17.11
C ARG B 94 -33.73 17.58 -18.53
N VAL B 95 -32.86 16.68 -18.94
CA VAL B 95 -32.28 16.74 -20.28
C VAL B 95 -32.69 15.52 -21.09
N GLN B 96 -33.26 15.81 -22.27
CA GLN B 96 -33.71 14.76 -23.21
C GLN B 96 -32.87 14.86 -24.48
N VAL B 97 -32.23 13.75 -24.83
CA VAL B 97 -31.34 13.70 -25.98
C VAL B 97 -31.73 12.55 -26.89
N ASN B 98 -32.24 12.87 -28.07
CA ASN B 98 -32.68 11.81 -28.98
C ASN B 98 -32.33 12.08 -30.43
N HIS B 99 -31.13 11.67 -30.83
CA HIS B 99 -30.69 11.84 -32.21
C HIS B 99 -31.43 10.94 -33.19
N GLU B 100 -31.58 9.67 -32.84
CA GLU B 100 -32.26 8.71 -33.69
C GLU B 100 -33.73 9.09 -33.90
N LYS B 101 -34.15 10.19 -33.29
CA LYS B 101 -35.53 10.64 -33.39
C LYS B 101 -35.65 12.13 -33.68
N ASN B 102 -34.71 12.66 -34.46
CA ASN B 102 -34.87 13.98 -35.03
C ASN B 102 -34.92 15.07 -33.97
N GLN B 103 -34.74 14.64 -32.73
CA GLN B 103 -34.78 15.53 -31.58
C GLN B 103 -33.38 15.57 -31.02
N ASN B 104 -32.79 16.76 -30.96
CA ASN B 104 -31.40 16.83 -30.55
C ASN B 104 -31.26 16.98 -29.05
N VAL B 105 -31.41 18.20 -28.56
CA VAL B 105 -31.32 18.42 -27.13
C VAL B 105 -32.43 19.30 -26.64
N HIS B 106 -33.27 18.73 -25.80
CA HIS B 106 -34.24 19.52 -25.11
C HIS B 106 -33.89 19.45 -23.64
N MET B 107 -34.11 20.56 -22.95
CA MET B 107 -33.86 20.60 -21.53
C MET B 107 -34.70 21.66 -20.84
N GLU B 108 -35.31 21.26 -19.73
CA GLU B 108 -36.12 22.15 -18.92
C GLU B 108 -35.47 22.25 -17.55
N SER B 109 -35.58 23.40 -16.91
CA SER B 109 -34.99 23.52 -15.59
C SER B 109 -35.80 24.43 -14.69
N GLU B 110 -35.53 24.32 -13.40
CA GLU B 110 -36.23 25.09 -12.40
C GLU B 110 -35.19 25.48 -11.36
N VAL B 111 -35.23 26.73 -10.93
CA VAL B 111 -34.25 27.24 -9.97
C VAL B 111 -34.84 27.36 -8.57
N TYR B 112 -34.38 26.50 -7.67
CA TYR B 112 -34.84 26.52 -6.30
C TYR B 112 -34.03 27.50 -5.47
N ASP B 113 -34.69 28.16 -4.52
CA ASP B 113 -33.96 29.05 -3.64
C ASP B 113 -33.32 28.25 -2.52
N THR B 114 -32.07 28.57 -2.21
CA THR B 114 -31.47 28.02 -1.02
C THR B 114 -30.96 29.17 -0.15
N PRO B 115 -31.67 29.44 0.96
CA PRO B 115 -31.36 30.49 1.93
C PRO B 115 -29.95 30.40 2.53
N GLU B 116 -29.45 31.55 2.94
CA GLU B 116 -28.13 31.64 3.52
C GLU B 116 -27.93 30.67 4.67
N ASN B 117 -28.93 30.54 5.54
CA ASN B 117 -28.77 29.64 6.66
C ASN B 117 -28.48 28.24 6.17
N ILE B 118 -29.21 27.82 5.15
CA ILE B 118 -29.06 26.47 4.60
C ILE B 118 -27.63 26.18 4.14
N VAL B 119 -27.01 27.17 3.51
CA VAL B 119 -25.67 27.01 2.97
C VAL B 119 -24.58 27.01 4.04
N HIS B 120 -24.83 27.70 5.15
CA HIS B 120 -23.86 27.80 6.24
C HIS B 120 -24.23 26.88 7.40
N GLY B 121 -25.32 26.14 7.24
CA GLY B 121 -25.81 25.27 8.28
C GLY B 121 -25.26 23.86 8.20
N SER B 122 -25.94 22.94 8.86
CA SER B 122 -25.53 21.54 8.91
C SER B 122 -25.74 20.84 7.57
N GLY B 123 -24.75 20.07 7.16
CA GLY B 123 -24.82 19.32 5.91
C GLY B 123 -26.21 18.75 5.73
N SER B 124 -26.73 18.14 6.79
CA SER B 124 -28.03 17.50 6.73
C SER B 124 -29.08 18.44 6.17
N GLN B 125 -29.20 19.63 6.74
CA GLN B 125 -30.15 20.61 6.22
C GLN B 125 -30.00 20.68 4.71
N LEU B 126 -28.76 20.93 4.28
CA LEU B 126 -28.42 21.12 2.87
C LEU B 126 -28.89 19.98 1.97
N PHE B 127 -28.46 18.76 2.26
CA PHE B 127 -28.77 17.62 1.41
C PHE B 127 -30.21 17.14 1.55
N ASP B 128 -30.85 17.50 2.66
CA ASP B 128 -32.27 17.26 2.82
C ASP B 128 -33.01 18.24 1.92
N HIS B 129 -32.55 19.49 1.98
CA HIS B 129 -33.08 20.53 1.13
C HIS B 129 -33.01 20.14 -0.35
N VAL B 130 -31.88 19.56 -0.75
CA VAL B 130 -31.69 19.15 -2.13
C VAL B 130 -32.63 18.02 -2.51
N ALA B 131 -32.64 16.97 -1.71
CA ALA B 131 -33.51 15.83 -1.97
C ALA B 131 -34.96 16.28 -2.07
N GLU B 132 -35.35 17.21 -1.20
CA GLU B 132 -36.72 17.71 -1.21
C GLU B 132 -37.04 18.40 -2.52
N CYS B 133 -36.12 19.24 -2.98
CA CYS B 133 -36.30 19.93 -4.23
C CYS B 133 -36.42 18.93 -5.37
N LEU B 134 -35.52 17.96 -5.39
CA LEU B 134 -35.56 16.92 -6.39
C LEU B 134 -36.91 16.23 -6.36
N GLY B 135 -37.49 16.13 -5.16
CA GLY B 135 -38.81 15.54 -4.99
C GLY B 135 -39.90 16.44 -5.52
N ASP B 136 -39.77 17.74 -5.26
CA ASP B 136 -40.72 18.72 -5.75
C ASP B 136 -40.62 18.82 -7.26
N PHE B 137 -39.40 18.73 -7.75
CA PHE B 137 -39.11 18.77 -9.18
C PHE B 137 -39.74 17.59 -9.90
N MET B 138 -39.54 16.40 -9.37
CA MET B 138 -40.04 15.18 -10.01
C MET B 138 -41.57 15.04 -9.88
N GLU B 139 -42.13 15.64 -8.85
CA GLU B 139 -43.57 15.59 -8.61
C GLU B 139 -44.31 16.40 -9.68
N LYS B 140 -43.75 17.56 -10.02
CA LYS B 140 -44.38 18.42 -11.01
C LYS B 140 -44.38 17.76 -12.38
N ARG B 141 -43.25 17.21 -12.79
CA ARG B 141 -43.14 16.50 -14.06
C ARG B 141 -43.78 15.12 -13.97
N LYS B 142 -44.31 14.80 -12.80
CA LYS B 142 -44.95 13.50 -12.60
C LYS B 142 -44.05 12.39 -13.13
N ILE B 143 -42.81 12.35 -12.67
CA ILE B 143 -41.85 11.39 -13.21
C ILE B 143 -41.21 10.49 -12.17
N LYS B 144 -41.66 10.60 -10.93
CA LYS B 144 -41.12 9.77 -9.84
C LYS B 144 -41.03 8.31 -10.26
N ASP B 145 -42.00 7.88 -11.06
CA ASP B 145 -42.13 6.47 -11.44
C ASP B 145 -41.21 6.09 -12.60
N LYS B 146 -40.39 7.03 -13.04
CA LYS B 146 -39.44 6.77 -14.11
C LYS B 146 -38.01 6.67 -13.60
N LYS B 147 -37.36 5.55 -13.90
CA LYS B 147 -35.98 5.35 -13.47
C LYS B 147 -35.03 6.21 -14.31
N LEU B 148 -34.99 7.50 -14.00
CA LEU B 148 -34.17 8.44 -14.74
C LEU B 148 -32.80 8.61 -14.11
N PRO B 149 -31.75 8.31 -14.87
CA PRO B 149 -30.37 8.50 -14.40
C PRO B 149 -30.15 9.93 -13.92
N VAL B 150 -29.46 10.08 -12.79
CA VAL B 150 -29.26 11.40 -12.21
C VAL B 150 -27.77 11.78 -12.20
N GLY B 151 -27.48 12.95 -12.74
CA GLY B 151 -26.13 13.49 -12.70
C GLY B 151 -26.09 14.56 -11.64
N PHE B 152 -24.90 14.84 -11.14
CA PHE B 152 -24.76 15.79 -10.05
C PHE B 152 -23.66 16.80 -10.35
N THR B 153 -24.06 18.04 -10.61
CA THR B 153 -23.08 19.11 -10.79
C THR B 153 -22.83 19.74 -9.43
N PHE B 154 -21.71 19.35 -8.82
CA PHE B 154 -21.33 19.82 -7.49
C PHE B 154 -20.04 20.61 -7.63
N SER B 155 -20.15 21.94 -7.69
CA SER B 155 -19.03 22.80 -8.04
C SER B 155 -18.07 23.07 -6.89
N PHE B 156 -17.39 22.01 -6.44
CA PHE B 156 -16.38 22.11 -5.39
C PHE B 156 -15.36 21.01 -5.61
N PRO B 157 -14.17 21.13 -5.01
CA PRO B 157 -13.15 20.12 -5.22
C PRO B 157 -13.54 18.79 -4.60
N CYS B 158 -13.37 17.69 -5.33
CA CYS B 158 -13.78 16.40 -4.83
C CYS B 158 -12.82 15.27 -5.10
N GLN B 159 -12.70 14.35 -4.15
CA GLN B 159 -11.87 13.18 -4.33
C GLN B 159 -12.70 12.06 -4.92
N GLN B 160 -12.54 11.81 -6.21
CA GLN B 160 -13.28 10.76 -6.90
C GLN B 160 -12.39 9.63 -7.36
N SER B 161 -12.73 8.40 -6.97
CA SER B 161 -12.03 7.22 -7.45
C SER B 161 -12.85 6.58 -8.57
N LYS B 162 -14.11 7.00 -8.65
CA LYS B 162 -15.02 6.63 -9.72
C LYS B 162 -16.06 7.72 -9.89
N ILE B 163 -16.53 7.91 -11.11
CA ILE B 163 -17.39 9.05 -11.44
C ILE B 163 -18.57 9.25 -10.48
N ASP B 164 -19.03 8.17 -9.83
CA ASP B 164 -20.18 8.29 -8.94
C ASP B 164 -19.80 8.31 -7.45
N GLU B 165 -18.68 8.95 -7.17
CA GLU B 165 -18.22 9.14 -5.80
C GLU B 165 -17.60 10.53 -5.66
N ALA B 166 -18.09 11.32 -4.72
CA ALA B 166 -17.63 12.70 -4.57
C ALA B 166 -17.26 13.04 -3.13
N ILE B 167 -16.01 12.78 -2.75
CA ILE B 167 -15.54 13.12 -1.42
C ILE B 167 -15.18 14.59 -1.35
N LEU B 168 -16.06 15.40 -0.78
CA LEU B 168 -15.81 16.82 -0.63
C LEU B 168 -14.52 17.05 0.15
N ILE B 169 -13.56 17.69 -0.50
CA ILE B 169 -12.32 18.04 0.14
C ILE B 169 -12.47 19.28 1.00
N THR B 170 -13.13 20.29 0.47
CA THR B 170 -13.25 21.49 1.25
C THR B 170 -14.15 22.49 0.59
N TRP B 171 -15.04 23.07 1.39
CA TRP B 171 -15.97 24.03 0.90
C TRP B 171 -15.23 25.22 0.32
N THR B 172 -15.94 26.00 -0.50
CA THR B 172 -15.40 27.20 -1.11
C THR B 172 -16.53 28.13 -1.45
N LYS B 173 -16.22 29.38 -1.74
CA LYS B 173 -17.25 30.36 -2.03
C LYS B 173 -18.17 30.46 -0.82
N ARG B 174 -19.47 30.40 -1.08
CA ARG B 174 -20.46 30.74 -0.06
C ARG B 174 -20.86 29.59 0.86
N PHE B 175 -20.22 28.44 0.74
CA PHE B 175 -20.68 27.28 1.48
C PHE B 175 -19.81 26.88 2.66
N LYS B 176 -20.46 26.77 3.82
CA LYS B 176 -19.93 26.00 4.94
C LYS B 176 -21.07 25.16 5.49
N ALA B 177 -21.00 23.84 5.31
CA ALA B 177 -22.00 22.96 5.86
C ALA B 177 -21.31 22.00 6.81
N SER B 178 -21.83 21.88 8.03
CA SER B 178 -21.22 21.01 9.02
C SER B 178 -21.35 19.56 8.58
N GLY B 179 -20.29 18.81 8.77
CA GLY B 179 -20.32 17.37 8.52
C GLY B 179 -20.48 17.00 7.06
N VAL B 180 -19.69 17.64 6.22
CA VAL B 180 -19.72 17.36 4.79
C VAL B 180 -18.32 17.09 4.26
N GLU B 181 -17.38 17.97 4.58
CA GLU B 181 -16.01 17.78 4.17
C GLU B 181 -15.56 16.37 4.54
N GLY B 182 -14.79 15.74 3.67
CA GLY B 182 -14.28 14.41 3.90
C GLY B 182 -15.32 13.32 3.77
N ALA B 183 -16.52 13.68 3.31
CA ALA B 183 -17.59 12.70 3.12
C ALA B 183 -17.96 12.57 1.65
N ASP B 184 -18.64 11.49 1.31
CA ASP B 184 -19.06 11.27 -0.05
C ASP B 184 -20.46 11.87 -0.25
N VAL B 185 -20.51 13.05 -0.85
CA VAL B 185 -21.78 13.73 -1.05
C VAL B 185 -22.77 12.85 -1.81
N VAL B 186 -22.26 11.95 -2.63
CA VAL B 186 -23.13 11.02 -3.34
C VAL B 186 -23.95 10.25 -2.32
N LYS B 187 -23.31 9.89 -1.21
CA LYS B 187 -23.98 9.18 -0.12
C LYS B 187 -24.86 10.12 0.66
N LEU B 188 -24.27 11.20 1.18
CA LEU B 188 -25.04 12.16 1.97
C LEU B 188 -26.39 12.41 1.32
N LEU B 189 -26.40 12.55 0.00
CA LEU B 189 -27.64 12.76 -0.73
C LEU B 189 -28.48 11.50 -0.72
N ASN B 190 -27.96 10.42 -1.31
CA ASN B 190 -28.64 9.14 -1.23
C ASN B 190 -29.33 9.02 0.12
N LYS B 191 -28.60 9.36 1.18
CA LYS B 191 -29.14 9.33 2.54
C LYS B 191 -30.35 10.24 2.68
N ALA B 192 -30.14 11.54 2.54
CA ALA B 192 -31.23 12.51 2.68
C ALA B 192 -32.43 12.18 1.78
N ILE B 193 -32.17 11.39 0.74
CA ILE B 193 -33.20 10.97 -0.21
C ILE B 193 -34.01 9.81 0.34
N LYS B 194 -33.34 8.91 1.05
CA LYS B 194 -34.00 7.74 1.61
C LYS B 194 -34.85 8.08 2.82
N LYS B 195 -34.42 9.06 3.60
CA LYS B 195 -35.16 9.45 4.80
C LYS B 195 -36.51 10.07 4.44
N ARG B 196 -36.63 10.57 3.21
CA ARG B 196 -37.89 11.14 2.75
C ARG B 196 -38.85 10.04 2.30
N GLY B 197 -38.36 9.16 1.43
CA GLY B 197 -39.14 8.01 0.97
C GLY B 197 -39.98 8.28 -0.26
N ASP B 198 -40.11 9.56 -0.63
CA ASP B 198 -41.00 9.96 -1.71
C ASP B 198 -40.61 9.44 -3.10
N TYR B 199 -39.36 8.99 -3.25
CA TYR B 199 -38.89 8.56 -4.56
C TYR B 199 -37.58 7.79 -4.55
N ASP B 200 -37.13 7.42 -5.74
CA ASP B 200 -35.85 6.77 -5.94
C ASP B 200 -34.96 7.68 -6.77
N ALA B 201 -33.66 7.61 -6.52
CA ALA B 201 -32.71 8.40 -7.30
C ALA B 201 -31.48 7.58 -7.64
N ASN B 202 -31.24 7.40 -8.93
CA ASN B 202 -30.07 6.68 -9.39
C ASN B 202 -28.94 7.64 -9.74
N ILE B 203 -28.35 8.27 -8.73
CA ILE B 203 -27.26 9.21 -8.94
C ILE B 203 -26.09 8.51 -9.59
N VAL B 204 -25.97 8.66 -10.90
CA VAL B 204 -24.99 7.94 -11.69
C VAL B 204 -23.61 8.58 -11.69
N ALA B 205 -23.57 9.92 -11.69
CA ALA B 205 -22.31 10.62 -11.78
C ALA B 205 -22.34 11.96 -11.08
N VAL B 206 -21.16 12.40 -10.64
CA VAL B 206 -20.98 13.73 -10.06
C VAL B 206 -19.87 14.46 -10.80
N VAL B 207 -20.17 15.65 -11.33
CA VAL B 207 -19.18 16.41 -12.09
C VAL B 207 -19.00 17.83 -11.58
N ASN B 208 -17.80 18.37 -11.81
CA ASN B 208 -17.50 19.75 -11.50
C ASN B 208 -18.05 20.68 -12.59
N ASP B 209 -18.44 21.89 -12.22
CA ASP B 209 -19.07 22.79 -13.18
C ASP B 209 -18.17 23.18 -14.35
N THR B 210 -16.85 23.06 -14.19
CA THR B 210 -15.98 23.28 -15.34
C THR B 210 -16.09 22.11 -16.29
N VAL B 211 -15.91 20.90 -15.78
CA VAL B 211 -16.12 19.70 -16.57
C VAL B 211 -17.47 19.79 -17.26
N GLY B 212 -18.51 19.98 -16.45
CA GLY B 212 -19.86 20.10 -16.99
C GLY B 212 -19.91 21.08 -18.14
N THR B 213 -19.34 22.26 -17.95
CA THR B 213 -19.40 23.29 -18.97
C THR B 213 -18.59 22.89 -20.20
N MET B 214 -17.42 22.30 -19.99
CA MET B 214 -16.60 21.82 -21.09
C MET B 214 -17.36 20.79 -21.93
N MET B 215 -18.09 19.89 -21.27
CA MET B 215 -18.86 18.88 -21.99
C MET B 215 -19.99 19.53 -22.78
N THR B 216 -20.63 20.52 -22.18
CA THR B 216 -21.67 21.25 -22.89
C THR B 216 -21.08 21.81 -24.17
N CYS B 217 -20.12 22.72 -24.03
CA CYS B 217 -19.52 23.37 -25.19
C CYS B 217 -18.95 22.39 -26.20
N GLY B 218 -18.36 21.29 -25.72
CA GLY B 218 -17.73 20.30 -26.58
C GLY B 218 -18.74 19.48 -27.36
N TYR B 219 -20.01 19.65 -27.02
CA TYR B 219 -21.10 18.98 -27.71
C TYR B 219 -21.35 19.64 -29.05
N ASP B 220 -21.09 20.94 -29.11
CA ASP B 220 -21.26 21.73 -30.34
C ASP B 220 -19.92 22.07 -30.98
N ASP B 221 -18.83 21.71 -30.32
CA ASP B 221 -17.50 22.02 -30.83
C ASP B 221 -16.53 20.87 -30.56
N GLN B 222 -16.29 20.05 -31.57
CA GLN B 222 -15.44 18.88 -31.41
C GLN B 222 -14.01 19.23 -31.00
N HIS B 223 -13.69 20.52 -30.98
CA HIS B 223 -12.33 20.96 -30.68
C HIS B 223 -12.18 21.42 -29.23
N CYS B 224 -13.28 21.49 -28.50
CA CYS B 224 -13.25 21.97 -27.13
C CYS B 224 -12.45 21.05 -26.23
N GLU B 225 -11.43 21.59 -25.57
CA GLU B 225 -10.58 20.79 -24.70
C GLU B 225 -10.39 21.44 -23.33
N VAL B 226 -11.22 22.42 -23.02
CA VAL B 226 -11.10 23.10 -21.74
C VAL B 226 -12.39 23.75 -21.29
N GLY B 227 -12.68 23.60 -20.01
CA GLY B 227 -13.83 24.26 -19.41
C GLY B 227 -13.31 25.36 -18.51
N LEU B 228 -14.03 26.48 -18.48
CA LEU B 228 -13.60 27.60 -17.67
C LEU B 228 -14.79 28.23 -17.00
N ILE B 229 -14.63 28.57 -15.72
CA ILE B 229 -15.67 29.24 -14.98
C ILE B 229 -15.12 30.48 -14.30
N ILE B 230 -15.66 31.63 -14.69
CA ILE B 230 -15.33 32.90 -14.06
C ILE B 230 -16.64 33.47 -13.56
N GLY B 231 -17.12 32.94 -12.44
CA GLY B 231 -18.37 33.37 -11.84
C GLY B 231 -18.13 33.67 -10.37
N THR B 232 -18.98 33.12 -9.50
CA THR B 232 -18.80 33.32 -8.07
C THR B 232 -17.38 32.93 -7.69
N GLY B 233 -16.98 31.75 -8.14
CA GLY B 233 -15.60 31.31 -8.00
C GLY B 233 -15.02 31.14 -9.39
N THR B 234 -13.77 30.70 -9.46
CA THR B 234 -13.14 30.51 -10.75
C THR B 234 -12.23 29.30 -10.78
N ASN B 235 -12.44 28.44 -11.77
CA ASN B 235 -11.68 27.22 -11.89
C ASN B 235 -11.71 26.77 -13.34
N ALA B 236 -10.84 25.83 -13.69
CA ALA B 236 -10.77 25.36 -15.06
C ALA B 236 -10.41 23.88 -15.12
N CYS B 237 -11.00 23.17 -16.09
CA CYS B 237 -10.68 21.78 -16.34
C CYS B 237 -10.26 21.59 -17.79
N TYR B 238 -9.30 20.72 -18.03
CA TYR B 238 -8.83 20.48 -19.39
C TYR B 238 -8.69 18.99 -19.66
N MET B 239 -8.28 18.63 -20.87
CA MET B 239 -8.08 17.24 -21.21
C MET B 239 -6.60 16.88 -21.14
N GLU B 240 -6.25 15.93 -20.28
CA GLU B 240 -4.86 15.56 -20.09
C GLU B 240 -4.62 14.11 -20.48
N GLU B 241 -3.40 13.84 -20.94
CA GLU B 241 -3.05 12.49 -21.35
C GLU B 241 -2.92 11.60 -20.13
N LEU B 242 -3.52 10.43 -20.18
CA LEU B 242 -3.51 9.51 -19.05
C LEU B 242 -2.08 9.20 -18.63
N ARG B 243 -1.17 9.24 -19.60
CA ARG B 243 0.25 8.99 -19.34
C ARG B 243 0.83 10.00 -18.36
N HIS B 244 0.20 11.18 -18.29
CA HIS B 244 0.66 12.27 -17.43
C HIS B 244 -0.08 12.30 -16.10
N ILE B 245 -1.15 11.52 -16.00
CA ILE B 245 -1.93 11.46 -14.76
C ILE B 245 -1.44 10.30 -13.90
N ASP B 246 -0.47 10.59 -13.03
CA ASP B 246 0.12 9.58 -12.16
C ASP B 246 -0.93 8.93 -11.27
N LEU B 247 -1.87 9.72 -10.77
CA LEU B 247 -2.87 9.23 -9.83
C LEU B 247 -3.97 8.36 -10.46
N VAL B 248 -3.80 7.98 -11.72
CA VAL B 248 -4.77 7.08 -12.34
C VAL B 248 -4.05 6.01 -13.13
N GLU B 249 -4.07 4.79 -12.61
CA GLU B 249 -3.38 3.66 -13.23
C GLU B 249 -3.76 3.51 -14.70
N GLY B 250 -2.85 3.92 -15.58
CA GLY B 250 -3.10 3.82 -17.01
C GLY B 250 -2.19 4.73 -17.81
N ASP B 251 -2.20 4.53 -19.13
CA ASP B 251 -1.39 5.33 -20.03
C ASP B 251 -2.17 5.49 -21.33
N GLU B 252 -3.38 4.94 -21.35
CA GLU B 252 -4.20 4.92 -22.55
C GLU B 252 -5.18 6.08 -22.59
N GLY B 253 -5.15 6.82 -23.70
CA GLY B 253 -6.17 7.83 -23.97
C GLY B 253 -6.06 9.10 -23.17
N ARG B 254 -7.22 9.66 -22.82
CA ARG B 254 -7.26 10.92 -22.12
C ARG B 254 -8.33 10.93 -21.03
N MET B 255 -8.21 11.89 -20.13
CA MET B 255 -9.20 12.11 -19.07
C MET B 255 -9.18 13.58 -18.71
N CYS B 256 -10.35 14.12 -18.38
CA CYS B 256 -10.47 15.52 -18.02
C CYS B 256 -9.97 15.74 -16.61
N ILE B 257 -9.01 16.66 -16.44
CA ILE B 257 -8.48 16.99 -15.14
C ILE B 257 -9.11 18.29 -14.64
N ASN B 258 -9.45 18.30 -13.35
CA ASN B 258 -10.07 19.46 -12.73
C ASN B 258 -9.06 20.21 -11.88
N THR B 259 -8.26 21.04 -12.55
CA THR B 259 -7.14 21.71 -11.91
C THR B 259 -7.43 22.23 -10.52
N GLU B 260 -8.61 22.82 -10.34
CA GLU B 260 -8.95 23.45 -9.08
C GLU B 260 -7.92 24.52 -8.75
N TRP B 261 -7.94 25.62 -9.50
CA TRP B 261 -6.85 26.58 -9.42
C TRP B 261 -7.06 27.69 -8.42
N GLY B 262 -8.27 27.81 -7.87
CA GLY B 262 -8.52 28.81 -6.84
C GLY B 262 -7.50 28.70 -5.71
N ALA B 263 -7.09 27.47 -5.42
CA ALA B 263 -6.19 27.16 -4.31
C ALA B 263 -4.79 27.72 -4.55
N PHE B 264 -4.46 27.90 -5.82
CA PHE B 264 -3.15 28.34 -6.26
C PHE B 264 -2.62 29.52 -5.44
N GLY B 265 -1.42 29.34 -4.86
CA GLY B 265 -0.79 30.39 -4.07
C GLY B 265 -1.24 30.35 -2.62
N ASP B 266 -1.93 29.28 -2.26
CA ASP B 266 -2.38 29.12 -0.90
C ASP B 266 -1.22 28.70 -0.01
N ASP B 267 -0.12 28.28 -0.64
CA ASP B 267 1.09 27.91 0.08
C ASP B 267 2.10 29.05 0.06
N GLY B 268 1.62 30.29 0.11
CA GLY B 268 2.49 31.45 0.08
C GLY B 268 3.06 31.71 -1.30
N SER B 269 2.69 30.84 -2.25
CA SER B 269 3.23 30.87 -3.60
C SER B 269 3.07 32.22 -4.31
N LEU B 270 1.99 32.93 -4.01
CA LEU B 270 1.70 34.19 -4.69
C LEU B 270 1.71 35.38 -3.76
N GLU B 271 2.46 35.28 -2.68
CA GLU B 271 2.49 36.35 -1.71
C GLU B 271 2.90 37.67 -2.34
N ASP B 272 3.95 37.63 -3.16
CA ASP B 272 4.46 38.84 -3.80
C ASP B 272 3.46 39.44 -4.78
N ILE B 273 2.32 38.78 -4.93
CA ILE B 273 1.29 39.27 -5.84
C ILE B 273 0.07 39.76 -5.06
N ARG B 274 -0.23 39.09 -3.95
CA ARG B 274 -1.33 39.49 -3.09
C ARG B 274 -1.01 40.83 -2.46
N THR B 275 -2.05 41.62 -2.18
CA THR B 275 -1.85 42.94 -1.59
C THR B 275 -2.60 43.08 -0.28
N GLU B 276 -2.18 44.05 0.53
CA GLU B 276 -2.84 44.34 1.80
C GLU B 276 -4.36 44.25 1.68
N PHE B 277 -4.87 44.41 0.46
CA PHE B 277 -6.30 44.34 0.22
C PHE B 277 -6.74 42.89 0.12
N ASP B 278 -5.92 42.10 -0.54
CA ASP B 278 -6.18 40.68 -0.71
C ASP B 278 -6.05 39.97 0.63
N ARG B 279 -5.22 40.53 1.50
CA ARG B 279 -5.06 39.96 2.83
C ARG B 279 -6.21 40.35 3.74
N GLU B 280 -6.67 41.59 3.64
CA GLU B 280 -7.80 42.02 4.47
C GLU B 280 -9.11 41.38 4.02
N ILE B 281 -9.27 41.23 2.71
CA ILE B 281 -10.47 40.60 2.16
C ILE B 281 -10.51 39.16 2.65
N ASP B 282 -9.32 38.59 2.84
CA ASP B 282 -9.15 37.22 3.27
C ASP B 282 -9.57 37.06 4.72
N ARG B 283 -8.99 37.87 5.58
CA ARG B 283 -9.26 37.81 7.01
C ARG B 283 -10.73 38.02 7.33
N GLY B 284 -11.52 38.28 6.29
CA GLY B 284 -12.96 38.43 6.47
C GLY B 284 -13.71 37.39 5.67
N SER B 285 -12.95 36.56 4.95
CA SER B 285 -13.55 35.53 4.10
C SER B 285 -14.13 34.43 4.95
N LEU B 286 -14.86 33.53 4.31
CA LEU B 286 -15.49 32.43 5.01
C LEU B 286 -14.51 31.28 5.24
N ASN B 287 -13.40 31.30 4.52
CA ASN B 287 -12.40 30.24 4.61
C ASN B 287 -10.98 30.79 4.61
N PRO B 288 -10.64 31.58 5.63
CA PRO B 288 -9.34 32.23 5.68
C PRO B 288 -8.19 31.34 5.23
N GLY B 289 -7.26 31.90 4.47
CA GLY B 289 -6.05 31.21 4.08
C GLY B 289 -6.16 30.39 2.81
N LYS B 290 -7.39 30.10 2.39
CA LYS B 290 -7.62 29.24 1.23
C LYS B 290 -8.18 29.98 0.00
N GLN B 291 -8.12 29.32 -1.15
CA GLN B 291 -8.59 29.91 -2.42
C GLN B 291 -8.03 31.31 -2.69
N LEU B 292 -6.76 31.50 -2.37
CA LEU B 292 -6.14 32.82 -2.53
C LEU B 292 -6.33 33.38 -3.93
N PHE B 293 -5.84 32.64 -4.93
CA PHE B 293 -5.94 33.04 -6.34
C PHE B 293 -7.38 33.40 -6.71
N GLU B 294 -8.32 32.65 -6.15
CA GLU B 294 -9.74 32.84 -6.43
C GLU B 294 -10.21 34.18 -5.88
N LYS B 295 -9.77 34.48 -4.67
CA LYS B 295 -10.17 35.70 -3.98
C LYS B 295 -9.56 36.94 -4.64
N MET B 296 -8.83 36.72 -5.72
CA MET B 296 -8.28 37.83 -6.49
C MET B 296 -9.01 37.95 -7.83
N VAL B 297 -9.71 36.89 -8.21
CA VAL B 297 -10.31 36.78 -9.53
C VAL B 297 -11.85 36.83 -9.52
N SER B 298 -12.47 35.77 -9.00
CA SER B 298 -13.93 35.59 -9.06
C SER B 298 -14.79 36.76 -8.58
N GLY B 299 -16.05 36.74 -9.00
CA GLY B 299 -17.00 37.82 -8.76
C GLY B 299 -17.40 38.06 -7.31
N MET B 300 -17.51 36.98 -6.54
CA MET B 300 -17.84 37.07 -5.13
C MET B 300 -16.89 38.00 -4.36
N TYR B 301 -15.77 38.34 -4.98
CA TYR B 301 -14.74 39.12 -4.29
C TYR B 301 -14.47 40.48 -4.93
N LEU B 302 -14.32 40.50 -6.25
CA LEU B 302 -13.99 41.74 -6.95
C LEU B 302 -14.69 42.98 -6.39
N GLY B 303 -16.01 42.94 -6.28
CA GLY B 303 -16.75 44.09 -5.76
C GLY B 303 -16.25 44.53 -4.39
N GLU B 304 -16.32 43.61 -3.43
CA GLU B 304 -15.87 43.87 -2.07
C GLU B 304 -14.40 44.24 -2.04
N LEU B 305 -13.62 43.69 -2.97
CA LEU B 305 -12.20 44.01 -3.06
C LEU B 305 -12.05 45.49 -3.37
N VAL B 306 -13.04 46.03 -4.09
CA VAL B 306 -13.07 47.46 -4.37
C VAL B 306 -13.39 48.18 -3.09
N ARG B 307 -14.59 47.93 -2.57
CA ARG B 307 -15.04 48.58 -1.35
C ARG B 307 -13.87 48.80 -0.38
N LEU B 308 -12.92 47.88 -0.36
CA LEU B 308 -11.77 47.99 0.52
C LEU B 308 -10.87 49.14 0.08
N ILE B 309 -10.45 49.10 -1.18
CA ILE B 309 -9.62 50.16 -1.74
C ILE B 309 -10.28 51.52 -1.54
N LEU B 310 -11.54 51.63 -1.93
CA LEU B 310 -12.28 52.88 -1.77
C LEU B 310 -12.08 53.44 -0.37
N VAL B 311 -12.52 52.69 0.63
CA VAL B 311 -12.40 53.12 2.02
C VAL B 311 -10.97 53.57 2.35
N LYS B 312 -10.00 52.71 2.04
CA LYS B 312 -8.59 53.03 2.27
C LYS B 312 -8.28 54.44 1.77
N MET B 313 -8.78 54.77 0.60
CA MET B 313 -8.54 56.07 -0.04
C MET B 313 -9.25 57.19 0.70
N ALA B 314 -10.56 57.04 0.85
CA ALA B 314 -11.40 58.10 1.44
C ALA B 314 -10.88 58.55 2.78
N LYS B 315 -10.35 57.61 3.55
CA LYS B 315 -9.72 57.93 4.83
C LYS B 315 -8.48 58.75 4.57
N GLU B 316 -7.78 58.40 3.51
CA GLU B 316 -6.55 59.08 3.15
C GLU B 316 -6.78 60.36 2.35
N GLY B 317 -8.03 60.82 2.34
CA GLY B 317 -8.39 62.08 1.68
C GLY B 317 -8.46 62.01 0.17
N LEU B 318 -8.17 60.84 -0.40
CA LEU B 318 -8.24 60.66 -1.84
C LEU B 318 -9.67 60.70 -2.39
N LEU B 319 -10.66 60.77 -1.51
CA LEU B 319 -12.03 60.79 -1.99
C LEU B 319 -13.02 61.58 -1.14
N PHE B 320 -13.84 62.37 -1.83
CA PHE B 320 -14.91 63.15 -1.22
C PHE B 320 -14.49 63.96 -0.01
N GLU B 321 -13.38 64.69 -0.08
CA GLU B 321 -13.00 65.46 1.08
C GLU B 321 -12.71 64.53 2.25
N GLY B 322 -12.70 63.23 1.99
CA GLY B 322 -12.42 62.24 3.02
C GLY B 322 -13.60 61.82 3.89
N ARG B 323 -14.81 62.13 3.46
CA ARG B 323 -16.01 61.69 4.18
C ARG B 323 -16.08 60.17 4.15
N ILE B 324 -16.80 59.57 5.11
CA ILE B 324 -16.93 58.12 5.18
C ILE B 324 -18.20 57.73 5.91
N THR B 325 -19.13 57.10 5.21
CA THR B 325 -20.39 56.69 5.84
C THR B 325 -20.36 55.23 6.26
N PRO B 326 -21.19 54.88 7.26
CA PRO B 326 -21.29 53.50 7.70
C PRO B 326 -21.53 52.55 6.54
N GLU B 327 -22.31 52.99 5.55
CA GLU B 327 -22.60 52.15 4.39
C GLU B 327 -21.33 51.79 3.63
N LEU B 328 -20.35 52.69 3.65
CA LEU B 328 -19.09 52.44 2.98
C LEU B 328 -18.27 51.42 3.75
N LEU B 329 -18.44 51.43 5.07
CA LEU B 329 -17.69 50.54 5.95
C LEU B 329 -18.35 49.17 6.05
N THR B 330 -19.63 49.11 5.69
CA THR B 330 -20.37 47.85 5.76
C THR B 330 -19.87 46.83 4.74
N ARG B 331 -19.94 45.57 5.11
CA ARG B 331 -19.43 44.47 4.32
C ARG B 331 -20.38 44.11 3.18
N GLY B 332 -19.86 44.05 1.96
CA GLY B 332 -20.67 43.69 0.79
C GLY B 332 -21.64 44.75 0.32
N LYS B 333 -21.28 46.02 0.52
CA LYS B 333 -22.10 47.15 0.07
C LYS B 333 -21.72 47.53 -1.36
N PHE B 334 -20.67 46.89 -1.87
CA PHE B 334 -20.17 47.18 -3.20
C PHE B 334 -19.96 45.89 -3.99
N ASN B 335 -21.02 45.40 -4.62
CA ASN B 335 -20.95 44.14 -5.35
C ASN B 335 -20.23 44.27 -6.69
N THR B 336 -19.70 43.16 -7.18
CA THR B 336 -19.13 43.13 -8.50
C THR B 336 -20.15 43.66 -9.50
N SER B 337 -21.42 43.43 -9.18
CA SER B 337 -22.53 43.97 -9.96
C SER B 337 -22.36 45.47 -10.17
N ASP B 338 -22.25 46.21 -9.06
CA ASP B 338 -21.99 47.64 -9.14
C ASP B 338 -20.69 47.88 -9.91
N VAL B 339 -19.69 47.06 -9.64
CA VAL B 339 -18.40 47.15 -10.32
C VAL B 339 -18.54 47.00 -11.83
N SER B 340 -19.64 46.40 -12.27
CA SER B 340 -19.89 46.23 -13.70
C SER B 340 -20.45 47.51 -14.30
N ALA B 341 -21.54 47.99 -13.72
CA ALA B 341 -22.20 49.21 -14.18
C ALA B 341 -21.24 50.39 -14.25
N ILE B 342 -20.26 50.41 -13.35
CA ILE B 342 -19.29 51.48 -13.33
C ILE B 342 -18.33 51.38 -14.51
N GLU B 343 -18.35 50.22 -15.18
CA GLU B 343 -17.49 49.97 -16.32
C GLU B 343 -18.24 50.14 -17.63
N LYS B 344 -19.54 50.35 -17.55
CA LYS B 344 -20.31 50.72 -18.74
C LYS B 344 -19.84 52.08 -19.21
N ASN B 345 -19.35 52.16 -20.44
CA ASN B 345 -18.91 53.43 -21.00
C ASN B 345 -20.05 54.44 -21.12
N LYS B 346 -21.22 53.94 -21.50
CA LYS B 346 -22.40 54.78 -21.67
C LYS B 346 -22.90 55.36 -20.33
N GLU B 347 -22.96 54.53 -19.29
CA GLU B 347 -23.39 55.00 -17.98
C GLU B 347 -22.20 54.93 -17.03
N GLY B 348 -21.04 54.60 -17.59
CA GLY B 348 -19.85 54.36 -16.80
C GLY B 348 -19.83 55.27 -15.60
N LEU B 349 -19.61 56.55 -15.84
CA LEU B 349 -19.53 57.52 -14.76
C LEU B 349 -20.91 57.82 -14.21
N HIS B 350 -21.90 57.89 -15.09
CA HIS B 350 -23.26 58.18 -14.66
C HIS B 350 -23.69 57.23 -13.55
N ASN B 351 -23.58 55.93 -13.80
CA ASN B 351 -23.92 54.93 -12.81
C ASN B 351 -23.13 55.16 -11.53
N ALA B 352 -21.81 55.32 -11.68
CA ALA B 352 -20.95 55.58 -10.54
C ALA B 352 -21.57 56.65 -9.64
N LYS B 353 -22.39 57.51 -10.23
CA LYS B 353 -23.06 58.55 -9.47
C LYS B 353 -24.12 57.96 -8.55
N GLU B 354 -25.08 57.26 -9.14
CA GLU B 354 -26.18 56.65 -8.37
C GLU B 354 -25.67 55.70 -7.29
N ILE B 355 -24.64 54.92 -7.61
CA ILE B 355 -24.07 54.00 -6.65
C ILE B 355 -23.41 54.74 -5.49
N LEU B 356 -22.37 55.50 -5.79
CA LEU B 356 -21.64 56.25 -4.76
C LEU B 356 -22.53 57.21 -3.97
N THR B 357 -23.68 57.55 -4.56
CA THR B 357 -24.63 58.41 -3.87
C THR B 357 -25.40 57.64 -2.82
N ARG B 358 -25.79 56.42 -3.16
CA ARG B 358 -26.54 55.56 -2.25
C ARG B 358 -25.66 55.11 -1.08
N LEU B 359 -24.36 55.30 -1.22
CA LEU B 359 -23.42 54.90 -0.18
C LEU B 359 -23.13 56.02 0.81
N GLY B 360 -24.04 57.00 0.87
CA GLY B 360 -23.93 58.06 1.86
C GLY B 360 -22.95 59.17 1.54
N VAL B 361 -21.80 58.81 0.99
CA VAL B 361 -20.78 59.79 0.63
C VAL B 361 -21.30 60.80 -0.38
N GLU B 362 -20.59 61.91 -0.53
CA GLU B 362 -20.98 62.93 -1.49
C GLU B 362 -20.09 62.83 -2.74
N PRO B 363 -20.56 62.08 -3.74
CA PRO B 363 -19.78 61.75 -4.94
C PRO B 363 -19.70 62.91 -5.93
N SER B 364 -18.51 63.51 -6.04
CA SER B 364 -18.29 64.56 -7.02
C SER B 364 -17.92 63.93 -8.36
N ASP B 365 -17.89 64.74 -9.42
CA ASP B 365 -17.57 64.25 -10.75
C ASP B 365 -16.17 63.66 -10.86
N ASP B 366 -15.21 64.28 -10.18
CA ASP B 366 -13.86 63.73 -10.13
C ASP B 366 -13.90 62.37 -9.47
N ASP B 367 -14.55 62.31 -8.31
CA ASP B 367 -14.70 61.06 -7.58
C ASP B 367 -15.15 59.95 -8.54
N CYS B 368 -16.35 60.11 -9.10
CA CYS B 368 -16.89 59.11 -10.03
C CYS B 368 -15.84 58.61 -11.01
N VAL B 369 -14.91 59.47 -11.41
CA VAL B 369 -13.85 59.07 -12.32
C VAL B 369 -12.84 58.21 -11.58
N SER B 370 -12.37 58.71 -10.45
CA SER B 370 -11.43 57.98 -9.60
C SER B 370 -11.93 56.56 -9.37
N VAL B 371 -13.13 56.44 -8.82
CA VAL B 371 -13.74 55.16 -8.54
C VAL B 371 -13.69 54.25 -9.76
N GLN B 372 -14.35 54.67 -10.83
CA GLN B 372 -14.40 53.88 -12.05
C GLN B 372 -13.03 53.33 -12.42
N HIS B 373 -11.98 54.07 -12.07
CA HIS B 373 -10.64 53.64 -12.41
C HIS B 373 -10.16 52.52 -11.50
N VAL B 374 -10.38 52.69 -10.20
CA VAL B 374 -10.08 51.63 -9.26
C VAL B 374 -10.68 50.36 -9.86
N CYS B 375 -12.01 50.34 -9.95
CA CYS B 375 -12.72 49.23 -10.56
C CYS B 375 -11.91 48.67 -11.72
N THR B 376 -11.56 49.54 -12.66
CA THR B 376 -10.81 49.14 -13.83
C THR B 376 -9.55 48.38 -13.46
N ILE B 377 -8.76 48.95 -12.56
CA ILE B 377 -7.53 48.30 -12.16
C ILE B 377 -7.80 46.90 -11.61
N VAL B 378 -8.80 46.82 -10.74
CA VAL B 378 -9.20 45.54 -10.15
C VAL B 378 -9.68 44.58 -11.22
N SER B 379 -10.83 44.90 -11.80
CA SER B 379 -11.44 44.03 -12.79
C SER B 379 -10.38 43.51 -13.74
N PHE B 380 -9.47 44.39 -14.13
CA PHE B 380 -8.48 44.01 -15.11
C PHE B 380 -7.56 42.94 -14.55
N ARG B 381 -7.18 43.12 -13.29
CA ARG B 381 -6.24 42.18 -12.70
C ARG B 381 -6.81 40.77 -12.73
N SER B 382 -8.03 40.62 -12.21
CA SER B 382 -8.62 39.29 -12.22
C SER B 382 -8.50 38.76 -13.65
N ALA B 383 -8.95 39.55 -14.61
CA ALA B 383 -8.95 39.16 -16.01
C ALA B 383 -7.54 38.81 -16.47
N ASN B 384 -6.58 39.65 -16.12
CA ASN B 384 -5.21 39.37 -16.51
C ASN B 384 -4.70 38.10 -15.87
N LEU B 385 -5.04 37.91 -14.59
CA LEU B 385 -4.60 36.73 -13.86
C LEU B 385 -5.07 35.46 -14.56
N VAL B 386 -6.38 35.32 -14.70
CA VAL B 386 -6.95 34.14 -15.33
C VAL B 386 -6.31 33.89 -16.69
N ALA B 387 -6.06 34.98 -17.41
CA ALA B 387 -5.40 34.90 -18.70
C ALA B 387 -4.06 34.20 -18.54
N ALA B 388 -3.35 34.57 -17.47
CA ALA B 388 -2.03 34.03 -17.19
C ALA B 388 -2.05 32.51 -17.03
N THR B 389 -2.97 32.03 -16.20
CA THR B 389 -3.07 30.61 -15.92
C THR B 389 -3.65 29.85 -17.11
N LEU B 390 -4.84 30.27 -17.56
CA LEU B 390 -5.44 29.66 -18.75
C LEU B 390 -4.42 29.53 -19.87
N GLY B 391 -3.48 30.46 -19.92
CA GLY B 391 -2.42 30.39 -20.90
C GLY B 391 -1.55 29.17 -20.63
N ALA B 392 -1.21 28.99 -19.37
CA ALA B 392 -0.40 27.85 -18.97
C ALA B 392 -1.07 26.58 -19.46
N ILE B 393 -2.32 26.41 -19.07
CA ILE B 393 -3.10 25.26 -19.48
C ILE B 393 -2.99 25.08 -20.99
N LEU B 394 -3.18 26.18 -21.73
CA LEU B 394 -3.09 26.16 -23.17
C LEU B 394 -1.75 25.65 -23.65
N ASN B 395 -0.67 26.24 -23.15
CA ASN B 395 0.66 25.79 -23.50
C ASN B 395 0.83 24.31 -23.18
N ARG B 396 0.22 23.91 -22.07
CA ARG B 396 0.27 22.53 -21.62
C ARG B 396 -0.32 21.61 -22.68
N LEU B 397 -1.52 21.95 -23.12
CA LEU B 397 -2.22 21.16 -24.13
C LEU B 397 -1.44 21.02 -25.43
N ARG B 398 -0.84 22.12 -25.87
CA ARG B 398 -0.05 22.11 -27.10
C ARG B 398 1.13 21.16 -27.00
N ASP B 399 1.88 21.28 -25.90
CA ASP B 399 3.04 20.43 -25.68
C ASP B 399 2.66 18.96 -25.80
N ASN B 400 1.44 18.64 -25.39
CA ASN B 400 0.97 17.27 -25.48
C ASN B 400 0.83 16.82 -26.93
N LYS B 401 0.58 17.76 -27.83
CA LYS B 401 0.41 17.45 -29.25
C LYS B 401 1.73 17.45 -30.02
N GLY B 402 2.68 18.25 -29.56
CA GLY B 402 3.99 18.32 -30.23
C GLY B 402 3.87 19.00 -31.59
N THR B 403 3.15 20.10 -31.63
CA THR B 403 2.94 20.84 -32.86
C THR B 403 3.15 22.32 -32.60
N PRO B 404 3.83 23.01 -33.53
CA PRO B 404 4.12 24.43 -33.36
C PRO B 404 2.89 25.26 -33.02
N ARG B 405 1.77 25.02 -33.69
CA ARG B 405 0.55 25.76 -33.38
C ARG B 405 -0.44 24.87 -32.63
N LEU B 406 -1.44 25.50 -32.03
CA LEU B 406 -2.49 24.78 -31.32
C LEU B 406 -3.83 25.46 -31.52
N ARG B 407 -4.84 24.68 -31.88
CA ARG B 407 -6.17 25.21 -32.05
C ARG B 407 -7.08 24.57 -31.02
N THR B 408 -7.91 25.38 -30.38
CA THR B 408 -8.79 24.83 -29.36
C THR B 408 -9.94 25.75 -28.94
N THR B 409 -11.04 25.14 -28.55
CA THR B 409 -12.19 25.89 -28.06
C THR B 409 -12.22 25.79 -26.54
N VAL B 410 -12.77 26.81 -25.90
CA VAL B 410 -12.83 26.82 -24.46
C VAL B 410 -14.23 27.21 -24.02
N GLY B 411 -14.96 26.25 -23.46
CA GLY B 411 -16.27 26.52 -22.92
C GLY B 411 -16.13 27.39 -21.68
N VAL B 412 -16.98 28.40 -21.56
CA VAL B 412 -16.90 29.27 -20.41
C VAL B 412 -18.26 29.53 -19.81
N ASP B 413 -18.26 29.95 -18.55
CA ASP B 413 -19.46 30.38 -17.88
C ASP B 413 -19.04 31.12 -16.63
N GLY B 414 -20.00 31.73 -15.95
CA GLY B 414 -19.70 32.54 -14.79
C GLY B 414 -20.42 33.86 -14.92
N SER B 415 -21.22 34.20 -13.92
CA SER B 415 -22.05 35.38 -13.99
C SER B 415 -21.22 36.61 -14.30
N LEU B 416 -20.02 36.67 -13.75
CA LEU B 416 -19.13 37.80 -14.00
C LEU B 416 -18.79 37.92 -15.49
N TYR B 417 -18.19 36.86 -16.03
CA TYR B 417 -17.85 36.79 -17.44
C TYR B 417 -19.03 37.23 -18.29
N LYS B 418 -20.19 36.68 -17.98
CA LYS B 418 -21.40 36.96 -18.76
C LYS B 418 -21.81 38.42 -18.72
N THR B 419 -21.74 39.04 -17.55
CA THR B 419 -22.34 40.36 -17.37
C THR B 419 -21.37 41.53 -17.39
N HIS B 420 -20.07 41.26 -17.40
CA HIS B 420 -19.11 42.36 -17.40
C HIS B 420 -18.85 42.88 -18.81
N PRO B 421 -18.86 44.22 -18.98
CA PRO B 421 -18.68 44.84 -20.29
C PRO B 421 -17.24 44.94 -20.82
N GLN B 422 -16.24 44.65 -20.00
CA GLN B 422 -14.85 44.73 -20.47
C GLN B 422 -14.08 43.43 -20.32
N TYR B 423 -14.41 42.69 -19.26
CA TYR B 423 -13.68 41.51 -18.86
C TYR B 423 -13.43 40.53 -20.01
N SER B 424 -14.51 40.05 -20.59
CA SER B 424 -14.42 39.10 -21.69
C SER B 424 -13.35 39.53 -22.67
N ARG B 425 -13.53 40.76 -23.17
CA ARG B 425 -12.65 41.35 -24.18
C ARG B 425 -11.20 41.42 -23.72
N ARG B 426 -10.98 42.07 -22.58
CA ARG B 426 -9.63 42.22 -22.06
C ARG B 426 -8.97 40.86 -21.87
N PHE B 427 -9.64 39.97 -21.15
CA PHE B 427 -9.14 38.63 -20.89
C PHE B 427 -8.66 37.95 -22.17
N HIS B 428 -9.49 38.01 -23.19
CA HIS B 428 -9.15 37.44 -24.48
C HIS B 428 -7.87 38.06 -25.02
N LYS B 429 -7.92 39.38 -25.26
CA LYS B 429 -6.76 40.12 -25.72
C LYS B 429 -5.48 39.65 -25.03
N THR B 430 -5.45 39.79 -23.70
CA THR B 430 -4.26 39.42 -22.93
C THR B 430 -3.87 37.96 -23.13
N LEU B 431 -4.85 37.06 -23.08
CA LEU B 431 -4.54 35.65 -23.25
C LEU B 431 -3.84 35.37 -24.57
N ARG B 432 -4.47 35.79 -25.66
CA ARG B 432 -3.92 35.51 -26.99
C ARG B 432 -2.52 36.07 -27.11
N ARG B 433 -2.31 37.25 -26.52
CA ARG B 433 -0.98 37.87 -26.51
C ARG B 433 0.03 36.99 -25.79
N LEU B 434 -0.43 36.25 -24.78
CA LEU B 434 0.47 35.45 -23.96
C LEU B 434 0.71 34.05 -24.53
N VAL B 435 -0.10 33.65 -25.51
CA VAL B 435 0.06 32.33 -26.11
C VAL B 435 0.11 32.41 -27.64
N PRO B 436 1.09 33.15 -28.16
CA PRO B 436 1.27 33.50 -29.56
C PRO B 436 0.87 32.41 -30.56
N ASP B 437 1.51 31.25 -30.49
CA ASP B 437 1.34 30.22 -31.49
C ASP B 437 0.09 29.36 -31.30
N SER B 438 -1.08 29.99 -31.29
CA SER B 438 -2.33 29.26 -31.11
C SER B 438 -3.59 30.11 -31.33
N ASP B 439 -4.58 29.51 -31.98
CA ASP B 439 -5.87 30.14 -32.20
C ASP B 439 -6.85 29.57 -31.17
N VAL B 440 -7.49 30.44 -30.40
CA VAL B 440 -8.37 30.00 -29.34
C VAL B 440 -9.81 30.48 -29.54
N ARG B 441 -10.77 29.59 -29.39
CA ARG B 441 -12.17 29.99 -29.45
C ARG B 441 -12.80 29.99 -28.06
N PHE B 442 -13.48 31.08 -27.72
CA PHE B 442 -14.15 31.16 -26.44
C PHE B 442 -15.65 31.05 -26.63
N LEU B 443 -16.16 29.83 -26.60
CA LEU B 443 -17.60 29.60 -26.72
C LEU B 443 -18.28 29.79 -25.38
N LEU B 444 -19.37 30.54 -25.36
CA LEU B 444 -20.06 30.85 -24.12
C LEU B 444 -21.28 29.96 -23.93
N SER B 445 -21.28 29.21 -22.84
CA SER B 445 -22.39 28.35 -22.48
C SER B 445 -23.59 29.21 -22.06
N GLU B 446 -24.72 29.07 -22.76
CA GLU B 446 -25.91 29.87 -22.44
C GLU B 446 -26.95 29.05 -21.68
N SER B 447 -26.88 27.74 -21.82
CA SER B 447 -27.78 26.85 -21.11
C SER B 447 -27.17 26.51 -19.77
N GLY B 448 -25.84 26.49 -19.71
CA GLY B 448 -25.13 26.12 -18.51
C GLY B 448 -24.57 24.72 -18.64
N SER B 449 -23.94 24.25 -17.57
CA SER B 449 -23.29 22.94 -17.58
C SER B 449 -24.29 21.80 -17.62
N GLY B 450 -25.58 22.13 -17.53
CA GLY B 450 -26.64 21.14 -17.57
C GLY B 450 -26.52 20.15 -18.71
N LYS B 451 -26.49 20.65 -19.94
CA LYS B 451 -26.44 19.78 -21.10
C LYS B 451 -25.24 18.85 -21.04
N GLY B 452 -24.13 19.35 -20.52
CA GLY B 452 -22.91 18.56 -20.40
C GLY B 452 -23.00 17.49 -19.33
N ALA B 453 -23.52 17.88 -18.17
CA ALA B 453 -23.72 16.92 -17.09
C ALA B 453 -24.43 15.71 -17.67
N ALA B 454 -25.65 15.94 -18.15
CA ALA B 454 -26.45 14.88 -18.76
C ALA B 454 -25.66 14.08 -19.79
N MET B 455 -24.76 14.73 -20.52
CA MET B 455 -23.97 14.02 -21.51
C MET B 455 -23.02 13.04 -20.83
N VAL B 456 -22.49 13.43 -19.68
CA VAL B 456 -21.62 12.56 -18.91
C VAL B 456 -22.44 11.49 -18.21
N THR B 457 -23.60 11.92 -17.72
CA THR B 457 -24.52 11.01 -17.04
C THR B 457 -24.95 9.90 -18.00
N ALA B 458 -24.93 10.20 -19.30
CA ALA B 458 -25.30 9.22 -20.30
C ALA B 458 -24.27 8.10 -20.32
N VAL B 459 -23.01 8.48 -20.43
CA VAL B 459 -21.92 7.52 -20.49
C VAL B 459 -21.75 6.91 -19.11
N ALA B 460 -22.12 7.67 -18.09
CA ALA B 460 -22.04 7.16 -16.73
C ALA B 460 -22.97 5.97 -16.58
N TYR B 461 -24.24 6.20 -16.90
CA TYR B 461 -25.29 5.20 -16.76
C TYR B 461 -25.09 4.02 -17.70
N ARG B 462 -24.51 4.30 -18.86
CA ARG B 462 -24.25 3.25 -19.82
C ARG B 462 -23.23 2.29 -19.24
N LEU B 463 -22.28 2.84 -18.48
CA LEU B 463 -21.26 2.01 -17.85
C LEU B 463 -21.81 1.37 -16.58
N ALA B 464 -22.64 2.11 -15.86
CA ALA B 464 -23.28 1.60 -14.67
C ALA B 464 -23.95 0.27 -14.97
N GLU B 465 -24.75 0.24 -16.03
CA GLU B 465 -25.49 -0.95 -16.40
C GLU B 465 -24.58 -2.14 -16.62
N GLN B 466 -23.47 -1.92 -17.30
CA GLN B 466 -22.54 -3.00 -17.56
C GLN B 466 -22.07 -3.63 -16.26
N HIS B 467 -21.70 -2.79 -15.31
CA HIS B 467 -21.30 -3.27 -14.00
C HIS B 467 -22.45 -4.07 -13.38
N ARG B 468 -23.56 -3.40 -13.09
CA ARG B 468 -24.71 -4.09 -12.51
C ARG B 468 -24.81 -5.52 -13.02
N GLN B 469 -24.78 -5.70 -14.34
CA GLN B 469 -24.90 -7.02 -14.92
C GLN B 469 -23.76 -7.90 -14.45
N ILE B 470 -22.54 -7.41 -14.60
CA ILE B 470 -21.35 -8.16 -14.21
C ILE B 470 -21.46 -8.66 -12.77
N GLU B 471 -21.70 -7.73 -11.84
CA GLU B 471 -21.82 -8.09 -10.44
C GLU B 471 -22.98 -9.06 -10.24
N GLU B 472 -24.12 -8.73 -10.83
CA GLU B 472 -25.31 -9.59 -10.78
C GLU B 472 -24.96 -11.02 -11.14
N THR B 473 -23.95 -11.19 -11.99
CA THR B 473 -23.52 -12.50 -12.41
C THR B 473 -22.54 -13.08 -11.40
N LEU B 474 -21.46 -12.36 -11.16
CA LEU B 474 -20.44 -12.80 -10.22
C LEU B 474 -21.05 -13.08 -8.86
N ALA B 475 -22.15 -12.40 -8.56
CA ALA B 475 -22.83 -12.56 -7.28
C ALA B 475 -23.07 -14.05 -6.98
N HIS B 476 -23.46 -14.79 -8.01
CA HIS B 476 -23.74 -16.21 -7.84
C HIS B 476 -22.54 -16.99 -7.34
N PHE B 477 -21.40 -16.32 -7.21
CA PHE B 477 -20.20 -17.01 -6.72
C PHE B 477 -19.91 -16.63 -5.26
N HIS B 478 -20.72 -15.71 -4.74
CA HIS B 478 -20.56 -15.26 -3.37
C HIS B 478 -21.24 -16.22 -2.41
N LEU B 479 -20.44 -16.97 -1.67
CA LEU B 479 -20.99 -17.88 -0.67
C LEU B 479 -20.91 -17.21 0.70
N THR B 480 -22.00 -17.28 1.44
CA THR B 480 -22.08 -16.60 2.72
C THR B 480 -21.85 -17.57 3.87
N LYS B 481 -21.51 -17.03 5.02
CA LYS B 481 -21.28 -17.83 6.22
C LYS B 481 -22.30 -18.95 6.34
N ASP B 482 -23.55 -18.66 5.98
CA ASP B 482 -24.59 -19.65 6.11
C ASP B 482 -24.53 -20.71 5.03
N MET B 483 -24.58 -20.30 3.76
CA MET B 483 -24.45 -21.23 2.66
C MET B 483 -23.28 -22.16 2.95
N LEU B 484 -22.20 -21.57 3.45
CA LEU B 484 -20.98 -22.32 3.76
C LEU B 484 -21.22 -23.38 4.84
N LEU B 485 -21.85 -22.97 5.93
CA LEU B 485 -22.18 -23.92 6.97
C LEU B 485 -22.96 -25.07 6.37
N GLU B 486 -23.99 -24.73 5.61
CA GLU B 486 -24.82 -25.71 4.93
C GLU B 486 -23.98 -26.73 4.15
N VAL B 487 -23.01 -26.24 3.41
CA VAL B 487 -22.13 -27.12 2.65
C VAL B 487 -21.46 -28.11 3.60
N LYS B 488 -20.75 -27.57 4.59
CA LYS B 488 -20.13 -28.43 5.59
C LYS B 488 -21.12 -29.49 6.07
N LYS B 489 -22.29 -29.04 6.49
CA LYS B 489 -23.34 -29.92 6.97
C LYS B 489 -23.56 -31.09 6.00
N ARG B 490 -23.81 -30.75 4.74
CA ARG B 490 -24.03 -31.76 3.72
C ARG B 490 -22.78 -32.62 3.62
N MET B 491 -21.63 -31.97 3.51
CA MET B 491 -20.40 -32.72 3.45
C MET B 491 -20.41 -33.77 4.55
N ARG B 492 -20.79 -33.37 5.77
CA ARG B 492 -20.88 -34.30 6.88
C ARG B 492 -21.79 -35.46 6.48
N ALA B 493 -23.04 -35.14 6.18
CA ALA B 493 -24.00 -36.13 5.75
C ALA B 493 -23.38 -37.10 4.74
N GLU B 494 -22.75 -36.56 3.72
CA GLU B 494 -22.17 -37.38 2.67
C GLU B 494 -21.10 -38.32 3.23
N MET B 495 -20.32 -37.83 4.19
CA MET B 495 -19.31 -38.68 4.83
C MET B 495 -19.98 -39.88 5.46
N GLU B 496 -21.06 -39.62 6.20
CA GLU B 496 -21.81 -40.66 6.88
C GLU B 496 -22.24 -41.74 5.90
N LEU B 497 -22.98 -41.33 4.88
CA LEU B 497 -23.44 -42.25 3.85
C LEU B 497 -22.31 -43.10 3.28
N GLY B 498 -21.14 -42.48 3.12
CA GLY B 498 -19.99 -43.15 2.54
C GLY B 498 -19.47 -44.25 3.42
N LEU B 499 -19.65 -44.10 4.73
CA LEU B 499 -19.15 -45.07 5.68
C LEU B 499 -20.15 -46.20 5.97
N ARG B 500 -21.40 -45.83 6.23
CA ARG B 500 -22.45 -46.80 6.57
C ARG B 500 -22.77 -47.74 5.40
N LYS B 501 -22.29 -48.97 5.49
CA LYS B 501 -22.38 -49.95 4.40
C LYS B 501 -23.79 -50.07 3.83
N GLN B 502 -24.76 -49.64 4.62
CA GLN B 502 -26.15 -49.66 4.21
C GLN B 502 -26.40 -48.71 3.03
N THR B 503 -25.76 -47.54 3.06
CA THR B 503 -25.97 -46.53 2.04
C THR B 503 -24.75 -46.32 1.14
N HIS B 504 -23.66 -46.98 1.50
CA HIS B 504 -22.38 -46.84 0.78
C HIS B 504 -22.50 -46.97 -0.74
N ASN B 505 -23.35 -47.87 -1.21
CA ASN B 505 -23.49 -48.12 -2.64
C ASN B 505 -23.99 -46.91 -3.40
N ASN B 506 -24.96 -46.22 -2.82
CA ASN B 506 -25.57 -45.05 -3.46
C ASN B 506 -24.93 -43.75 -2.99
N ALA B 507 -23.83 -43.87 -2.24
CA ALA B 507 -23.13 -42.69 -1.75
C ALA B 507 -22.13 -42.21 -2.79
N VAL B 508 -22.01 -40.90 -2.91
CA VAL B 508 -21.09 -40.29 -3.86
C VAL B 508 -19.67 -40.16 -3.26
N VAL B 509 -19.59 -39.63 -2.05
CA VAL B 509 -18.33 -39.61 -1.31
C VAL B 509 -18.06 -41.03 -0.80
N LYS B 510 -17.08 -41.69 -1.39
CA LYS B 510 -16.92 -43.11 -1.15
C LYS B 510 -16.32 -43.47 0.21
N MET B 511 -15.56 -42.56 0.79
CA MET B 511 -14.94 -42.85 2.08
C MET B 511 -14.23 -44.20 1.99
N LEU B 512 -13.35 -44.34 1.01
CA LEU B 512 -12.64 -45.60 0.77
C LEU B 512 -11.60 -45.87 1.86
N PRO B 513 -11.51 -47.12 2.28
CA PRO B 513 -10.50 -47.55 3.25
C PRO B 513 -9.13 -47.75 2.60
N SER B 514 -8.10 -47.19 3.21
CA SER B 514 -6.75 -47.21 2.67
C SER B 514 -5.95 -48.38 3.22
N PHE B 515 -6.45 -48.95 4.31
CA PHE B 515 -5.74 -50.02 5.02
C PHE B 515 -4.40 -49.53 5.55
N VAL B 516 -4.42 -48.31 6.08
CA VAL B 516 -3.34 -47.77 6.86
C VAL B 516 -3.98 -47.48 8.20
N ARG B 517 -3.45 -48.08 9.26
CA ARG B 517 -4.15 -48.06 10.55
C ARG B 517 -3.54 -47.12 11.58
N ARG B 518 -2.26 -46.76 11.42
CA ARG B 518 -1.63 -45.85 12.35
C ARG B 518 -0.52 -45.02 11.73
N THR B 519 -0.49 -43.75 12.10
CA THR B 519 0.57 -42.83 11.67
C THR B 519 1.94 -43.42 12.01
N PRO B 520 3.00 -42.95 11.35
CA PRO B 520 4.31 -43.55 11.60
C PRO B 520 4.66 -43.55 13.08
N ASP B 521 5.41 -44.54 13.52
CA ASP B 521 5.80 -44.61 14.93
C ASP B 521 7.31 -44.45 15.14
N GLY B 522 8.06 -44.41 14.04
CA GLY B 522 9.50 -44.14 14.11
C GLY B 522 10.40 -45.36 14.01
N THR B 523 9.84 -46.49 13.64
CA THR B 523 10.61 -47.72 13.52
C THR B 523 10.83 -48.09 12.07
N GLU B 524 10.07 -47.45 11.18
CA GLU B 524 10.17 -47.70 9.75
C GLU B 524 11.63 -47.65 9.27
N ASN B 525 12.15 -48.80 8.85
CA ASN B 525 13.56 -48.89 8.46
C ASN B 525 13.72 -49.59 7.12
N GLY B 526 14.68 -49.13 6.32
CA GLY B 526 15.00 -49.81 5.05
C GLY B 526 15.14 -48.94 3.82
N ASP B 527 15.03 -49.59 2.65
CA ASP B 527 15.11 -48.92 1.35
C ASP B 527 13.82 -49.19 0.59
N PHE B 528 13.27 -48.18 -0.08
CA PHE B 528 11.98 -48.35 -0.76
C PHE B 528 11.92 -47.66 -2.12
N LEU B 529 11.47 -48.39 -3.13
CA LEU B 529 11.16 -47.80 -4.42
C LEU B 529 9.74 -47.27 -4.38
N ALA B 530 9.56 -46.00 -4.73
CA ALA B 530 8.24 -45.40 -4.69
C ALA B 530 7.82 -44.86 -6.05
N LEU B 531 6.54 -45.02 -6.36
CA LEU B 531 5.96 -44.46 -7.58
C LEU B 531 4.97 -43.37 -7.25
N ASP B 532 5.07 -42.25 -7.96
CA ASP B 532 4.16 -41.13 -7.73
C ASP B 532 3.47 -40.73 -9.03
N LEU B 533 2.24 -41.19 -9.21
CA LEU B 533 1.51 -40.99 -10.45
C LEU B 533 0.14 -40.40 -10.17
N GLY B 534 -0.28 -39.47 -11.01
CA GLY B 534 -1.61 -38.88 -10.89
C GLY B 534 -1.59 -37.38 -10.79
N GLY B 535 -0.46 -36.84 -10.35
CA GLY B 535 -0.32 -35.40 -10.20
C GLY B 535 -0.05 -34.73 -11.53
N THR B 536 0.69 -33.64 -11.48
CA THR B 536 1.15 -32.96 -12.69
C THR B 536 2.51 -33.52 -13.08
N ASN B 537 2.99 -34.47 -12.30
CA ASN B 537 4.29 -35.06 -12.55
C ASN B 537 4.40 -36.53 -12.13
N PHE B 538 4.55 -37.41 -13.11
CA PHE B 538 4.84 -38.81 -12.80
C PHE B 538 6.32 -38.89 -12.46
N ARG B 539 6.65 -39.60 -11.39
CA ARG B 539 8.05 -39.75 -11.02
C ARG B 539 8.37 -40.99 -10.19
N VAL B 540 9.56 -41.53 -10.37
CA VAL B 540 10.00 -42.68 -9.60
C VAL B 540 10.93 -42.23 -8.50
N LEU B 541 10.74 -42.76 -7.31
CA LEU B 541 11.47 -42.33 -6.12
C LEU B 541 12.31 -43.45 -5.52
N LEU B 542 13.39 -43.06 -4.86
CA LEU B 542 14.18 -43.99 -4.05
C LEU B 542 14.29 -43.40 -2.66
N VAL B 543 13.72 -44.08 -1.68
CA VAL B 543 13.74 -43.60 -0.30
C VAL B 543 14.50 -44.53 0.65
N LYS B 544 15.41 -43.95 1.41
CA LYS B 544 16.15 -44.71 2.40
C LYS B 544 15.84 -44.14 3.77
N ILE B 545 15.37 -45.00 4.67
CA ILE B 545 15.01 -44.55 5.99
C ILE B 545 15.83 -45.25 7.06
N ARG B 546 16.22 -44.47 8.06
CA ARG B 546 16.85 -45.05 9.23
C ARG B 546 16.07 -44.66 10.47
N SER B 547 15.97 -45.59 11.41
CA SER B 547 15.25 -45.36 12.65
C SER B 547 16.21 -45.59 13.80
N GLY B 548 15.76 -45.29 15.01
CA GLY B 548 16.63 -45.46 16.18
C GLY B 548 17.38 -44.18 16.51
N LYS B 549 18.40 -44.30 17.34
CA LYS B 549 19.06 -43.11 17.93
C LYS B 549 19.09 -41.85 17.06
N LYS B 550 19.55 -41.94 15.81
CA LYS B 550 19.39 -40.83 14.87
C LYS B 550 18.55 -41.26 13.67
N ARG B 551 17.50 -40.50 13.38
CA ARG B 551 16.58 -40.84 12.30
C ARG B 551 16.80 -39.96 11.06
N THR B 552 17.01 -40.62 9.92
CA THR B 552 17.27 -39.92 8.68
C THR B 552 16.42 -40.47 7.54
N VAL B 553 16.17 -39.64 6.54
CA VAL B 553 15.32 -40.02 5.41
C VAL B 553 15.84 -39.48 4.07
N GLU B 554 16.92 -40.07 3.58
CA GLU B 554 17.47 -39.66 2.28
C GLU B 554 16.52 -40.06 1.15
N MET B 555 16.48 -39.26 0.09
CA MET B 555 15.65 -39.63 -1.07
C MET B 555 15.98 -38.89 -2.36
N HIS B 556 16.01 -39.64 -3.45
CA HIS B 556 16.25 -39.09 -4.78
C HIS B 556 15.07 -39.45 -5.66
N ASN B 557 14.87 -38.71 -6.73
CA ASN B 557 13.76 -38.99 -7.64
C ASN B 557 13.95 -38.39 -9.01
N LYS B 558 13.36 -39.02 -10.01
CA LYS B 558 13.43 -38.52 -11.38
C LYS B 558 12.04 -38.33 -11.95
N ILE B 559 11.85 -37.23 -12.67
CA ILE B 559 10.59 -36.95 -13.33
C ILE B 559 10.58 -37.60 -14.72
N TYR B 560 9.46 -38.22 -15.08
CA TYR B 560 9.31 -38.81 -16.40
C TYR B 560 8.05 -38.28 -17.05
N ALA B 561 8.20 -37.63 -18.21
CA ALA B 561 7.02 -37.18 -18.92
C ALA B 561 6.18 -38.39 -19.30
N ILE B 562 4.88 -38.20 -19.37
CA ILE B 562 3.98 -39.22 -19.90
C ILE B 562 3.31 -38.60 -21.11
N PRO B 563 3.63 -39.11 -22.30
CA PRO B 563 3.08 -38.56 -23.54
C PRO B 563 1.57 -38.64 -23.59
N ILE B 564 0.93 -37.62 -24.15
CA ILE B 564 -0.53 -37.53 -24.20
C ILE B 564 -1.17 -38.78 -24.77
N GLU B 565 -0.62 -39.28 -25.86
CA GLU B 565 -1.10 -40.53 -26.43
C GLU B 565 -1.21 -41.60 -25.36
N ILE B 566 -0.10 -41.86 -24.66
CA ILE B 566 -0.03 -42.93 -23.66
C ILE B 566 -1.00 -42.71 -22.50
N MET B 567 -1.15 -41.45 -22.12
CA MET B 567 -2.03 -41.09 -21.02
C MET B 567 -3.47 -41.44 -21.39
N GLN B 568 -3.76 -41.43 -22.70
CA GLN B 568 -5.09 -41.74 -23.19
C GLN B 568 -5.05 -42.85 -24.25
N GLY B 569 -4.05 -43.72 -24.13
CA GLY B 569 -3.96 -44.90 -25.00
C GLY B 569 -4.65 -46.06 -24.33
N THR B 570 -3.89 -47.08 -23.96
CA THR B 570 -4.46 -48.27 -23.33
C THR B 570 -3.66 -48.64 -22.10
N GLY B 571 -4.33 -49.26 -21.14
CA GLY B 571 -3.67 -49.69 -19.91
C GLY B 571 -2.36 -50.42 -20.14
N GLU B 572 -2.35 -51.32 -21.12
CA GLU B 572 -1.16 -52.11 -21.41
C GLU B 572 0.05 -51.21 -21.69
N GLU B 573 -0.17 -50.21 -22.55
CA GLU B 573 0.88 -49.28 -22.96
C GLU B 573 1.34 -48.43 -21.77
N LEU B 574 0.41 -47.69 -21.20
CA LEU B 574 0.71 -46.86 -20.03
C LEU B 574 1.62 -47.63 -19.10
N PHE B 575 1.08 -48.71 -18.51
CA PHE B 575 1.79 -49.49 -17.52
C PHE B 575 3.10 -50.09 -18.00
N ASP B 576 3.23 -50.26 -19.31
CA ASP B 576 4.50 -50.69 -19.88
C ASP B 576 5.48 -49.52 -19.83
N HIS B 577 4.93 -48.32 -20.08
CA HIS B 577 5.69 -47.08 -20.01
C HIS B 577 6.17 -46.84 -18.59
N ILE B 578 5.32 -47.15 -17.61
CA ILE B 578 5.69 -47.04 -16.21
C ILE B 578 6.85 -47.97 -15.92
N VAL B 579 6.60 -49.27 -16.01
CA VAL B 579 7.64 -50.26 -15.73
C VAL B 579 8.89 -49.91 -16.51
N SER B 580 8.70 -49.27 -17.66
CA SER B 580 9.81 -48.80 -18.47
C SER B 580 10.64 -47.80 -17.67
N CYS B 581 9.96 -46.77 -17.17
CA CYS B 581 10.60 -45.74 -16.38
C CYS B 581 11.13 -46.32 -15.09
N ILE B 582 10.33 -47.18 -14.47
CA ILE B 582 10.76 -47.87 -13.26
C ILE B 582 12.15 -48.44 -13.48
N SER B 583 12.32 -49.11 -14.60
CA SER B 583 13.58 -49.76 -14.94
C SER B 583 14.70 -48.73 -15.07
N ASP B 584 14.48 -47.72 -15.91
CA ASP B 584 15.46 -46.68 -16.14
C ASP B 584 15.97 -46.08 -14.83
N PHE B 585 15.04 -45.76 -13.94
CA PHE B 585 15.40 -45.17 -12.65
C PHE B 585 16.27 -46.11 -11.82
N LEU B 586 16.01 -47.41 -11.94
CA LEU B 586 16.83 -48.40 -11.25
C LEU B 586 18.27 -48.31 -11.73
N ASP B 587 18.45 -48.04 -13.01
CA ASP B 587 19.78 -47.83 -13.59
C ASP B 587 20.39 -46.56 -13.01
N TYR B 588 19.72 -45.44 -13.29
CA TYR B 588 20.08 -44.13 -12.79
C TYR B 588 20.51 -44.19 -11.33
N MET B 589 19.89 -45.10 -10.56
CA MET B 589 20.21 -45.23 -9.14
C MET B 589 21.29 -46.27 -8.87
N GLY B 590 21.61 -47.06 -9.89
CA GLY B 590 22.63 -48.11 -9.76
C GLY B 590 22.22 -49.22 -8.82
N ILE B 591 20.91 -49.41 -8.65
CA ILE B 591 20.39 -50.44 -7.77
C ILE B 591 19.67 -51.55 -8.52
N LYS B 592 19.89 -51.63 -9.83
CA LYS B 592 19.39 -52.76 -10.59
C LYS B 592 19.87 -54.02 -9.88
N GLY B 593 19.00 -55.03 -9.82
CA GLY B 593 19.36 -56.26 -9.13
C GLY B 593 18.36 -56.65 -8.05
N PRO B 594 18.75 -56.50 -6.78
CA PRO B 594 17.97 -57.09 -5.69
C PRO B 594 16.50 -56.71 -5.79
N ARG B 595 15.62 -57.61 -5.37
CA ARG B 595 14.19 -57.41 -5.48
C ARG B 595 13.65 -56.54 -4.35
N MET B 596 13.32 -55.28 -4.67
CA MET B 596 12.93 -54.33 -3.64
C MET B 596 11.42 -54.17 -3.51
N PRO B 597 10.97 -53.69 -2.35
CA PRO B 597 9.57 -53.39 -2.06
C PRO B 597 9.20 -52.02 -2.63
N LEU B 598 7.97 -51.87 -3.11
CA LEU B 598 7.58 -50.64 -3.77
C LEU B 598 6.26 -50.07 -3.26
N GLY B 599 6.30 -48.78 -2.94
CA GLY B 599 5.10 -48.04 -2.59
C GLY B 599 4.55 -47.32 -3.81
N PHE B 600 3.35 -47.73 -4.21
CA PHE B 600 2.73 -47.19 -5.41
C PHE B 600 1.72 -46.10 -5.07
N THR B 601 2.03 -44.86 -5.42
CA THR B 601 1.10 -43.76 -5.20
C THR B 601 0.27 -43.50 -6.45
N PHE B 602 -0.95 -44.00 -6.41
CA PHE B 602 -1.90 -43.86 -7.51
C PHE B 602 -2.97 -42.89 -7.03
N SER B 603 -3.10 -41.76 -7.72
CA SER B 603 -4.02 -40.72 -7.26
C SER B 603 -5.45 -40.92 -7.75
N PHE B 604 -6.02 -42.09 -7.52
CA PHE B 604 -7.35 -42.36 -8.06
C PHE B 604 -8.25 -43.24 -7.20
N PRO B 605 -9.55 -42.92 -7.17
CA PRO B 605 -10.45 -43.70 -6.33
C PRO B 605 -10.28 -45.19 -6.60
N CYS B 606 -9.63 -45.89 -5.66
CA CYS B 606 -9.39 -47.33 -5.81
C CYS B 606 -10.05 -48.13 -4.70
N GLN B 607 -10.83 -49.14 -5.10
CA GLN B 607 -11.45 -50.08 -4.17
C GLN B 607 -10.41 -51.09 -3.70
N GLN B 608 -10.20 -51.17 -2.40
CA GLN B 608 -9.16 -52.02 -1.87
C GLN B 608 -9.69 -53.05 -0.88
N THR B 609 -8.93 -54.12 -0.71
CA THR B 609 -9.27 -55.19 0.21
C THR B 609 -8.08 -55.39 1.12
N SER B 610 -6.91 -55.02 0.61
CA SER B 610 -5.68 -55.06 1.37
C SER B 610 -4.81 -53.89 0.95
N LEU B 611 -3.70 -53.70 1.64
CA LEU B 611 -2.79 -52.61 1.33
C LEU B 611 -2.18 -52.73 -0.06
N ASP B 612 -1.97 -53.96 -0.52
CA ASP B 612 -1.34 -54.20 -1.81
C ASP B 612 -2.34 -54.61 -2.88
N ALA B 613 -3.58 -54.15 -2.73
CA ALA B 613 -4.62 -54.46 -3.72
C ALA B 613 -5.59 -53.29 -3.86
N GLY B 614 -5.74 -52.78 -5.08
CA GLY B 614 -6.62 -51.64 -5.33
C GLY B 614 -7.20 -51.62 -6.73
N ILE B 615 -8.53 -51.67 -6.79
CA ILE B 615 -9.24 -51.67 -8.06
C ILE B 615 -9.69 -50.26 -8.48
N LEU B 616 -9.12 -49.76 -9.58
CA LEU B 616 -9.48 -48.44 -10.09
C LEU B 616 -10.98 -48.32 -10.31
N ILE B 617 -11.65 -47.61 -9.41
CA ILE B 617 -13.09 -47.43 -9.47
C ILE B 617 -13.52 -46.60 -10.67
N THR B 618 -12.73 -45.59 -11.00
CA THR B 618 -13.02 -44.73 -12.14
C THR B 618 -11.86 -43.77 -12.39
N TRP B 619 -11.69 -43.35 -13.64
CA TRP B 619 -10.68 -42.36 -13.95
C TRP B 619 -11.18 -40.99 -13.54
N THR B 620 -10.24 -40.08 -13.25
CA THR B 620 -10.55 -38.71 -12.89
C THR B 620 -9.52 -37.79 -13.55
N LYS B 621 -9.71 -36.49 -13.40
CA LYS B 621 -8.71 -35.53 -13.88
C LYS B 621 -8.44 -35.71 -15.37
N GLY B 622 -7.16 -35.75 -15.74
CA GLY B 622 -6.76 -35.83 -17.14
C GLY B 622 -6.75 -37.22 -17.78
N PHE B 623 -6.63 -38.27 -16.96
CA PHE B 623 -6.48 -39.63 -17.47
C PHE B 623 -7.77 -40.30 -17.92
N LYS B 624 -7.67 -40.97 -19.06
CA LYS B 624 -8.57 -42.05 -19.41
C LYS B 624 -7.73 -43.00 -20.22
N ALA B 625 -7.37 -44.13 -19.63
CA ALA B 625 -6.70 -45.16 -20.38
C ALA B 625 -7.64 -46.35 -20.42
N THR B 626 -7.72 -47.00 -21.57
CA THR B 626 -8.68 -48.08 -21.75
C THR B 626 -8.28 -49.35 -20.99
N ASP B 627 -9.29 -50.09 -20.57
CA ASP B 627 -9.07 -51.41 -19.96
C ASP B 627 -8.25 -51.33 -18.68
N CYS B 628 -8.50 -50.31 -17.88
CA CYS B 628 -7.88 -50.16 -16.58
C CYS B 628 -8.96 -50.25 -15.50
N VAL B 629 -9.98 -49.41 -15.63
CA VAL B 629 -11.11 -49.40 -14.72
C VAL B 629 -11.54 -50.81 -14.35
N GLY B 630 -11.89 -51.01 -13.08
CA GLY B 630 -12.37 -52.31 -12.63
C GLY B 630 -11.23 -53.29 -12.42
N HIS B 631 -10.03 -52.87 -12.81
CA HIS B 631 -8.84 -53.69 -12.62
C HIS B 631 -8.13 -53.36 -11.30
N ASP B 632 -7.28 -54.27 -10.85
CA ASP B 632 -6.41 -54.02 -9.72
C ASP B 632 -5.13 -53.41 -10.27
N VAL B 633 -4.91 -52.13 -10.00
CA VAL B 633 -3.74 -51.44 -10.56
C VAL B 633 -2.44 -52.15 -10.19
N VAL B 634 -2.40 -52.75 -9.02
CA VAL B 634 -1.23 -53.53 -8.61
C VAL B 634 -0.97 -54.63 -9.63
N THR B 635 -2.05 -55.26 -10.08
CA THR B 635 -1.95 -56.31 -11.08
C THR B 635 -1.46 -55.71 -12.40
N LEU B 636 -2.20 -54.73 -12.93
CA LEU B 636 -1.78 -54.03 -14.14
C LEU B 636 -0.28 -53.79 -14.12
N LEU B 637 0.24 -53.48 -12.94
CA LEU B 637 1.65 -53.18 -12.77
C LEU B 637 2.47 -54.47 -12.83
N ARG B 638 2.20 -55.38 -11.89
CA ARG B 638 2.91 -56.65 -11.85
C ARG B 638 2.85 -57.34 -13.20
N ASP B 639 1.86 -56.97 -14.00
CA ASP B 639 1.69 -57.54 -15.33
C ASP B 639 2.55 -56.83 -16.38
N ALA B 640 2.78 -55.53 -16.19
CA ALA B 640 3.62 -54.78 -17.12
C ALA B 640 5.08 -55.13 -16.87
N ILE B 641 5.40 -55.46 -15.61
CA ILE B 641 6.73 -55.89 -15.22
C ILE B 641 7.03 -57.26 -15.81
N LYS B 642 6.09 -58.18 -15.66
CA LYS B 642 6.24 -59.52 -16.22
C LYS B 642 6.48 -59.43 -17.73
N ARG B 643 5.78 -58.52 -18.39
CA ARG B 643 5.94 -58.31 -19.82
C ARG B 643 7.28 -57.67 -20.14
N ARG B 644 8.21 -57.74 -19.19
CA ARG B 644 9.55 -57.17 -19.38
C ARG B 644 10.61 -58.15 -18.88
N GLU B 645 10.61 -58.40 -17.58
CA GLU B 645 11.50 -59.37 -16.96
C GLU B 645 12.89 -58.85 -16.68
N GLU B 646 13.13 -57.57 -17.00
CA GLU B 646 14.42 -56.95 -16.71
C GLU B 646 14.73 -56.96 -15.22
N PHE B 647 13.68 -56.95 -14.41
CA PHE B 647 13.80 -56.90 -12.97
C PHE B 647 12.50 -57.39 -12.35
N ASP B 648 12.52 -57.55 -11.03
CA ASP B 648 11.34 -58.00 -10.30
C ASP B 648 11.32 -57.23 -8.99
N LEU B 649 10.13 -56.89 -8.51
CA LEU B 649 10.07 -56.21 -7.23
C LEU B 649 8.71 -56.35 -6.54
N ASP B 650 8.74 -56.14 -5.23
CA ASP B 650 7.57 -56.39 -4.40
C ASP B 650 6.80 -55.12 -4.08
N VAL B 651 5.67 -54.92 -4.77
CA VAL B 651 4.80 -53.81 -4.46
C VAL B 651 4.01 -54.13 -3.21
N VAL B 652 4.52 -53.68 -2.06
CA VAL B 652 3.80 -53.94 -0.82
C VAL B 652 2.50 -53.13 -0.76
N ALA B 653 2.46 -51.97 -1.40
CA ALA B 653 1.34 -51.06 -1.18
C ALA B 653 0.93 -50.18 -2.36
N VAL B 654 -0.37 -49.94 -2.44
CA VAL B 654 -0.92 -48.88 -3.28
C VAL B 654 -1.49 -47.81 -2.36
N VAL B 655 -1.05 -46.58 -2.57
CA VAL B 655 -1.42 -45.50 -1.68
C VAL B 655 -2.02 -44.33 -2.44
N ASN B 656 -3.16 -43.85 -1.96
CA ASN B 656 -3.71 -42.63 -2.50
C ASN B 656 -2.91 -41.44 -1.97
N ASP B 657 -2.66 -40.46 -2.85
CA ASP B 657 -1.76 -39.35 -2.52
C ASP B 657 -2.20 -38.51 -1.31
N THR B 658 -3.50 -38.34 -1.11
CA THR B 658 -3.94 -37.63 0.10
C THR B 658 -3.36 -38.34 1.30
N VAL B 659 -3.44 -39.66 1.28
CA VAL B 659 -2.94 -40.48 2.38
C VAL B 659 -1.42 -40.43 2.50
N GLY B 660 -0.72 -40.71 1.41
CA GLY B 660 0.74 -40.60 1.40
C GLY B 660 1.16 -39.26 1.97
N THR B 661 0.61 -38.19 1.42
CA THR B 661 0.91 -36.85 1.91
C THR B 661 0.81 -36.84 3.43
N MET B 662 -0.39 -37.12 3.94
CA MET B 662 -0.59 -37.14 5.37
C MET B 662 0.61 -37.79 6.06
N MET B 663 0.84 -39.05 5.76
CA MET B 663 1.95 -39.80 6.33
C MET B 663 3.28 -39.06 6.27
N THR B 664 3.60 -38.49 5.12
CA THR B 664 4.84 -37.71 4.99
C THR B 664 4.89 -36.61 6.05
N CYS B 665 3.72 -36.06 6.38
CA CYS B 665 3.63 -34.96 7.34
C CYS B 665 3.40 -35.44 8.77
N ALA B 666 2.75 -36.60 8.90
CA ALA B 666 2.48 -37.18 10.21
C ALA B 666 3.79 -37.70 10.77
N TYR B 667 4.80 -37.68 9.91
CA TYR B 667 6.13 -38.06 10.31
C TYR B 667 6.63 -37.15 11.42
N GLU B 668 6.04 -35.95 11.53
CA GLU B 668 6.79 -34.89 12.20
C GLU B 668 6.46 -34.38 13.60
N GLU B 669 5.31 -33.77 13.93
CA GLU B 669 3.92 -33.92 13.46
C GLU B 669 3.13 -35.22 13.62
N PRO B 670 3.03 -35.67 14.88
CA PRO B 670 2.23 -36.78 15.36
C PRO B 670 0.74 -36.44 15.37
N THR B 671 0.40 -35.16 15.47
CA THR B 671 -1.01 -34.75 15.43
C THR B 671 -1.51 -34.61 13.99
N CYS B 672 -0.69 -35.03 13.03
CA CYS B 672 -1.10 -35.04 11.65
C CYS B 672 -1.98 -36.25 11.44
N GLU B 673 -3.28 -36.03 11.46
CA GLU B 673 -4.27 -37.09 11.28
C GLU B 673 -5.19 -36.81 10.08
N VAL B 674 -4.78 -35.87 9.24
CA VAL B 674 -5.58 -35.46 8.09
C VAL B 674 -4.68 -35.13 6.91
N GLY B 675 -5.07 -35.60 5.73
CA GLY B 675 -4.33 -35.28 4.51
C GLY B 675 -5.20 -34.52 3.53
N LEU B 676 -4.63 -33.52 2.88
CA LEU B 676 -5.36 -32.72 1.92
C LEU B 676 -4.51 -32.46 0.69
N ILE B 677 -5.16 -32.43 -0.47
CA ILE B 677 -4.48 -32.08 -1.70
C ILE B 677 -5.30 -31.11 -2.52
N VAL B 678 -4.68 -30.00 -2.88
CA VAL B 678 -5.30 -29.04 -3.76
C VAL B 678 -4.31 -28.73 -4.85
N GLY B 679 -4.43 -29.46 -5.95
CA GLY B 679 -3.58 -29.28 -7.12
C GLY B 679 -4.41 -29.56 -8.37
N THR B 680 -3.92 -30.47 -9.20
CA THR B 680 -4.68 -30.85 -10.37
C THR B 680 -6.08 -31.20 -9.93
N GLY B 681 -6.18 -32.16 -9.01
CA GLY B 681 -7.47 -32.50 -8.40
C GLY B 681 -7.50 -32.10 -6.93
N SER B 682 -8.67 -32.17 -6.29
CA SER B 682 -8.79 -31.86 -4.87
C SER B 682 -9.34 -33.07 -4.12
N ASN B 683 -8.74 -33.41 -2.99
CA ASN B 683 -9.15 -34.60 -2.25
C ASN B 683 -8.57 -34.66 -0.85
N ALA B 684 -9.25 -35.32 0.07
CA ALA B 684 -8.82 -35.32 1.47
C ALA B 684 -8.96 -36.68 2.18
N CYS B 685 -8.00 -37.01 3.04
CA CYS B 685 -8.08 -38.23 3.82
C CYS B 685 -7.90 -37.93 5.30
N TYR B 686 -8.18 -38.91 6.15
CA TYR B 686 -8.05 -38.72 7.60
C TYR B 686 -8.17 -40.03 8.36
N MET B 687 -7.84 -39.98 9.65
CA MET B 687 -7.94 -41.16 10.50
C MET B 687 -9.37 -41.34 10.99
N GLU B 688 -9.88 -42.55 10.89
CA GLU B 688 -11.22 -42.84 11.36
C GLU B 688 -11.23 -44.04 12.29
N GLU B 689 -12.14 -44.02 13.26
CA GLU B 689 -12.29 -45.12 14.19
C GLU B 689 -13.00 -46.28 13.51
N MET B 690 -12.32 -47.42 13.47
CA MET B 690 -12.81 -48.61 12.76
C MET B 690 -14.28 -48.91 12.99
N LYS B 691 -14.81 -48.54 14.14
CA LYS B 691 -16.21 -48.77 14.45
C LYS B 691 -17.09 -48.08 13.42
N ASN B 692 -16.59 -46.99 12.85
CA ASN B 692 -17.34 -46.20 11.88
C ASN B 692 -17.14 -46.66 10.44
N VAL B 693 -16.02 -47.32 10.18
CA VAL B 693 -15.70 -47.82 8.83
C VAL B 693 -16.44 -49.11 8.50
N GLU B 694 -17.77 -49.07 8.62
CA GLU B 694 -18.62 -50.25 8.41
C GLU B 694 -18.19 -51.14 7.25
N MET B 695 -17.55 -50.57 6.24
CA MET B 695 -17.24 -51.34 5.04
C MET B 695 -16.01 -52.23 5.20
N VAL B 696 -15.40 -52.19 6.37
CA VAL B 696 -14.32 -53.11 6.67
C VAL B 696 -14.49 -53.71 8.05
N GLU B 697 -14.27 -55.01 8.17
CA GLU B 697 -14.50 -55.72 9.42
C GLU B 697 -13.60 -55.24 10.55
N GLY B 698 -14.14 -55.27 11.76
CA GLY B 698 -13.38 -54.84 12.93
C GLY B 698 -13.98 -53.60 13.55
N ASP B 699 -13.60 -53.34 14.80
CA ASP B 699 -13.99 -52.12 15.48
C ASP B 699 -12.87 -51.79 16.47
N GLN B 700 -11.70 -52.38 16.19
CA GLN B 700 -10.51 -52.19 16.99
C GLN B 700 -9.53 -51.31 16.26
N GLY B 701 -9.20 -50.17 16.85
CA GLY B 701 -8.22 -49.28 16.26
C GLY B 701 -8.81 -48.36 15.20
N GLN B 702 -7.93 -47.65 14.51
CA GLN B 702 -8.37 -46.67 13.52
C GLN B 702 -8.10 -47.14 12.10
N MET B 703 -8.22 -46.22 11.16
CA MET B 703 -8.08 -46.54 9.75
C MET B 703 -8.06 -45.25 8.96
N CYS B 704 -7.15 -45.14 8.00
CA CYS B 704 -7.11 -43.95 7.17
C CYS B 704 -8.08 -44.07 6.00
N ILE B 705 -8.88 -43.02 5.81
CA ILE B 705 -9.93 -43.02 4.80
C ILE B 705 -9.63 -42.06 3.65
N ASN B 706 -9.53 -42.61 2.44
CA ASN B 706 -9.41 -41.79 1.25
C ASN B 706 -10.78 -41.31 0.78
N MET B 707 -11.18 -40.13 1.24
CA MET B 707 -12.54 -39.64 1.01
C MET B 707 -12.98 -39.61 -0.44
N GLU B 708 -12.09 -39.21 -1.35
CA GLU B 708 -12.49 -38.97 -2.72
C GLU B 708 -13.61 -37.95 -2.71
N TRP B 709 -13.41 -36.84 -2.01
CA TRP B 709 -14.48 -35.87 -1.86
C TRP B 709 -14.74 -35.08 -3.14
N GLY B 710 -13.92 -35.32 -4.15
CA GLY B 710 -14.15 -34.69 -5.44
C GLY B 710 -15.57 -34.95 -5.90
N ALA B 711 -15.98 -36.21 -5.79
CA ALA B 711 -17.30 -36.65 -6.23
C ALA B 711 -18.43 -35.97 -5.44
N PHE B 712 -18.07 -35.26 -4.38
CA PHE B 712 -19.06 -34.57 -3.57
C PHE B 712 -19.93 -33.74 -4.50
N GLY B 713 -21.24 -33.95 -4.42
CA GLY B 713 -22.18 -33.23 -5.26
C GLY B 713 -22.49 -33.92 -6.57
N ASP B 714 -21.89 -35.09 -6.80
CA ASP B 714 -22.19 -35.86 -8.00
C ASP B 714 -23.62 -36.42 -7.99
N ASN B 715 -24.36 -36.10 -6.94
CA ASN B 715 -25.75 -36.53 -6.80
C ASN B 715 -26.66 -35.31 -6.77
N GLY B 716 -26.07 -34.13 -6.95
CA GLY B 716 -26.82 -32.89 -7.00
C GLY B 716 -26.89 -32.14 -5.69
N CYS B 717 -26.40 -32.73 -4.61
CA CYS B 717 -26.44 -32.06 -3.31
C CYS B 717 -25.78 -30.67 -3.34
N LEU B 718 -25.23 -30.30 -4.50
CA LEU B 718 -24.55 -29.02 -4.65
C LEU B 718 -25.13 -28.19 -5.78
N ASP B 719 -26.09 -28.77 -6.51
CA ASP B 719 -26.75 -28.09 -7.62
C ASP B 719 -27.30 -26.77 -7.12
N ASP B 720 -27.31 -26.63 -5.80
CA ASP B 720 -27.79 -25.42 -5.17
C ASP B 720 -26.89 -24.24 -5.52
N ILE B 721 -25.58 -24.42 -5.36
CA ILE B 721 -24.64 -23.32 -5.54
C ILE B 721 -23.83 -23.43 -6.84
N ARG B 722 -24.24 -24.32 -7.74
CA ARG B 722 -23.53 -24.50 -9.01
C ARG B 722 -24.07 -23.58 -10.10
N THR B 723 -23.16 -23.01 -10.89
CA THR B 723 -23.52 -22.00 -11.87
C THR B 723 -23.49 -22.47 -13.32
N HIS B 724 -24.10 -21.67 -14.19
CA HIS B 724 -24.12 -21.93 -15.62
C HIS B 724 -22.72 -22.18 -16.14
N TYR B 725 -21.74 -21.64 -15.42
CA TYR B 725 -20.36 -21.78 -15.83
C TYR B 725 -19.81 -23.10 -15.35
N ASP B 726 -20.09 -23.44 -14.09
CA ASP B 726 -19.65 -24.73 -13.58
C ASP B 726 -20.17 -25.83 -14.47
N ARG B 727 -21.47 -25.74 -14.76
CA ARG B 727 -22.12 -26.73 -15.60
C ARG B 727 -21.43 -26.91 -16.94
N LEU B 728 -21.19 -25.79 -17.63
CA LEU B 728 -20.51 -25.85 -18.90
C LEU B 728 -19.19 -26.59 -18.74
N VAL B 729 -18.40 -26.16 -17.78
CA VAL B 729 -17.09 -26.78 -17.56
C VAL B 729 -17.23 -28.28 -17.31
N ASP B 730 -18.18 -28.64 -16.46
CA ASP B 730 -18.44 -30.03 -16.17
C ASP B 730 -18.79 -30.76 -17.47
N GLU B 731 -19.65 -30.15 -18.26
CA GLU B 731 -20.17 -30.79 -19.46
C GLU B 731 -19.08 -31.10 -20.49
N TYR B 732 -18.14 -30.19 -20.65
CA TYR B 732 -17.12 -30.38 -21.66
C TYR B 732 -15.92 -31.14 -21.11
N SER B 733 -16.08 -31.69 -19.91
CA SER B 733 -14.99 -32.42 -19.27
C SER B 733 -14.99 -33.86 -19.72
N LEU B 734 -13.89 -34.56 -19.48
CA LEU B 734 -13.79 -35.97 -19.83
C LEU B 734 -14.71 -36.82 -18.96
N ASN B 735 -14.97 -36.35 -17.75
CA ASN B 735 -15.76 -37.11 -16.80
C ASN B 735 -17.09 -36.40 -16.51
N ALA B 736 -17.80 -36.07 -17.58
CA ALA B 736 -19.06 -35.33 -17.47
C ALA B 736 -19.90 -35.80 -16.28
N GLY B 737 -20.28 -34.86 -15.41
CA GLY B 737 -21.17 -35.16 -14.29
C GLY B 737 -20.50 -35.77 -13.07
N LYS B 738 -19.18 -35.93 -13.11
CA LYS B 738 -18.45 -36.53 -11.99
C LYS B 738 -17.37 -35.60 -11.42
N GLN B 739 -17.08 -35.75 -10.14
CA GLN B 739 -16.13 -34.88 -9.42
C GLN B 739 -16.60 -33.44 -9.41
N ARG B 740 -17.90 -33.21 -9.24
CA ARG B 740 -18.45 -31.87 -9.29
C ARG B 740 -17.71 -30.91 -8.36
N TYR B 741 -17.61 -31.31 -7.10
CA TYR B 741 -16.92 -30.53 -6.10
C TYR B 741 -15.56 -30.15 -6.66
N GLU B 742 -14.71 -31.16 -6.84
CA GLU B 742 -13.37 -30.95 -7.36
C GLU B 742 -13.34 -29.87 -8.43
N LYS B 743 -14.20 -30.01 -9.44
CA LYS B 743 -14.20 -29.09 -10.58
C LYS B 743 -14.48 -27.65 -10.18
N MET B 744 -14.80 -27.42 -8.91
CA MET B 744 -15.02 -26.07 -8.41
C MET B 744 -13.83 -25.59 -7.58
N ILE B 745 -12.79 -26.42 -7.49
CA ILE B 745 -11.62 -26.16 -6.64
C ILE B 745 -10.29 -26.24 -7.39
N SER B 746 -9.96 -27.44 -7.87
CA SER B 746 -8.62 -27.72 -8.41
C SER B 746 -8.22 -26.91 -9.65
N GLY B 747 -6.91 -26.83 -9.85
CA GLY B 747 -6.31 -26.01 -10.90
C GLY B 747 -6.68 -26.49 -12.28
N MET B 748 -6.83 -27.80 -12.42
CA MET B 748 -7.18 -28.34 -13.70
C MET B 748 -8.55 -27.83 -14.16
N TYR B 749 -9.26 -27.13 -13.28
CA TYR B 749 -10.58 -26.63 -13.63
C TYR B 749 -10.80 -25.14 -13.45
N LEU B 750 -10.35 -24.59 -12.33
CA LEU B 750 -10.65 -23.20 -12.03
C LEU B 750 -10.42 -22.31 -13.23
N GLY B 751 -9.27 -22.46 -13.88
CA GLY B 751 -8.97 -21.64 -15.05
C GLY B 751 -10.14 -21.66 -16.01
N GLU B 752 -10.60 -22.86 -16.31
CA GLU B 752 -11.71 -23.06 -17.24
C GLU B 752 -12.97 -22.33 -16.80
N ILE B 753 -13.30 -22.46 -15.53
CA ILE B 753 -14.46 -21.78 -14.98
C ILE B 753 -14.41 -20.33 -15.41
N VAL B 754 -13.26 -19.70 -15.20
CA VAL B 754 -13.03 -18.31 -15.54
C VAL B 754 -13.15 -18.07 -17.04
N ARG B 755 -12.41 -18.86 -17.80
CA ARG B 755 -12.46 -18.75 -19.23
C ARG B 755 -13.90 -18.61 -19.67
N ASN B 756 -14.74 -19.54 -19.26
CA ASN B 756 -16.13 -19.54 -19.69
C ASN B 756 -16.90 -18.28 -19.28
N ILE B 757 -16.57 -17.73 -18.12
CA ILE B 757 -17.20 -16.50 -17.69
C ILE B 757 -16.82 -15.41 -18.66
N LEU B 758 -15.52 -15.28 -18.90
CA LEU B 758 -14.99 -14.30 -19.83
C LEU B 758 -15.72 -14.36 -21.18
N ILE B 759 -15.63 -15.52 -21.82
CA ILE B 759 -16.34 -15.74 -23.08
C ILE B 759 -17.70 -15.06 -23.00
N ASP B 760 -18.49 -15.48 -22.03
CA ASP B 760 -19.80 -14.90 -21.80
C ASP B 760 -19.72 -13.38 -21.74
N PHE B 761 -19.03 -12.88 -20.71
CA PHE B 761 -18.83 -11.45 -20.53
C PHE B 761 -18.46 -10.78 -21.85
N THR B 762 -17.81 -11.53 -22.73
CA THR B 762 -17.34 -10.99 -24.00
C THR B 762 -18.48 -10.76 -25.00
N LYS B 763 -19.25 -11.80 -25.30
CA LYS B 763 -20.41 -11.65 -26.16
C LYS B 763 -21.33 -10.59 -25.58
N LYS B 764 -21.41 -10.53 -24.25
CA LYS B 764 -22.26 -9.56 -23.60
C LYS B 764 -21.77 -8.16 -23.92
N GLY B 765 -20.54 -8.07 -24.42
CA GLY B 765 -19.96 -6.81 -24.85
C GLY B 765 -19.06 -6.15 -23.82
N PHE B 766 -18.70 -6.90 -22.77
CA PHE B 766 -17.94 -6.34 -21.64
C PHE B 766 -16.42 -6.43 -21.76
N LEU B 767 -15.94 -7.26 -22.67
CA LEU B 767 -14.50 -7.45 -22.83
C LEU B 767 -14.09 -7.47 -24.30
N PHE B 768 -12.89 -6.98 -24.55
CA PHE B 768 -12.27 -7.12 -25.87
C PHE B 768 -13.19 -6.64 -26.97
N ARG B 769 -13.94 -5.58 -26.68
CA ARG B 769 -14.78 -4.98 -27.70
C ARG B 769 -15.58 -6.06 -28.42
N GLY B 770 -16.06 -7.05 -27.67
CA GLY B 770 -16.96 -8.09 -28.18
C GLY B 770 -16.32 -9.13 -29.09
N GLN B 771 -14.99 -9.11 -29.14
CA GLN B 771 -14.25 -10.01 -30.01
C GLN B 771 -13.83 -11.24 -29.21
N ILE B 772 -14.37 -12.41 -29.55
CA ILE B 772 -13.94 -13.63 -28.87
C ILE B 772 -12.64 -14.10 -29.48
N SER B 773 -11.52 -13.78 -28.82
CA SER B 773 -10.26 -14.20 -29.36
C SER B 773 -10.34 -15.67 -29.75
N GLU B 774 -9.60 -16.02 -30.79
CA GLU B 774 -9.43 -17.41 -31.13
C GLU B 774 -8.84 -18.08 -29.90
N THR B 775 -7.87 -17.40 -29.31
CA THR B 775 -7.15 -17.92 -28.16
C THR B 775 -8.13 -18.21 -27.04
N LEU B 776 -8.90 -17.18 -26.66
CA LEU B 776 -9.89 -17.29 -25.59
C LEU B 776 -10.77 -18.54 -25.75
N LYS B 777 -10.91 -19.00 -26.99
CA LYS B 777 -11.62 -20.24 -27.25
C LYS B 777 -10.75 -21.46 -26.98
N THR B 778 -9.54 -21.24 -26.48
CA THR B 778 -8.65 -22.35 -26.15
C THR B 778 -8.77 -22.74 -24.68
N ARG B 779 -8.88 -24.03 -24.42
CA ARG B 779 -8.98 -24.53 -23.07
C ARG B 779 -7.62 -24.93 -22.54
N GLY B 780 -7.28 -24.44 -21.35
CA GLY B 780 -5.96 -24.66 -20.76
C GLY B 780 -5.28 -23.32 -20.52
N ILE B 781 -5.69 -22.32 -21.29
CA ILE B 781 -5.21 -20.95 -21.15
C ILE B 781 -4.86 -20.60 -19.71
N PHE B 782 -5.88 -20.57 -18.86
CA PHE B 782 -5.67 -20.10 -17.50
C PHE B 782 -5.23 -21.20 -16.57
N GLU B 783 -3.98 -21.63 -16.73
CA GLU B 783 -3.40 -22.64 -15.87
C GLU B 783 -3.24 -22.13 -14.46
N THR B 784 -2.92 -23.04 -13.54
CA THR B 784 -2.64 -22.67 -12.17
C THR B 784 -1.56 -21.61 -12.16
N LYS B 785 -0.41 -21.96 -12.73
CA LYS B 785 0.72 -21.05 -12.80
C LYS B 785 0.26 -19.61 -13.08
N PHE B 786 -0.32 -19.41 -14.26
CA PHE B 786 -0.74 -18.07 -14.68
C PHE B 786 -1.79 -17.47 -13.75
N LEU B 787 -2.76 -18.28 -13.36
CA LEU B 787 -3.85 -17.83 -12.51
C LEU B 787 -3.34 -17.24 -11.19
N SER B 788 -2.20 -17.73 -10.72
CA SER B 788 -1.58 -17.26 -9.47
C SER B 788 -0.82 -15.95 -9.66
N GLN B 789 -0.26 -15.75 -10.84
CA GLN B 789 0.47 -14.52 -11.15
C GLN B 789 -0.48 -13.34 -11.19
N ILE B 790 -1.63 -13.51 -11.84
CA ILE B 790 -2.60 -12.43 -11.94
C ILE B 790 -2.96 -11.88 -10.57
N GLU B 791 -3.58 -12.72 -9.75
CA GLU B 791 -4.07 -12.30 -8.44
C GLU B 791 -2.99 -11.80 -7.51
N SER B 792 -1.74 -12.14 -7.80
CA SER B 792 -0.63 -11.67 -6.99
C SER B 792 -0.92 -10.26 -6.51
N ASP B 793 -0.71 -10.03 -5.22
CA ASP B 793 -1.02 -8.74 -4.60
C ASP B 793 -0.19 -7.58 -5.16
N ARG B 794 -0.66 -6.37 -4.88
CA ARG B 794 0.05 -5.15 -5.27
C ARG B 794 0.79 -5.31 -6.61
N LEU B 795 0.07 -5.83 -7.60
CA LEU B 795 0.58 -5.96 -8.94
C LEU B 795 0.03 -4.78 -9.74
N ALA B 796 0.74 -4.38 -10.79
CA ALA B 796 0.32 -3.21 -11.55
C ALA B 796 -0.47 -3.56 -12.81
N LEU B 797 -1.45 -2.72 -13.12
CA LEU B 797 -2.30 -2.92 -14.29
C LEU B 797 -1.51 -3.23 -15.54
N LEU B 798 -0.39 -2.55 -15.72
CA LEU B 798 0.43 -2.82 -16.89
C LEU B 798 0.96 -4.25 -16.78
N GLN B 799 1.37 -4.64 -15.58
CA GLN B 799 1.84 -6.00 -15.33
C GLN B 799 0.74 -7.02 -15.68
N VAL B 800 -0.45 -6.82 -15.12
CA VAL B 800 -1.58 -7.68 -15.39
C VAL B 800 -1.85 -7.76 -16.88
N ARG B 801 -1.95 -6.60 -17.53
CA ARG B 801 -2.21 -6.56 -18.96
C ARG B 801 -1.11 -7.30 -19.71
N ALA B 802 0.09 -7.30 -19.13
CA ALA B 802 1.22 -7.96 -19.74
C ALA B 802 1.04 -9.47 -19.71
N ILE B 803 0.84 -10.01 -18.51
CA ILE B 803 0.64 -11.45 -18.37
C ILE B 803 -0.39 -11.95 -19.38
N LEU B 804 -1.43 -11.15 -19.60
CA LEU B 804 -2.53 -11.49 -20.50
C LEU B 804 -2.15 -11.37 -21.97
N GLN B 805 -1.31 -10.40 -22.28
CA GLN B 805 -0.86 -10.25 -23.65
C GLN B 805 -0.03 -11.46 -24.04
N GLN B 806 0.67 -12.02 -23.06
CA GLN B 806 1.54 -13.17 -23.32
C GLN B 806 0.76 -14.46 -23.50
N LEU B 807 -0.54 -14.41 -23.24
CA LEU B 807 -1.41 -15.55 -23.47
C LEU B 807 -1.97 -15.49 -24.88
N GLY B 808 -2.04 -14.27 -25.41
CA GLY B 808 -2.62 -14.06 -26.72
C GLY B 808 -3.91 -13.28 -26.57
N LEU B 809 -4.01 -12.54 -25.48
CA LEU B 809 -5.23 -11.76 -25.20
C LEU B 809 -4.96 -10.27 -25.32
N ASN B 810 -5.41 -9.68 -26.43
CA ASN B 810 -5.29 -8.24 -26.64
C ASN B 810 -6.25 -7.47 -25.76
N SER B 811 -5.82 -7.20 -24.52
CA SER B 811 -6.69 -6.58 -23.53
C SER B 811 -6.13 -5.28 -23.00
N THR B 812 -7.03 -4.36 -22.63
CA THR B 812 -6.63 -3.08 -22.08
C THR B 812 -6.62 -3.16 -20.56
N CYS B 813 -6.33 -2.05 -19.91
CA CYS B 813 -6.37 -2.01 -18.45
C CYS B 813 -7.75 -2.37 -17.95
N ASP B 814 -8.75 -1.56 -18.32
CA ASP B 814 -10.12 -1.86 -17.97
C ASP B 814 -10.36 -3.36 -18.06
N ASP B 815 -10.07 -3.92 -19.22
CA ASP B 815 -10.16 -5.36 -19.42
C ASP B 815 -9.45 -6.10 -18.28
N SER B 816 -8.17 -5.79 -18.10
CA SER B 816 -7.36 -6.47 -17.10
C SER B 816 -8.00 -6.42 -15.72
N ILE B 817 -8.64 -5.29 -15.41
CA ILE B 817 -9.30 -5.12 -14.12
C ILE B 817 -10.40 -6.16 -13.96
N LEU B 818 -11.15 -6.37 -15.03
CA LEU B 818 -12.23 -7.34 -15.01
C LEU B 818 -11.70 -8.77 -14.85
N VAL B 819 -10.77 -9.16 -15.72
CA VAL B 819 -10.20 -10.51 -15.65
C VAL B 819 -9.66 -10.80 -14.26
N LYS B 820 -8.98 -9.81 -13.68
CA LYS B 820 -8.46 -9.97 -12.34
C LYS B 820 -9.63 -10.20 -11.40
N THR B 821 -10.60 -9.28 -11.45
CA THR B 821 -11.77 -9.39 -10.61
C THR B 821 -12.40 -10.77 -10.72
N VAL B 822 -12.49 -11.29 -11.95
CA VAL B 822 -13.10 -12.59 -12.16
C VAL B 822 -12.28 -13.70 -11.50
N CYS B 823 -11.00 -13.75 -11.82
CA CYS B 823 -10.13 -14.76 -11.23
C CYS B 823 -10.23 -14.74 -9.73
N GLY B 824 -10.36 -13.54 -9.18
CA GLY B 824 -10.45 -13.37 -7.74
C GLY B 824 -11.67 -14.07 -7.19
N VAL B 825 -12.80 -13.84 -7.84
CA VAL B 825 -14.05 -14.43 -7.39
C VAL B 825 -13.97 -15.96 -7.43
N VAL B 826 -13.51 -16.48 -8.56
CA VAL B 826 -13.50 -17.91 -8.77
C VAL B 826 -12.56 -18.61 -7.81
N SER B 827 -11.36 -18.08 -7.66
CA SER B 827 -10.39 -18.66 -6.74
C SER B 827 -10.86 -18.57 -5.28
N ARG B 828 -11.55 -17.48 -4.97
CA ARG B 828 -12.06 -17.28 -3.61
C ARG B 828 -13.09 -18.34 -3.25
N ARG B 829 -14.12 -18.46 -4.09
CA ARG B 829 -15.16 -19.44 -3.85
C ARG B 829 -14.53 -20.83 -3.72
N ALA B 830 -13.46 -21.05 -4.49
CA ALA B 830 -12.74 -22.30 -4.41
C ALA B 830 -12.18 -22.49 -3.01
N ALA B 831 -11.28 -21.60 -2.60
CA ALA B 831 -10.71 -21.71 -1.26
C ALA B 831 -11.79 -21.89 -0.20
N GLN B 832 -12.91 -21.19 -0.37
CA GLN B 832 -14.01 -21.24 0.61
C GLN B 832 -14.69 -22.60 0.63
N LEU B 833 -15.09 -23.09 -0.54
CA LEU B 833 -15.72 -24.40 -0.63
C LEU B 833 -14.79 -25.43 -0.02
N CYS B 834 -13.52 -25.39 -0.43
CA CYS B 834 -12.55 -26.33 0.08
C CYS B 834 -12.60 -26.29 1.60
N GLY B 835 -12.69 -25.09 2.14
CA GLY B 835 -12.73 -24.89 3.58
C GLY B 835 -13.88 -25.63 4.24
N ALA B 836 -15.08 -25.41 3.74
CA ALA B 836 -16.25 -26.07 4.31
C ALA B 836 -16.02 -27.57 4.36
N GLY B 837 -15.27 -28.08 3.38
CA GLY B 837 -14.94 -29.49 3.34
C GLY B 837 -14.09 -29.90 4.54
N MET B 838 -12.88 -29.35 4.60
CA MET B 838 -11.99 -29.63 5.72
C MET B 838 -12.71 -29.42 7.03
N ALA B 839 -13.51 -28.36 7.09
CA ALA B 839 -14.28 -28.00 8.28
C ALA B 839 -15.12 -29.17 8.77
N ALA B 840 -15.93 -29.72 7.87
CA ALA B 840 -16.75 -30.86 8.20
C ALA B 840 -15.91 -32.04 8.69
N VAL B 841 -14.77 -32.27 8.06
CA VAL B 841 -13.91 -33.37 8.46
C VAL B 841 -13.43 -33.23 9.90
N VAL B 842 -12.64 -32.19 10.17
CA VAL B 842 -12.12 -32.00 11.52
C VAL B 842 -13.23 -31.97 12.58
N ASP B 843 -14.34 -31.29 12.28
CA ASP B 843 -15.40 -31.20 13.25
C ASP B 843 -16.02 -32.57 13.53
N LYS B 844 -16.06 -33.43 12.54
CA LYS B 844 -16.55 -34.79 12.78
C LYS B 844 -15.60 -35.48 13.74
N ILE B 845 -14.32 -35.48 13.38
CA ILE B 845 -13.30 -36.06 14.25
C ILE B 845 -13.46 -35.59 15.69
N ARG B 846 -13.54 -34.28 15.88
CA ARG B 846 -13.73 -33.74 17.23
C ARG B 846 -14.93 -34.39 17.93
N GLU B 847 -16.08 -34.41 17.24
CA GLU B 847 -17.28 -35.01 17.81
C GLU B 847 -17.15 -36.51 18.03
N ASN B 848 -16.55 -37.20 17.05
CA ASN B 848 -16.28 -38.63 17.18
C ASN B 848 -15.57 -38.92 18.49
N ARG B 849 -14.53 -38.14 18.77
CA ARG B 849 -13.73 -38.33 19.96
C ARG B 849 -14.32 -37.60 21.16
N GLY B 850 -15.50 -37.03 20.96
CA GLY B 850 -16.27 -36.40 22.05
C GLY B 850 -15.59 -35.23 22.74
N LEU B 851 -14.54 -34.68 22.13
CA LEU B 851 -13.89 -33.50 22.69
C LEU B 851 -14.76 -32.28 22.47
N ASP B 852 -14.49 -31.21 23.22
CA ASP B 852 -15.19 -29.93 23.04
C ASP B 852 -14.31 -28.99 22.22
N ARG B 853 -13.05 -29.37 22.09
CA ARG B 853 -12.09 -28.63 21.27
C ARG B 853 -11.00 -29.60 20.83
N LEU B 854 -10.55 -29.44 19.60
CA LEU B 854 -9.59 -30.38 19.01
C LEU B 854 -8.38 -29.70 18.40
N ASN B 855 -7.20 -30.28 18.63
CA ASN B 855 -5.98 -29.80 18.03
C ASN B 855 -5.43 -30.83 17.07
N VAL B 856 -5.55 -30.55 15.78
CA VAL B 856 -5.13 -31.46 14.73
C VAL B 856 -4.38 -30.69 13.66
N THR B 857 -3.30 -31.27 13.15
CA THR B 857 -2.61 -30.65 12.03
C THR B 857 -2.90 -31.40 10.73
N VAL B 858 -3.01 -30.64 9.63
CA VAL B 858 -3.31 -31.19 8.32
C VAL B 858 -2.12 -31.06 7.38
N GLY B 859 -1.63 -32.18 6.85
CA GLY B 859 -0.59 -32.13 5.82
C GLY B 859 -1.19 -31.71 4.50
N VAL B 860 -0.47 -30.91 3.72
CA VAL B 860 -1.03 -30.37 2.48
C VAL B 860 -0.07 -30.50 1.30
N ASP B 861 -0.61 -30.57 0.10
CA ASP B 861 0.22 -30.61 -1.10
C ASP B 861 -0.67 -30.31 -2.28
N GLY B 862 -0.05 -29.90 -3.40
CA GLY B 862 -0.81 -29.56 -4.59
C GLY B 862 -0.45 -28.17 -5.07
N THR B 863 -0.10 -28.07 -6.34
CA THR B 863 0.38 -26.81 -6.89
C THR B 863 -0.56 -25.63 -6.69
N LEU B 864 -1.84 -25.79 -7.02
CA LEU B 864 -2.76 -24.66 -6.86
C LEU B 864 -2.61 -24.04 -5.47
N TYR B 865 -2.41 -24.90 -4.48
CA TYR B 865 -2.29 -24.46 -3.10
C TYR B 865 -0.92 -23.79 -2.92
N LYS B 866 0.12 -24.45 -3.41
CA LYS B 866 1.47 -23.91 -3.30
C LYS B 866 1.63 -22.57 -4.00
N LEU B 867 1.00 -22.40 -5.16
CA LEU B 867 1.27 -21.21 -5.96
C LEU B 867 0.25 -20.08 -5.82
N HIS B 868 -0.93 -20.35 -5.28
CA HIS B 868 -1.90 -19.27 -5.23
C HIS B 868 -1.62 -18.27 -4.14
N PRO B 869 -1.75 -16.97 -4.45
CA PRO B 869 -1.52 -15.87 -3.52
C PRO B 869 -2.50 -15.88 -2.35
N HIS B 870 -3.76 -16.19 -2.61
CA HIS B 870 -4.76 -16.12 -1.54
C HIS B 870 -5.45 -17.43 -1.19
N PHE B 871 -5.29 -18.46 -1.99
CA PHE B 871 -6.06 -19.67 -1.73
C PHE B 871 -5.90 -20.15 -0.30
N SER B 872 -4.68 -20.52 0.05
CA SER B 872 -4.43 -21.05 1.38
C SER B 872 -4.97 -20.14 2.46
N ARG B 873 -4.72 -18.85 2.33
CA ARG B 873 -5.16 -17.92 3.35
C ARG B 873 -6.68 -17.90 3.41
N ILE B 874 -7.31 -17.59 2.29
CA ILE B 874 -8.77 -17.51 2.24
C ILE B 874 -9.40 -18.75 2.85
N MET B 875 -8.78 -19.90 2.60
CA MET B 875 -9.33 -21.18 3.02
C MET B 875 -9.14 -21.43 4.52
N HIS B 876 -7.91 -21.25 5.00
CA HIS B 876 -7.61 -21.44 6.41
C HIS B 876 -8.58 -20.63 7.27
N GLN B 877 -8.72 -19.36 6.90
CA GLN B 877 -9.64 -18.46 7.55
C GLN B 877 -11.05 -19.04 7.58
N THR B 878 -11.38 -19.81 6.54
CA THR B 878 -12.71 -20.38 6.41
C THR B 878 -12.88 -21.52 7.40
N VAL B 879 -11.93 -22.45 7.40
CA VAL B 879 -11.94 -23.57 8.34
C VAL B 879 -12.06 -23.04 9.77
N LYS B 880 -11.27 -22.03 10.08
CA LYS B 880 -11.24 -21.44 11.42
C LYS B 880 -12.57 -20.81 11.78
N GLU B 881 -13.34 -20.39 10.78
CA GLU B 881 -14.57 -19.67 11.02
C GLU B 881 -15.79 -20.58 11.10
N LEU B 882 -15.71 -21.74 10.45
CA LEU B 882 -16.81 -22.69 10.41
C LEU B 882 -16.73 -23.67 11.57
N SER B 883 -15.53 -24.12 11.87
CA SER B 883 -15.30 -25.05 12.96
C SER B 883 -14.49 -24.38 14.06
N PRO B 884 -15.11 -23.41 14.74
CA PRO B 884 -14.42 -22.66 15.80
C PRO B 884 -13.95 -23.59 16.91
N LYS B 885 -14.69 -24.65 17.18
CA LYS B 885 -14.31 -25.62 18.21
C LYS B 885 -13.12 -26.47 17.77
N CYS B 886 -12.66 -26.24 16.54
CA CYS B 886 -11.45 -26.92 16.07
C CYS B 886 -10.35 -25.90 15.83
N ASN B 887 -9.13 -26.32 16.16
CA ASN B 887 -7.95 -25.51 15.91
C ASN B 887 -7.03 -26.28 14.98
N VAL B 888 -7.06 -25.91 13.70
CA VAL B 888 -6.38 -26.69 12.67
C VAL B 888 -5.06 -26.08 12.21
N SER B 889 -4.03 -26.91 12.11
CA SER B 889 -2.74 -26.48 11.57
C SER B 889 -2.59 -26.97 10.14
N PHE B 890 -1.77 -26.27 9.36
CA PHE B 890 -1.58 -26.65 7.97
C PHE B 890 -0.11 -26.75 7.57
N LEU B 891 0.46 -27.92 7.79
CA LEU B 891 1.85 -28.16 7.43
C LEU B 891 1.95 -28.50 5.94
N LEU B 892 2.72 -27.69 5.21
CA LEU B 892 2.87 -27.88 3.78
C LEU B 892 3.96 -28.90 3.49
N SER B 893 3.60 -29.90 2.70
CA SER B 893 4.55 -30.91 2.33
C SER B 893 5.47 -30.38 1.25
N GLU B 894 6.77 -30.60 1.40
CA GLU B 894 7.74 -30.09 0.44
C GLU B 894 8.49 -31.20 -0.26
N ASP B 895 8.32 -32.43 0.20
CA ASP B 895 9.07 -33.57 -0.36
C ASP B 895 8.22 -34.47 -1.24
N GLY B 896 6.90 -34.24 -1.26
CA GLY B 896 5.99 -35.05 -2.06
C GLY B 896 5.50 -36.26 -1.29
N SER B 897 4.74 -37.12 -1.96
CA SER B 897 4.17 -38.29 -1.31
C SER B 897 5.22 -39.36 -1.02
N GLY B 898 6.25 -39.41 -1.86
CA GLY B 898 7.30 -40.40 -1.72
C GLY B 898 7.56 -40.84 -0.29
N LYS B 899 7.93 -39.90 0.57
CA LYS B 899 8.27 -40.23 1.94
C LYS B 899 7.12 -40.96 2.63
N GLY B 900 5.96 -40.31 2.66
CA GLY B 900 4.78 -40.89 3.28
C GLY B 900 4.48 -42.26 2.69
N ALA B 901 4.72 -42.38 1.39
CA ALA B 901 4.52 -43.61 0.63
C ALA B 901 5.42 -44.75 1.14
N ALA B 902 6.70 -44.44 1.30
CA ALA B 902 7.67 -45.42 1.78
C ALA B 902 7.39 -45.81 3.23
N LEU B 903 6.79 -44.91 3.99
CA LEU B 903 6.46 -45.18 5.39
C LEU B 903 5.28 -46.15 5.52
N ILE B 904 4.43 -46.16 4.50
CA ILE B 904 3.32 -47.09 4.45
C ILE B 904 3.85 -48.44 3.98
N THR B 905 4.76 -48.37 3.01
CA THR B 905 5.42 -49.55 2.46
C THR B 905 6.09 -50.38 3.55
N ALA B 906 6.87 -49.70 4.38
CA ALA B 906 7.59 -50.35 5.47
C ALA B 906 6.64 -51.09 6.40
N VAL B 907 5.67 -50.35 6.95
CA VAL B 907 4.67 -50.97 7.81
C VAL B 907 4.01 -52.13 7.08
N GLY B 908 4.07 -52.11 5.76
CA GLY B 908 3.53 -53.19 4.95
C GLY B 908 4.41 -54.43 5.01
N VAL B 909 5.68 -54.27 4.60
CA VAL B 909 6.65 -55.35 4.66
C VAL B 909 6.73 -55.92 6.06
N ARG B 910 6.59 -55.05 7.05
CA ARG B 910 6.66 -55.47 8.46
C ARG B 910 5.46 -56.34 8.83
N LEU B 911 4.26 -55.76 8.81
CA LEU B 911 3.05 -56.49 9.17
C LEU B 911 3.00 -57.85 8.47
N ARG B 912 3.54 -57.91 7.26
CA ARG B 912 3.60 -59.15 6.50
C ARG B 912 4.44 -60.18 7.24
N THR B 913 5.71 -59.85 7.45
CA THR B 913 6.61 -60.71 8.19
C THR B 913 6.08 -60.96 9.60
N GLU B 914 5.67 -59.89 10.28
CA GLU B 914 5.14 -59.99 11.63
C GLU B 914 3.65 -60.32 11.66
#